data_2GGV
# 
_entry.id   2GGV 
# 
_audit_conform.dict_name       mmcif_pdbx.dic 
_audit_conform.dict_version    5.387 
_audit_conform.dict_location   http://mmcif.pdb.org/dictionaries/ascii/mmcif_pdbx.dic 
# 
loop_
_database_2.database_id 
_database_2.database_code 
_database_2.pdbx_database_accession 
_database_2.pdbx_DOI 
PDB   2GGV         pdb_00002ggv 10.2210/pdb2ggv/pdb 
RCSB  RCSB037101   ?            ?                   
WWPDB D_1000037101 ?            ?                   
# 
loop_
_pdbx_audit_revision_history.ordinal 
_pdbx_audit_revision_history.data_content_type 
_pdbx_audit_revision_history.major_revision 
_pdbx_audit_revision_history.minor_revision 
_pdbx_audit_revision_history.revision_date 
1 'Structure model' 1 0 2007-03-27 
2 'Structure model' 1 1 2008-05-01 
3 'Structure model' 1 2 2011-07-13 
4 'Structure model' 1 3 2021-10-20 
5 'Structure model' 1 4 2024-02-14 
# 
_pdbx_audit_revision_details.ordinal             1 
_pdbx_audit_revision_details.revision_ordinal    1 
_pdbx_audit_revision_details.data_content_type   'Structure model' 
_pdbx_audit_revision_details.provider            repository 
_pdbx_audit_revision_details.type                'Initial release' 
_pdbx_audit_revision_details.description         ? 
_pdbx_audit_revision_details.details             ? 
# 
loop_
_pdbx_audit_revision_group.ordinal 
_pdbx_audit_revision_group.revision_ordinal 
_pdbx_audit_revision_group.data_content_type 
_pdbx_audit_revision_group.group 
1 2 'Structure model' 'Version format compliance' 
2 3 'Structure model' 'Version format compliance' 
3 4 'Structure model' 'Database references'       
4 5 'Structure model' 'Data collection'           
# 
loop_
_pdbx_audit_revision_category.ordinal 
_pdbx_audit_revision_category.revision_ordinal 
_pdbx_audit_revision_category.data_content_type 
_pdbx_audit_revision_category.category 
1 4 'Structure model' database_2         
2 4 'Structure model' struct_ref_seq_dif 
3 5 'Structure model' chem_comp_atom     
4 5 'Structure model' chem_comp_bond     
# 
loop_
_pdbx_audit_revision_item.ordinal 
_pdbx_audit_revision_item.revision_ordinal 
_pdbx_audit_revision_item.data_content_type 
_pdbx_audit_revision_item.item 
1 4 'Structure model' '_database_2.pdbx_DOI'                
2 4 'Structure model' '_database_2.pdbx_database_accession' 
3 4 'Structure model' '_struct_ref_seq_dif.details'         
# 
_pdbx_database_status.entry_id                        2GGV 
_pdbx_database_status.deposit_site                    RCSB 
_pdbx_database_status.process_site                    RCSB 
_pdbx_database_status.recvd_initial_deposition_date   2006-03-24 
_pdbx_database_status.status_code                     REL 
_pdbx_database_status.status_code_sf                  REL 
_pdbx_database_status.status_code_mr                  ? 
_pdbx_database_status.SG_entry                        ? 
_pdbx_database_status.pdb_format_compatible           Y 
_pdbx_database_status.status_code_cs                  ? 
_pdbx_database_status.status_code_nmr_data            ? 
_pdbx_database_status.methods_development_category    ? 
# 
loop_
_audit_author.name 
_audit_author.pdbx_ordinal 
'Aleshin, A.E.'    1 
'Shiryaev, S.A.'   2 
'Strongin, A.Y.'   3 
'Liddington, R.C.' 4 
# 
_citation.id                        primary 
_citation.title                     
'Structural evidence for regulation and specificity of flaviviral proteases and evolution of the Flaviviridae fold.' 
_citation.journal_abbrev            'Protein Sci.' 
_citation.journal_volume            16 
_citation.page_first                795 
_citation.page_last                 806 
_citation.year                      2007 
_citation.journal_id_ASTM           PRCIEI 
_citation.country                   US 
_citation.journal_id_ISSN           0961-8368 
_citation.journal_id_CSD            0795 
_citation.book_publisher            ? 
_citation.pdbx_database_id_PubMed   17400917 
_citation.pdbx_database_id_DOI      10.1110/ps.072753207 
# 
loop_
_citation_author.citation_id 
_citation_author.name 
_citation_author.ordinal 
_citation_author.identifier_ORCID 
primary 'Aleshin, A.E.'    1 ? 
primary 'Shiryaev, S.A.'   2 ? 
primary 'Strongin, A.Y.'   3 ? 
primary 'Liddington, R.C.' 4 ? 
# 
loop_
_entity.id 
_entity.type 
_entity.src_method 
_entity.pdbx_description 
_entity.formula_weight 
_entity.pdbx_number_of_molecules 
_entity.pdbx_ec 
_entity.pdbx_mutation 
_entity.pdbx_fragment 
_entity.details 
1 polymer man 'non-structural protein 2B' 5981.351  1  ? ?    'NS2B cofactor'       ? 
2 polymer man 'non-structural protein 3'  20035.590 1  ? H51A 'NS3 protease domain' ? 
3 water   nat water                       18.015    90 ? ?    ?                     ? 
# 
loop_
_entity_name_com.entity_id 
_entity_name_com.name 
1 NS2B 
2 NS3  
# 
loop_
_entity_poly.entity_id 
_entity_poly.type 
_entity_poly.nstd_linkage 
_entity_poly.nstd_monomer 
_entity_poly.pdbx_seq_one_letter_code 
_entity_poly.pdbx_seq_one_letter_code_can 
_entity_poly.pdbx_strand_id 
_entity_poly.pdbx_target_identifier 
1 'polypeptide(L)' no no MSTDMWIERTADISWESDAEITGSSERVDVRLDDDGNFQLMNDPGAGGGGSGGGRR 
MSTDMWIERTADISWESDAEITGSSERVDVRLDDDGNFQLMNDPGAGGGGSGGGRR A ? 
2 'polypeptide(L)' no no 
;GVLWDTPSPKEYKKGDTTTGVYRIMTRGLLGSYQAGAGVMVEGVFHTLWATTKGAALMSGEGRLDPYWGSVKEDRLCYGG
PWQLQHKWNGQDEVQMIVVEPGRNVKNVQTKPGVFKTPEGEIGAVTLDFPTGTSGSPIVDKNGDVIGLYGNGVIMPNGSY
ISAIVQGERMDEPIPAGKGHHHHHH
;
;GVLWDTPSPKEYKKGDTTTGVYRIMTRGLLGSYQAGAGVMVEGVFHTLWATTKGAALMSGEGRLDPYWGSVKEDRLCYGG
PWQLQHKWNGQDEVQMIVVEPGRNVKNVQTKPGVFKTPEGEIGAVTLDFPTGTSGSPIVDKNGDVIGLYGNGVIMPNGSY
ISAIVQGERMDEPIPAGKGHHHHHH
;
B ? 
# 
_pdbx_entity_nonpoly.entity_id   3 
_pdbx_entity_nonpoly.name        water 
_pdbx_entity_nonpoly.comp_id     HOH 
# 
loop_
_entity_poly_seq.entity_id 
_entity_poly_seq.num 
_entity_poly_seq.mon_id 
_entity_poly_seq.hetero 
1 1   MET n 
1 2   SER n 
1 3   THR n 
1 4   ASP n 
1 5   MET n 
1 6   TRP n 
1 7   ILE n 
1 8   GLU n 
1 9   ARG n 
1 10  THR n 
1 11  ALA n 
1 12  ASP n 
1 13  ILE n 
1 14  SER n 
1 15  TRP n 
1 16  GLU n 
1 17  SER n 
1 18  ASP n 
1 19  ALA n 
1 20  GLU n 
1 21  ILE n 
1 22  THR n 
1 23  GLY n 
1 24  SER n 
1 25  SER n 
1 26  GLU n 
1 27  ARG n 
1 28  VAL n 
1 29  ASP n 
1 30  VAL n 
1 31  ARG n 
1 32  LEU n 
1 33  ASP n 
1 34  ASP n 
1 35  ASP n 
1 36  GLY n 
1 37  ASN n 
1 38  PHE n 
1 39  GLN n 
1 40  LEU n 
1 41  MET n 
1 42  ASN n 
1 43  ASP n 
1 44  PRO n 
1 45  GLY n 
1 46  ALA n 
1 47  GLY n 
1 48  GLY n 
1 49  GLY n 
1 50  GLY n 
1 51  SER n 
1 52  GLY n 
1 53  GLY n 
1 54  GLY n 
1 55  ARG n 
1 56  ARG n 
2 1   GLY n 
2 2   VAL n 
2 3   LEU n 
2 4   TRP n 
2 5   ASP n 
2 6   THR n 
2 7   PRO n 
2 8   SER n 
2 9   PRO n 
2 10  LYS n 
2 11  GLU n 
2 12  TYR n 
2 13  LYS n 
2 14  LYS n 
2 15  GLY n 
2 16  ASP n 
2 17  THR n 
2 18  THR n 
2 19  THR n 
2 20  GLY n 
2 21  VAL n 
2 22  TYR n 
2 23  ARG n 
2 24  ILE n 
2 25  MET n 
2 26  THR n 
2 27  ARG n 
2 28  GLY n 
2 29  LEU n 
2 30  LEU n 
2 31  GLY n 
2 32  SER n 
2 33  TYR n 
2 34  GLN n 
2 35  ALA n 
2 36  GLY n 
2 37  ALA n 
2 38  GLY n 
2 39  VAL n 
2 40  MET n 
2 41  VAL n 
2 42  GLU n 
2 43  GLY n 
2 44  VAL n 
2 45  PHE n 
2 46  HIS n 
2 47  THR n 
2 48  LEU n 
2 49  TRP n 
2 50  ALA n 
2 51  THR n 
2 52  THR n 
2 53  LYS n 
2 54  GLY n 
2 55  ALA n 
2 56  ALA n 
2 57  LEU n 
2 58  MET n 
2 59  SER n 
2 60  GLY n 
2 61  GLU n 
2 62  GLY n 
2 63  ARG n 
2 64  LEU n 
2 65  ASP n 
2 66  PRO n 
2 67  TYR n 
2 68  TRP n 
2 69  GLY n 
2 70  SER n 
2 71  VAL n 
2 72  LYS n 
2 73  GLU n 
2 74  ASP n 
2 75  ARG n 
2 76  LEU n 
2 77  CYS n 
2 78  TYR n 
2 79  GLY n 
2 80  GLY n 
2 81  PRO n 
2 82  TRP n 
2 83  GLN n 
2 84  LEU n 
2 85  GLN n 
2 86  HIS n 
2 87  LYS n 
2 88  TRP n 
2 89  ASN n 
2 90  GLY n 
2 91  GLN n 
2 92  ASP n 
2 93  GLU n 
2 94  VAL n 
2 95  GLN n 
2 96  MET n 
2 97  ILE n 
2 98  VAL n 
2 99  VAL n 
2 100 GLU n 
2 101 PRO n 
2 102 GLY n 
2 103 ARG n 
2 104 ASN n 
2 105 VAL n 
2 106 LYS n 
2 107 ASN n 
2 108 VAL n 
2 109 GLN n 
2 110 THR n 
2 111 LYS n 
2 112 PRO n 
2 113 GLY n 
2 114 VAL n 
2 115 PHE n 
2 116 LYS n 
2 117 THR n 
2 118 PRO n 
2 119 GLU n 
2 120 GLY n 
2 121 GLU n 
2 122 ILE n 
2 123 GLY n 
2 124 ALA n 
2 125 VAL n 
2 126 THR n 
2 127 LEU n 
2 128 ASP n 
2 129 PHE n 
2 130 PRO n 
2 131 THR n 
2 132 GLY n 
2 133 THR n 
2 134 SER n 
2 135 GLY n 
2 136 SER n 
2 137 PRO n 
2 138 ILE n 
2 139 VAL n 
2 140 ASP n 
2 141 LYS n 
2 142 ASN n 
2 143 GLY n 
2 144 ASP n 
2 145 VAL n 
2 146 ILE n 
2 147 GLY n 
2 148 LEU n 
2 149 TYR n 
2 150 GLY n 
2 151 ASN n 
2 152 GLY n 
2 153 VAL n 
2 154 ILE n 
2 155 MET n 
2 156 PRO n 
2 157 ASN n 
2 158 GLY n 
2 159 SER n 
2 160 TYR n 
2 161 ILE n 
2 162 SER n 
2 163 ALA n 
2 164 ILE n 
2 165 VAL n 
2 166 GLN n 
2 167 GLY n 
2 168 GLU n 
2 169 ARG n 
2 170 MET n 
2 171 ASP n 
2 172 GLU n 
2 173 PRO n 
2 174 ILE n 
2 175 PRO n 
2 176 ALA n 
2 177 GLY n 
2 178 LYS n 
2 179 GLY n 
2 180 HIS n 
2 181 HIS n 
2 182 HIS n 
2 183 HIS n 
2 184 HIS n 
2 185 HIS n 
# 
loop_
_entity_src_gen.entity_id 
_entity_src_gen.pdbx_src_id 
_entity_src_gen.pdbx_alt_source_flag 
_entity_src_gen.pdbx_seq_type 
_entity_src_gen.pdbx_beg_seq_num 
_entity_src_gen.pdbx_end_seq_num 
_entity_src_gen.gene_src_common_name 
_entity_src_gen.gene_src_genus 
_entity_src_gen.pdbx_gene_src_gene 
_entity_src_gen.gene_src_species 
_entity_src_gen.gene_src_strain 
_entity_src_gen.gene_src_tissue 
_entity_src_gen.gene_src_tissue_fraction 
_entity_src_gen.gene_src_details 
_entity_src_gen.pdbx_gene_src_fragment 
_entity_src_gen.pdbx_gene_src_scientific_name 
_entity_src_gen.pdbx_gene_src_ncbi_taxonomy_id 
_entity_src_gen.pdbx_gene_src_variant 
_entity_src_gen.pdbx_gene_src_cell_line 
_entity_src_gen.pdbx_gene_src_atcc 
_entity_src_gen.pdbx_gene_src_organ 
_entity_src_gen.pdbx_gene_src_organelle 
_entity_src_gen.pdbx_gene_src_cell 
_entity_src_gen.pdbx_gene_src_cellular_location 
_entity_src_gen.host_org_common_name 
_entity_src_gen.pdbx_host_org_scientific_name 
_entity_src_gen.pdbx_host_org_ncbi_taxonomy_id 
_entity_src_gen.host_org_genus 
_entity_src_gen.pdbx_host_org_gene 
_entity_src_gen.pdbx_host_org_organ 
_entity_src_gen.host_org_species 
_entity_src_gen.pdbx_host_org_tissue 
_entity_src_gen.pdbx_host_org_tissue_fraction 
_entity_src_gen.pdbx_host_org_strain 
_entity_src_gen.pdbx_host_org_variant 
_entity_src_gen.pdbx_host_org_cell_line 
_entity_src_gen.pdbx_host_org_atcc 
_entity_src_gen.pdbx_host_org_culture_collection 
_entity_src_gen.pdbx_host_org_cell 
_entity_src_gen.pdbx_host_org_organelle 
_entity_src_gen.pdbx_host_org_cellular_location 
_entity_src_gen.pdbx_host_org_vector_type 
_entity_src_gen.pdbx_host_org_vector 
_entity_src_gen.host_org_details 
_entity_src_gen.expression_system_id 
_entity_src_gen.plasmid_name 
_entity_src_gen.plasmid_details 
_entity_src_gen.pdbx_description 
1 1 sample ? ? ? ? Flavivirus ? ? ? ? ? ? ? 'West Nile virus' 11082 ? ? ? ? ? ? ? ? 'Escherichia coli' 562 Escherichia ? ? ? ? ? ? 
? ? ? ? ? ? ? plasmid ? ? ? Pet101/D-TOPO ? ? 
2 1 sample ? ? ? ? Flavivirus ? ? ? ? ? ? ? 'West Nile virus' 11082 ? ? ? ? ? ? ? ? 'Escherichia coli' 562 Escherichia ? ? ? ? ? ? 
? ? ? ? ? ? ? plasmid ? ? ? Pet101/D-TOPO ? ? 
# 
loop_
_chem_comp.id 
_chem_comp.type 
_chem_comp.mon_nstd_flag 
_chem_comp.name 
_chem_comp.pdbx_synonyms 
_chem_comp.formula 
_chem_comp.formula_weight 
ALA 'L-peptide linking' y ALANINE         ? 'C3 H7 N O2'     89.093  
ARG 'L-peptide linking' y ARGININE        ? 'C6 H15 N4 O2 1' 175.209 
ASN 'L-peptide linking' y ASPARAGINE      ? 'C4 H8 N2 O3'    132.118 
ASP 'L-peptide linking' y 'ASPARTIC ACID' ? 'C4 H7 N O4'     133.103 
CYS 'L-peptide linking' y CYSTEINE        ? 'C3 H7 N O2 S'   121.158 
GLN 'L-peptide linking' y GLUTAMINE       ? 'C5 H10 N2 O3'   146.144 
GLU 'L-peptide linking' y 'GLUTAMIC ACID' ? 'C5 H9 N O4'     147.129 
GLY 'peptide linking'   y GLYCINE         ? 'C2 H5 N O2'     75.067  
HIS 'L-peptide linking' y HISTIDINE       ? 'C6 H10 N3 O2 1' 156.162 
HOH non-polymer         . WATER           ? 'H2 O'           18.015  
ILE 'L-peptide linking' y ISOLEUCINE      ? 'C6 H13 N O2'    131.173 
LEU 'L-peptide linking' y LEUCINE         ? 'C6 H13 N O2'    131.173 
LYS 'L-peptide linking' y LYSINE          ? 'C6 H15 N2 O2 1' 147.195 
MET 'L-peptide linking' y METHIONINE      ? 'C5 H11 N O2 S'  149.211 
PHE 'L-peptide linking' y PHENYLALANINE   ? 'C9 H11 N O2'    165.189 
PRO 'L-peptide linking' y PROLINE         ? 'C5 H9 N O2'     115.130 
SER 'L-peptide linking' y SERINE          ? 'C3 H7 N O3'     105.093 
THR 'L-peptide linking' y THREONINE       ? 'C4 H9 N O3'     119.119 
TRP 'L-peptide linking' y TRYPTOPHAN      ? 'C11 H12 N2 O2'  204.225 
TYR 'L-peptide linking' y TYROSINE        ? 'C9 H11 N O3'    181.189 
VAL 'L-peptide linking' y VALINE          ? 'C5 H11 N O2'    117.146 
# 
loop_
_pdbx_poly_seq_scheme.asym_id 
_pdbx_poly_seq_scheme.entity_id 
_pdbx_poly_seq_scheme.seq_id 
_pdbx_poly_seq_scheme.mon_id 
_pdbx_poly_seq_scheme.ndb_seq_num 
_pdbx_poly_seq_scheme.pdb_seq_num 
_pdbx_poly_seq_scheme.auth_seq_num 
_pdbx_poly_seq_scheme.pdb_mon_id 
_pdbx_poly_seq_scheme.auth_mon_id 
_pdbx_poly_seq_scheme.pdb_strand_id 
_pdbx_poly_seq_scheme.pdb_ins_code 
_pdbx_poly_seq_scheme.hetero 
A 1 1   MET 1   48  ?   ?   ?   A . n 
A 1 2   SER 2   49  ?   ?   ?   A . n 
A 1 3   THR 3   50  50  THR THR A . n 
A 1 4   ASP 4   51  51  ASP ASP A . n 
A 1 5   MET 5   52  52  MET MET A . n 
A 1 6   TRP 6   53  53  TRP TRP A . n 
A 1 7   ILE 7   54  54  ILE ILE A . n 
A 1 8   GLU 8   55  55  GLU GLU A . n 
A 1 9   ARG 9   56  56  ARG ARG A . n 
A 1 10  THR 10  57  57  THR THR A . n 
A 1 11  ALA 11  58  58  ALA ALA A . n 
A 1 12  ASP 12  59  59  ASP ASP A . n 
A 1 13  ILE 13  60  60  ILE ILE A . n 
A 1 14  SER 14  61  61  SER SER A . n 
A 1 15  TRP 15  62  62  TRP TRP A . n 
A 1 16  GLU 16  63  63  GLU GLU A . n 
A 1 17  SER 17  64  64  SER SER A . n 
A 1 18  ASP 18  65  65  ASP ASP A . n 
A 1 19  ALA 19  66  66  ALA ALA A . n 
A 1 20  GLU 20  67  67  GLU GLU A . n 
A 1 21  ILE 21  68  68  ILE ILE A . n 
A 1 22  THR 22  69  69  THR THR A . n 
A 1 23  GLY 23  70  70  GLY GLY A . n 
A 1 24  SER 24  71  71  SER SER A . n 
A 1 25  SER 25  72  72  SER SER A . n 
A 1 26  GLU 26  73  73  GLU GLU A . n 
A 1 27  ARG 27  74  74  ARG ARG A . n 
A 1 28  VAL 28  75  75  VAL VAL A . n 
A 1 29  ASP 29  76  76  ASP ASP A . n 
A 1 30  VAL 30  77  77  VAL VAL A . n 
A 1 31  ARG 31  78  78  ARG ARG A . n 
A 1 32  LEU 32  79  79  LEU LEU A . n 
A 1 33  ASP 33  80  80  ASP ASP A . n 
A 1 34  ASP 34  81  81  ASP ASP A . n 
A 1 35  ASP 35  82  82  ASP ASP A . n 
A 1 36  GLY 36  83  83  GLY GLY A . n 
A 1 37  ASN 37  84  84  ASN ASN A . n 
A 1 38  PHE 38  85  85  PHE PHE A . n 
A 1 39  GLN 39  86  86  GLN GLN A . n 
A 1 40  LEU 40  87  87  LEU LEU A . n 
A 1 41  MET 41  88  88  MET MET A . n 
A 1 42  ASN 42  89  89  ASN ASN A . n 
A 1 43  ASP 43  90  90  ASP ASP A . n 
A 1 44  PRO 44  91  91  PRO PRO A . n 
A 1 45  GLY 45  92  92  GLY GLY A . n 
A 1 46  ALA 46  93  93  ALA ALA A . n 
A 1 47  GLY 47  94  ?   ?   ?   A . n 
A 1 48  GLY 48  95  ?   ?   ?   A . n 
A 1 49  GLY 49  96  ?   ?   ?   A . n 
A 1 50  GLY 50  97  ?   ?   ?   A . n 
A 1 51  SER 51  98  ?   ?   ?   A . n 
A 1 52  GLY 52  99  ?   ?   ?   A . n 
A 1 53  GLY 53  100 ?   ?   ?   A . n 
A 1 54  GLY 54  101 ?   ?   ?   A . n 
A 1 55  ARG 55  102 ?   ?   ?   A . n 
A 1 56  ARG 56  103 ?   ?   ?   A . n 
B 2 1   GLY 1   2   ?   ?   ?   B . n 
B 2 2   VAL 2   3   ?   ?   ?   B . n 
B 2 3   LEU 3   4   ?   ?   ?   B . n 
B 2 4   TRP 4   5   ?   ?   ?   B . n 
B 2 5   ASP 5   6   ?   ?   ?   B . n 
B 2 6   THR 6   7   ?   ?   ?   B . n 
B 2 7   PRO 7   8   ?   ?   ?   B . n 
B 2 8   SER 8   9   ?   ?   ?   B . n 
B 2 9   PRO 9   10  10  PRO PRO B . n 
B 2 10  LYS 10  11  11  LYS LYS B . n 
B 2 11  GLU 11  12  12  GLU GLU B . n 
B 2 12  TYR 12  13  13  TYR TYR B . n 
B 2 13  LYS 13  14  14  LYS LYS B . n 
B 2 14  LYS 14  15  15  LYS LYS B . n 
B 2 15  GLY 15  16  16  GLY GLY B . n 
B 2 16  ASP 16  17  17  ASP ASP B . n 
B 2 17  THR 17  18  18  THR THR B . n 
B 2 18  THR 18  19  19  THR THR B . n 
B 2 19  THR 19  20  20  THR THR B . n 
B 2 20  GLY 20  21  21  GLY GLY B . n 
B 2 21  VAL 21  22  22  VAL VAL B . n 
B 2 22  TYR 22  23  23  TYR TYR B . n 
B 2 23  ARG 23  24  24  ARG ARG B . n 
B 2 24  ILE 24  25  25  ILE ILE B . n 
B 2 25  MET 25  26  26  MET MET B . n 
B 2 26  THR 26  27  27  THR THR B . n 
B 2 27  ARG 27  28  28  ARG ARG B . n 
B 2 28  GLY 28  29  29  GLY GLY B . n 
B 2 29  LEU 29  30  30  LEU LEU B . n 
B 2 30  LEU 30  31  31  LEU LEU B . n 
B 2 31  GLY 31  32  32  GLY GLY B . n 
B 2 32  SER 32  33  33  SER SER B . n 
B 2 33  TYR 33  34  34  TYR TYR B . n 
B 2 34  GLN 34  35  35  GLN GLN B . n 
B 2 35  ALA 35  36  36  ALA ALA B . n 
B 2 36  GLY 36  37  37  GLY GLY B . n 
B 2 37  ALA 37  38  38  ALA ALA B . n 
B 2 38  GLY 38  39  39  GLY GLY B . n 
B 2 39  VAL 39  40  40  VAL VAL B . n 
B 2 40  MET 40  41  41  MET MET B . n 
B 2 41  VAL 41  42  42  VAL VAL B . n 
B 2 42  GLU 42  43  43  GLU GLU B . n 
B 2 43  GLY 43  44  44  GLY GLY B . n 
B 2 44  VAL 44  45  45  VAL VAL B . n 
B 2 45  PHE 45  46  46  PHE PHE B . n 
B 2 46  HIS 46  47  47  HIS HIS B . n 
B 2 47  THR 47  48  48  THR THR B . n 
B 2 48  LEU 48  49  49  LEU LEU B . n 
B 2 49  TRP 49  50  50  TRP TRP B . n 
B 2 50  ALA 50  51  51  ALA ALA B . n 
B 2 51  THR 51  52  52  THR THR B . n 
B 2 52  THR 52  53  53  THR THR B . n 
B 2 53  LYS 53  54  54  LYS LYS B . n 
B 2 54  GLY 54  55  55  GLY GLY B . n 
B 2 55  ALA 55  56  56  ALA ALA B . n 
B 2 56  ALA 56  57  57  ALA ALA B . n 
B 2 57  LEU 57  58  58  LEU LEU B . n 
B 2 58  MET 58  59  59  MET MET B . n 
B 2 59  SER 59  60  60  SER SER B . n 
B 2 60  GLY 60  61  61  GLY GLY B . n 
B 2 61  GLU 61  62  62  GLU GLU B . n 
B 2 62  GLY 62  63  63  GLY GLY B . n 
B 2 63  ARG 63  64  64  ARG ARG B . n 
B 2 64  LEU 64  65  65  LEU LEU B . n 
B 2 65  ASP 65  66  66  ASP ASP B . n 
B 2 66  PRO 66  67  67  PRO PRO B . n 
B 2 67  TYR 67  68  68  TYR TYR B . n 
B 2 68  TRP 68  69  69  TRP TRP B . n 
B 2 69  GLY 69  70  70  GLY GLY B . n 
B 2 70  SER 70  71  71  SER SER B . n 
B 2 71  VAL 71  72  72  VAL VAL B . n 
B 2 72  LYS 72  73  73  LYS LYS B . n 
B 2 73  GLU 73  74  74  GLU GLU B . n 
B 2 74  ASP 74  75  75  ASP ASP B . n 
B 2 75  ARG 75  76  76  ARG ARG B . n 
B 2 76  LEU 76  77  77  LEU LEU B . n 
B 2 77  CYS 77  78  78  CYS CYS B . n 
B 2 78  TYR 78  79  79  TYR TYR B . n 
B 2 79  GLY 79  80  80  GLY GLY B . n 
B 2 80  GLY 80  81  81  GLY GLY B . n 
B 2 81  PRO 81  82  82  PRO PRO B . n 
B 2 82  TRP 82  83  83  TRP TRP B . n 
B 2 83  GLN 83  84  84  GLN GLN B . n 
B 2 84  LEU 84  85  85  LEU LEU B . n 
B 2 85  GLN 85  86  86  GLN GLN B . n 
B 2 86  HIS 86  87  87  HIS HIS B . n 
B 2 87  LYS 87  88  88  LYS LYS B . n 
B 2 88  TRP 88  89  89  TRP TRP B . n 
B 2 89  ASN 89  90  90  ASN ASN B . n 
B 2 90  GLY 90  91  91  GLY GLY B . n 
B 2 91  GLN 91  92  92  GLN GLN B . n 
B 2 92  ASP 92  93  93  ASP ASP B . n 
B 2 93  GLU 93  94  94  GLU GLU B . n 
B 2 94  VAL 94  95  95  VAL VAL B . n 
B 2 95  GLN 95  96  96  GLN GLN B . n 
B 2 96  MET 96  97  97  MET MET B . n 
B 2 97  ILE 97  98  98  ILE ILE B . n 
B 2 98  VAL 98  99  99  VAL VAL B . n 
B 2 99  VAL 99  100 100 VAL VAL B . n 
B 2 100 GLU 100 101 101 GLU GLU B . n 
B 2 101 PRO 101 102 102 PRO PRO B . n 
B 2 102 GLY 102 103 103 GLY GLY B . n 
B 2 103 ARG 103 104 104 ARG ARG B . n 
B 2 104 ASN 104 105 105 ASN ASN B . n 
B 2 105 VAL 105 106 106 VAL VAL B . n 
B 2 106 LYS 106 107 107 LYS LYS B . n 
B 2 107 ASN 107 108 108 ASN ASN B . n 
B 2 108 VAL 108 109 109 VAL VAL B . n 
B 2 109 GLN 109 110 110 GLN GLN B . n 
B 2 110 THR 110 111 111 THR THR B . n 
B 2 111 LYS 111 112 112 LYS LYS B . n 
B 2 112 PRO 112 113 113 PRO PRO B . n 
B 2 113 GLY 113 114 114 GLY GLY B . n 
B 2 114 VAL 114 115 115 VAL VAL B . n 
B 2 115 PHE 115 116 116 PHE PHE B . n 
B 2 116 LYS 116 117 117 LYS LYS B . n 
B 2 117 THR 117 118 118 THR THR B . n 
B 2 118 PRO 118 119 119 PRO PRO B . n 
B 2 119 GLU 119 120 120 GLU GLU B . n 
B 2 120 GLY 120 121 121 GLY GLY B . n 
B 2 121 GLU 121 122 122 GLU GLU B . n 
B 2 122 ILE 122 123 123 ILE ILE B . n 
B 2 123 GLY 123 124 124 GLY GLY B . n 
B 2 124 ALA 124 125 125 ALA ALA B . n 
B 2 125 VAL 125 126 126 VAL VAL B . n 
B 2 126 THR 126 127 127 THR THR B . n 
B 2 127 LEU 127 128 128 LEU LEU B . n 
B 2 128 ASP 128 129 129 ASP ASP B . n 
B 2 129 PHE 129 130 130 PHE PHE B . n 
B 2 130 PRO 130 131 131 PRO PRO B . n 
B 2 131 THR 131 132 132 THR THR B . n 
B 2 132 GLY 132 133 133 GLY GLY B . n 
B 2 133 THR 133 134 134 THR THR B . n 
B 2 134 SER 134 135 135 SER SER B . n 
B 2 135 GLY 135 136 136 GLY GLY B . n 
B 2 136 SER 136 137 137 SER SER B . n 
B 2 137 PRO 137 138 138 PRO PRO B . n 
B 2 138 ILE 138 139 139 ILE ILE B . n 
B 2 139 VAL 139 140 140 VAL VAL B . n 
B 2 140 ASP 140 141 141 ASP ASP B . n 
B 2 141 LYS 141 142 142 LYS LYS B . n 
B 2 142 ASN 142 143 143 ASN ASN B . n 
B 2 143 GLY 143 144 144 GLY GLY B . n 
B 2 144 ASP 144 145 145 ASP ASP B . n 
B 2 145 VAL 145 146 146 VAL VAL B . n 
B 2 146 ILE 146 147 147 ILE ILE B . n 
B 2 147 GLY 147 148 148 GLY GLY B . n 
B 2 148 LEU 148 149 149 LEU LEU B . n 
B 2 149 TYR 149 150 150 TYR TYR B . n 
B 2 150 GLY 150 151 151 GLY GLY B . n 
B 2 151 ASN 151 152 152 ASN ASN B . n 
B 2 152 GLY 152 153 153 GLY GLY B . n 
B 2 153 VAL 153 154 154 VAL VAL B . n 
B 2 154 ILE 154 155 155 ILE ILE B . n 
B 2 155 MET 155 156 156 MET MET B . n 
B 2 156 PRO 156 157 157 PRO PRO B . n 
B 2 157 ASN 157 158 158 ASN ASN B . n 
B 2 158 GLY 158 159 159 GLY GLY B . n 
B 2 159 SER 159 160 160 SER SER B . n 
B 2 160 TYR 160 161 161 TYR TYR B . n 
B 2 161 ILE 161 162 162 ILE ILE B . n 
B 2 162 SER 162 163 163 SER SER B . n 
B 2 163 ALA 163 164 164 ALA ALA B . n 
B 2 164 ILE 164 165 165 ILE ILE B . n 
B 2 165 VAL 165 166 166 VAL VAL B . n 
B 2 166 GLN 166 167 167 GLN GLN B . n 
B 2 167 GLY 167 168 168 GLY GLY B . n 
B 2 168 GLU 168 169 169 GLU GLU B . n 
B 2 169 ARG 169 170 170 ARG ARG B . n 
B 2 170 MET 170 171 171 MET MET B . n 
B 2 171 ASP 171 172 172 ASP ASP B . n 
B 2 172 GLU 172 173 173 GLU GLU B . n 
B 2 173 PRO 173 174 174 PRO PRO B . n 
B 2 174 ILE 174 175 175 ILE ILE B . n 
B 2 175 PRO 175 176 176 PRO PRO B . n 
B 2 176 ALA 176 177 177 ALA ALA B . n 
B 2 177 GLY 177 178 178 GLY GLY B . n 
B 2 178 LYS 178 179 ?   ?   ?   B . n 
B 2 179 GLY 179 180 ?   ?   ?   B . n 
B 2 180 HIS 180 181 ?   ?   ?   B . n 
B 2 181 HIS 181 182 ?   ?   ?   B . n 
B 2 182 HIS 182 183 ?   ?   ?   B . n 
B 2 183 HIS 183 184 ?   ?   ?   B . n 
B 2 184 HIS 184 185 ?   ?   ?   B . n 
B 2 185 HIS 185 186 ?   ?   ?   B . n 
# 
loop_
_pdbx_nonpoly_scheme.asym_id 
_pdbx_nonpoly_scheme.entity_id 
_pdbx_nonpoly_scheme.mon_id 
_pdbx_nonpoly_scheme.ndb_seq_num 
_pdbx_nonpoly_scheme.pdb_seq_num 
_pdbx_nonpoly_scheme.auth_seq_num 
_pdbx_nonpoly_scheme.pdb_mon_id 
_pdbx_nonpoly_scheme.auth_mon_id 
_pdbx_nonpoly_scheme.pdb_strand_id 
_pdbx_nonpoly_scheme.pdb_ins_code 
C 3 HOH 1  104 2  HOH HOH A . 
C 3 HOH 2  105 4  HOH HOH A . 
C 3 HOH 3  106 8  HOH HOH A . 
C 3 HOH 4  107 23 HOH HOH A . 
C 3 HOH 5  108 25 HOH HOH A . 
C 3 HOH 6  109 27 HOH HOH A . 
C 3 HOH 7  110 30 HOH HOH A . 
C 3 HOH 8  111 37 HOH HOH A . 
C 3 HOH 9  112 43 HOH HOH A . 
C 3 HOH 10 113 48 HOH HOH A . 
C 3 HOH 11 114 49 HOH HOH A . 
C 3 HOH 12 115 58 HOH HOH A . 
C 3 HOH 13 116 59 HOH HOH A . 
C 3 HOH 14 117 68 HOH HOH A . 
C 3 HOH 15 118 79 HOH HOH A . 
C 3 HOH 16 119 81 HOH HOH A . 
C 3 HOH 17 120 86 HOH HOH A . 
C 3 HOH 18 121 87 HOH HOH A . 
C 3 HOH 19 122 89 HOH HOH A . 
D 3 HOH 1  187 1  HOH HOH B . 
D 3 HOH 2  188 3  HOH HOH B . 
D 3 HOH 3  189 5  HOH HOH B . 
D 3 HOH 4  190 6  HOH HOH B . 
D 3 HOH 5  191 7  HOH HOH B . 
D 3 HOH 6  192 9  HOH HOH B . 
D 3 HOH 7  193 10 HOH HOH B . 
D 3 HOH 8  194 11 HOH HOH B . 
D 3 HOH 9  195 12 HOH HOH B . 
D 3 HOH 10 196 13 HOH HOH B . 
D 3 HOH 11 197 14 HOH HOH B . 
D 3 HOH 12 198 15 HOH HOH B . 
D 3 HOH 13 199 16 HOH HOH B . 
D 3 HOH 14 200 17 HOH HOH B . 
D 3 HOH 15 201 18 HOH HOH B . 
D 3 HOH 16 202 19 HOH HOH B . 
D 3 HOH 17 203 20 HOH HOH B . 
D 3 HOH 18 204 21 HOH HOH B . 
D 3 HOH 19 205 22 HOH HOH B . 
D 3 HOH 20 206 24 HOH HOH B . 
D 3 HOH 21 207 26 HOH HOH B . 
D 3 HOH 22 208 28 HOH HOH B . 
D 3 HOH 23 209 29 HOH HOH B . 
D 3 HOH 24 210 31 HOH HOH B . 
D 3 HOH 25 211 32 HOH HOH B . 
D 3 HOH 26 212 33 HOH HOH B . 
D 3 HOH 27 213 34 HOH HOH B . 
D 3 HOH 28 214 35 HOH HOH B . 
D 3 HOH 29 215 36 HOH HOH B . 
D 3 HOH 30 216 38 HOH HOH B . 
D 3 HOH 31 217 39 HOH HOH B . 
D 3 HOH 32 218 40 HOH HOH B . 
D 3 HOH 33 219 41 HOH HOH B . 
D 3 HOH 34 220 42 HOH HOH B . 
D 3 HOH 35 221 44 HOH HOH B . 
D 3 HOH 36 222 45 HOH HOH B . 
D 3 HOH 37 223 46 HOH HOH B . 
D 3 HOH 38 224 47 HOH HOH B . 
D 3 HOH 39 225 50 HOH HOH B . 
D 3 HOH 40 226 51 HOH HOH B . 
D 3 HOH 41 227 52 HOH HOH B . 
D 3 HOH 42 228 53 HOH HOH B . 
D 3 HOH 43 229 54 HOH HOH B . 
D 3 HOH 44 230 55 HOH HOH B . 
D 3 HOH 45 231 56 HOH HOH B . 
D 3 HOH 46 232 57 HOH HOH B . 
D 3 HOH 47 233 60 HOH HOH B . 
D 3 HOH 48 234 61 HOH HOH B . 
D 3 HOH 49 235 62 HOH HOH B . 
D 3 HOH 50 236 63 HOH HOH B . 
D 3 HOH 51 237 64 HOH HOH B . 
D 3 HOH 52 238 65 HOH HOH B . 
D 3 HOH 53 239 66 HOH HOH B . 
D 3 HOH 54 240 67 HOH HOH B . 
D 3 HOH 55 241 69 HOH HOH B . 
D 3 HOH 56 242 70 HOH HOH B . 
D 3 HOH 57 243 71 HOH HOH B . 
D 3 HOH 58 244 72 HOH HOH B . 
D 3 HOH 59 245 73 HOH HOH B . 
D 3 HOH 60 246 74 HOH HOH B . 
D 3 HOH 61 247 75 HOH HOH B . 
D 3 HOH 62 248 76 HOH HOH B . 
D 3 HOH 63 249 77 HOH HOH B . 
D 3 HOH 64 250 78 HOH HOH B . 
D 3 HOH 65 251 80 HOH HOH B . 
D 3 HOH 66 252 82 HOH HOH B . 
D 3 HOH 67 253 83 HOH HOH B . 
D 3 HOH 68 254 84 HOH HOH B . 
D 3 HOH 69 255 85 HOH HOH B . 
D 3 HOH 70 256 88 HOH HOH B . 
D 3 HOH 71 257 90 HOH HOH B . 
# 
loop_
_software.name 
_software.version 
_software.date 
_software.type 
_software.contact_author 
_software.contact_author_email 
_software.classification 
_software.location 
_software.language 
_software.citation_id 
_software.pdbx_ordinal 
REFMAC      5.2.0005 ?              program 'Murshudov, G.N.' ccp4@dl.ac.uk            refinement        
http://www.ccp4.ac.uk/main.html  Fortran ? 1 
PDB_EXTRACT 1.701    'Nov. 1, 2005' package PDB               sw-help@rcsb.rutgers.edu 'data extraction' 
http://pdb.rutgers.edu/software/ C++     ? 2 
ADSC        .        ?              ?       ?                 ?                        'data collection' ? ?       ? 3 
MOSFLM      .        ?              ?       ?                 ?                        'data reduction'  ? ?       ? 4 
SHELXS      .        ?              ?       ?                 ?                        phasing           ? ?       ? 5 
# 
_cell.length_a           56.745 
_cell.length_b           56.745 
_cell.length_c           103.720 
_cell.angle_alpha        90.00 
_cell.angle_beta         90.00 
_cell.angle_gamma        120.00 
_cell.entry_id           2GGV 
_cell.pdbx_unique_axis   ? 
_cell.Z_PDB              6 
_cell.length_a_esd       ? 
_cell.length_b_esd       ? 
_cell.length_c_esd       ? 
_cell.angle_alpha_esd    ? 
_cell.angle_beta_esd     ? 
_cell.angle_gamma_esd    ? 
# 
_symmetry.space_group_name_H-M             'P 64' 
_symmetry.entry_id                         2GGV 
_symmetry.pdbx_full_space_group_name_H-M   ? 
_symmetry.Int_Tables_number                172 
_symmetry.cell_setting                     ? 
_symmetry.space_group_name_Hall            ? 
# 
_exptl.entry_id          2GGV 
_exptl.crystals_number   2 
_exptl.method            'X-RAY DIFFRACTION' 
# 
_exptl_crystal.id                    1 
_exptl_crystal.density_Matthews      1.94 
_exptl_crystal.density_meas          ? 
_exptl_crystal.density_percent_sol   36.47 
_exptl_crystal.description           ? 
_exptl_crystal.F_000                 ? 
_exptl_crystal.preparation           ? 
# 
_exptl_crystal_grow.crystal_id      1 
_exptl_crystal_grow.method          'VAPOR DIFFUSION, HANGING DROP' 
_exptl_crystal_grow.pH              7.5 
_exptl_crystal_grow.temp            298 
_exptl_crystal_grow.temp_details    ? 
_exptl_crystal_grow.pdbx_details    
'30% PEG 1500, 0.1M TRIS, 0.2M lithium cloride, 2mM mercaptoethanol, pH 7.5, VAPOR DIFFUSION, HANGING DROP, temperature 298K' 
_exptl_crystal_grow.pdbx_pH_range   . 
# 
loop_
_diffrn.id 
_diffrn.ambient_temp 
_diffrn.ambient_temp_details 
_diffrn.crystal_id 
1 100 ? 1 
2 100 ? 1 
# 
loop_
_diffrn_detector.diffrn_id 
_diffrn_detector.detector 
_diffrn_detector.type 
_diffrn_detector.pdbx_collection_date 
_diffrn_detector.details 
1 CCD 'ADSC QUANTUM 4' 2005-09-20 ? 
2 CCD 'ADSC QUANTUM 4' 2005-10-10 ? 
# 
loop_
_diffrn_radiation.diffrn_id 
_diffrn_radiation.wavelength_id 
_diffrn_radiation.pdbx_diffrn_protocol 
_diffrn_radiation.monochromator 
_diffrn_radiation.pdbx_monochromatic_or_laue_m_l 
_diffrn_radiation.pdbx_scattering_type 
1 1 'SINGLE WAVELENGTH' ? M x-ray 
2 2 MAD                 ? M x-ray 
# 
loop_
_diffrn_radiation_wavelength.id 
_diffrn_radiation_wavelength.wavelength 
_diffrn_radiation_wavelength.wt 
1 1.0    1.0 
2 0.9779 1.0 
3 0.9785 1.0 
4 0.960  1.0 
# 
loop_
_diffrn_source.diffrn_id 
_diffrn_source.source 
_diffrn_source.type 
_diffrn_source.pdbx_wavelength 
_diffrn_source.pdbx_wavelength_list 
_diffrn_source.pdbx_synchrotron_site 
_diffrn_source.pdbx_synchrotron_beamline 
1 SYNCHROTRON 'ALS BEAMLINE 12.3.1' ? 1.0                     ALS  12.3.1 
2 SYNCHROTRON 'NSLS BEAMLINE X26C'  ? '0.9779, 0.9785, 0.960' NSLS X26C   
# 
_reflns.entry_id                     2GGV 
_reflns.observed_criterion_sigma_F   0 
_reflns.observed_criterion_sigma_I   0 
_reflns.d_resolution_high            1.8 
_reflns.d_resolution_low             49.15 
_reflns.number_all                   17285 
_reflns.number_obs                   17285 
_reflns.percent_possible_obs         98 
_reflns.pdbx_Rmerge_I_obs            0.055 
_reflns.pdbx_Rsym_value              0.055 
_reflns.pdbx_netI_over_sigmaI        7.7 
_reflns.B_iso_Wilson_estimate        33 
_reflns.pdbx_redundancy              7.6 
_reflns.R_free_details               ? 
_reflns.limit_h_max                  ? 
_reflns.limit_h_min                  ? 
_reflns.limit_k_max                  ? 
_reflns.limit_k_min                  ? 
_reflns.limit_l_max                  ? 
_reflns.limit_l_min                  ? 
_reflns.observed_criterion_F_max     ? 
_reflns.observed_criterion_F_min     ? 
_reflns.pdbx_chi_squared             ? 
_reflns.pdbx_scaling_rejects         ? 
_reflns.pdbx_diffrn_id               1,2 
_reflns.pdbx_ordinal                 1 
# 
_reflns_shell.d_res_high             1.8 
_reflns_shell.d_res_low              1.9 
_reflns_shell.percent_possible_obs   ? 
_reflns_shell.percent_possible_all   98 
_reflns_shell.Rmerge_I_obs           0.6 
_reflns_shell.meanI_over_sigI_obs    1.2 
_reflns_shell.pdbx_Rsym_value        0.6 
_reflns_shell.pdbx_redundancy        6.5 
_reflns_shell.number_unique_all      2481 
_reflns_shell.number_measured_all    ? 
_reflns_shell.number_measured_obs    ? 
_reflns_shell.number_unique_obs      ? 
_reflns_shell.pdbx_chi_squared       ? 
_reflns_shell.pdbx_diffrn_id         ? 
_reflns_shell.pdbx_ordinal           1 
# 
_refine.ls_d_res_high                            1.800 
_refine.ls_d_res_low                             49.150 
_refine.pdbx_ls_sigma_F                          0.00 
_refine.ls_percent_reflns_obs                    98.430 
_refine.ls_number_reflns_obs                     17282 
_refine.pdbx_ls_cross_valid_method               THROUGHOUT 
_refine.pdbx_R_Free_selection_details            RANDOM 
_refine.ls_R_factor_all                          0.193 
_refine.ls_R_factor_R_work                       0.191 
_refine.ls_R_factor_R_free                       0.228 
_refine.ls_percent_reflns_R_free                 5.200 
_refine.ls_number_reflns_R_free                  906 
_refine.B_iso_mean                               36.717 
_refine.aniso_B[1][1]                            1.530 
_refine.aniso_B[2][2]                            1.530 
_refine.aniso_B[3][3]                            -2.290 
_refine.aniso_B[1][2]                            0.760 
_refine.aniso_B[1][3]                            0.000 
_refine.aniso_B[2][3]                            0.000 
_refine.correlation_coeff_Fo_to_Fc               0.963 
_refine.correlation_coeff_Fo_to_Fc_free          0.947 
_refine.pdbx_overall_ESU_R                       0.152 
_refine.pdbx_overall_ESU_R_Free                  0.137 
_refine.overall_SU_ML                            0.100 
_refine.overall_SU_B                             3.198 
_refine.solvent_model_details                    MASK 
_refine.pdbx_solvent_vdw_probe_radii             1.200 
_refine.pdbx_solvent_ion_probe_radii             0.800 
_refine.pdbx_solvent_shrinkage_radii             0.800 
_refine.pdbx_stereochemistry_target_values       'MAXIMUM LIKELIHOOD' 
_refine.entry_id                                 2GGV 
_refine.pdbx_ls_sigma_I                          ? 
_refine.ls_number_reflns_all                     17557 
_refine.ls_R_factor_obs                          0.193 
_refine.ls_redundancy_reflns_obs                 ? 
_refine.pdbx_data_cutoff_high_absF               ? 
_refine.pdbx_data_cutoff_low_absF                ? 
_refine.ls_number_parameters                     ? 
_refine.ls_number_restraints                     ? 
_refine.ls_R_factor_R_free_error                 ? 
_refine.ls_R_factor_R_free_error_details         ? 
_refine.pdbx_method_to_determine_struct          MAD 
_refine.pdbx_starting_model                      ? 
_refine.pdbx_stereochem_target_val_spec_case     ? 
_refine.solvent_model_param_bsol                 ? 
_refine.solvent_model_param_ksol                 ? 
_refine.occupancy_max                            ? 
_refine.occupancy_min                            ? 
_refine.pdbx_isotropic_thermal_model             ? 
_refine.details                                  ? 
_refine.B_iso_min                                ? 
_refine.B_iso_max                                ? 
_refine.overall_SU_R_Cruickshank_DPI             ? 
_refine.overall_SU_R_free                        ? 
_refine.pdbx_data_cutoff_high_rms_absF           ? 
_refine.ls_wR_factor_R_free                      ? 
_refine.ls_wR_factor_R_work                      ? 
_refine.overall_FOM_free_R_set                   ? 
_refine.overall_FOM_work_R_set                   ? 
_refine.pdbx_refine_id                           'X-RAY DIFFRACTION' 
_refine.pdbx_diffrn_id                           1 
_refine.pdbx_TLS_residual_ADP_flag               ? 
_refine.pdbx_overall_phase_error                 ? 
_refine.pdbx_overall_SU_R_free_Cruickshank_DPI   ? 
_refine.pdbx_overall_SU_R_Blow_DPI               ? 
_refine.pdbx_overall_SU_R_free_Blow_DPI          ? 
# 
_refine_hist.pdbx_refine_id                   'X-RAY DIFFRACTION' 
_refine_hist.cycle_id                         LAST 
_refine_hist.pdbx_number_atoms_protein        1648 
_refine_hist.pdbx_number_atoms_nucleic_acid   0 
_refine_hist.pdbx_number_atoms_ligand         0 
_refine_hist.number_atoms_solvent             90 
_refine_hist.number_atoms_total               1738 
_refine_hist.d_res_high                       1.800 
_refine_hist.d_res_low                        49.150 
# 
loop_
_refine_ls_restr.type 
_refine_ls_restr.number 
_refine_ls_restr.dev_ideal 
_refine_ls_restr.dev_ideal_target 
_refine_ls_restr.weight 
_refine_ls_restr.pdbx_refine_id 
_refine_ls_restr.pdbx_restraint_function 
r_bond_refined_d         1686 0.013  0.022  ? 'X-RAY DIFFRACTION' ? 
r_angle_refined_deg      2290 1.426  1.949  ? 'X-RAY DIFFRACTION' ? 
r_dihedral_angle_1_deg   217  6.409  5.000  ? 'X-RAY DIFFRACTION' ? 
r_dihedral_angle_2_deg   77   32.061 24.935 ? 'X-RAY DIFFRACTION' ? 
r_dihedral_angle_3_deg   274  12.623 15.000 ? 'X-RAY DIFFRACTION' ? 
r_dihedral_angle_4_deg   10   18.505 15.000 ? 'X-RAY DIFFRACTION' ? 
r_chiral_restr           242  0.101  0.200  ? 'X-RAY DIFFRACTION' ? 
r_gen_planes_refined     1310 0.005  0.020  ? 'X-RAY DIFFRACTION' ? 
r_nbd_refined            692  0.199  0.200  ? 'X-RAY DIFFRACTION' ? 
r_nbtor_refined          1129 0.304  0.200  ? 'X-RAY DIFFRACTION' ? 
r_xyhbond_nbd_refined    115  0.136  0.200  ? 'X-RAY DIFFRACTION' ? 
r_symmetry_vdw_refined   76   0.180  0.200  ? 'X-RAY DIFFRACTION' ? 
r_symmetry_hbond_refined 18   0.115  0.200  ? 'X-RAY DIFFRACTION' ? 
r_mcbond_it              1097 1.109  1.500  ? 'X-RAY DIFFRACTION' ? 
r_mcangle_it             1710 1.840  2.000  ? 'X-RAY DIFFRACTION' ? 
r_scbond_it              691  2.411  3.000  ? 'X-RAY DIFFRACTION' ? 
r_scangle_it             580  3.648  4.500  ? 'X-RAY DIFFRACTION' ? 
# 
_refine_ls_shell.d_res_high                       1.800 
_refine_ls_shell.d_res_low                        1.847 
_refine_ls_shell.pdbx_total_number_of_bins_used   20 
_refine_ls_shell.percent_reflns_obs               97.550 
_refine_ls_shell.number_reflns_R_work             1205 
_refine_ls_shell.R_factor_all                     ? 
_refine_ls_shell.R_factor_R_work                  0.26 
_refine_ls_shell.R_factor_R_free                  0.264 
_refine_ls_shell.percent_reflns_R_free            ? 
_refine_ls_shell.number_reflns_R_free             67 
_refine_ls_shell.R_factor_R_free_error            ? 
_refine_ls_shell.number_reflns_all                ? 
_refine_ls_shell.number_reflns_obs                1272 
_refine_ls_shell.redundancy_reflns_obs            ? 
_refine_ls_shell.pdbx_refine_id                   'X-RAY DIFFRACTION' 
# 
_struct.entry_id                  2GGV 
_struct.title                     'Crystal structure of the West Nile virus NS2B-NS3 protease, His51Ala mutant' 
_struct.pdbx_model_details        ? 
_struct.pdbx_CASP_flag            ? 
_struct.pdbx_model_type_details   ? 
# 
_struct_keywords.entry_id        2GGV 
_struct_keywords.pdbx_keywords   HYDROLASE 
_struct_keywords.text            'beta barrel, serine protease, viral protease, flavivirus, HYDROLASE' 
# 
loop_
_struct_asym.id 
_struct_asym.pdbx_blank_PDB_chainid_flag 
_struct_asym.pdbx_modified 
_struct_asym.entity_id 
_struct_asym.details 
A N N 1 ? 
B N N 2 ? 
C N N 3 ? 
D N N 3 ? 
# 
loop_
_struct_ref.id 
_struct_ref.db_name 
_struct_ref.db_code 
_struct_ref.pdbx_db_accession 
_struct_ref.entity_id 
_struct_ref.pdbx_seq_one_letter_code 
_struct_ref.pdbx_align_begin 
_struct_ref.pdbx_db_isoform 
1 UNP Q203W3_WNV Q203W3 1 STDMWIERTADISWESDAEITGSSERVDVRLDDDGNFQLMNDPGA 1423 ? 
2 UNP Q203W3_WNV Q203W3 2 
;GVLWDTPSPKEYKKGDTTTGVYRIMTRGLLGSYQAGAGVMVEGVFHTLWHTTKGAALMSGEGRLDPYWGSVKEDRLCYGG
PWKLQHKWNGQDEVQMIVVEPGKNVKNVQTKPGVFKTPEGEIGAVTLDFPTGTSGSPIVDKNGDVIGLYGNGVIMPNGSY
ISAIVQGERMDEPIPAG
;
1507 ? 
# 
loop_
_struct_ref_seq.align_id 
_struct_ref_seq.ref_id 
_struct_ref_seq.pdbx_PDB_id_code 
_struct_ref_seq.pdbx_strand_id 
_struct_ref_seq.seq_align_beg 
_struct_ref_seq.pdbx_seq_align_beg_ins_code 
_struct_ref_seq.seq_align_end 
_struct_ref_seq.pdbx_seq_align_end_ins_code 
_struct_ref_seq.pdbx_db_accession 
_struct_ref_seq.db_align_beg 
_struct_ref_seq.pdbx_db_align_beg_ins_code 
_struct_ref_seq.db_align_end 
_struct_ref_seq.pdbx_db_align_end_ins_code 
_struct_ref_seq.pdbx_auth_seq_align_beg 
_struct_ref_seq.pdbx_auth_seq_align_end 
1 1 2GGV A 2 ? 46  ? Q203W3 1423 ? 1467 ? 49 93  
2 2 2GGV B 1 ? 177 ? Q203W3 1507 ? 1683 ? 2  178 
# 
loop_
_struct_ref_seq_dif.align_id 
_struct_ref_seq_dif.pdbx_pdb_id_code 
_struct_ref_seq_dif.mon_id 
_struct_ref_seq_dif.pdbx_pdb_strand_id 
_struct_ref_seq_dif.seq_num 
_struct_ref_seq_dif.pdbx_pdb_ins_code 
_struct_ref_seq_dif.pdbx_seq_db_name 
_struct_ref_seq_dif.pdbx_seq_db_accession_code 
_struct_ref_seq_dif.db_mon_id 
_struct_ref_seq_dif.pdbx_seq_db_seq_num 
_struct_ref_seq_dif.details 
_struct_ref_seq_dif.pdbx_auth_seq_num 
_struct_ref_seq_dif.pdbx_ordinal 
1 2GGV MET A 1   ? UNP Q203W3 ?   ?    'cloning artifact'    48  1  
1 2GGV GLY A 47  ? UNP Q203W3 ?   ?    'SEE REMARK 999'      94  2  
1 2GGV GLY A 48  ? UNP Q203W3 ?   ?    'SEE REMARK 999'      95  3  
1 2GGV GLY A 49  ? UNP Q203W3 ?   ?    'SEE REMARK 999'      96  4  
1 2GGV GLY A 50  ? UNP Q203W3 ?   ?    'SEE REMARK 999'      97  5  
1 2GGV SER A 51  ? UNP Q203W3 ?   ?    'SEE REMARK 999'      98  6  
1 2GGV GLY A 52  ? UNP Q203W3 ?   ?    'SEE REMARK 999'      99  7  
1 2GGV GLY A 53  ? UNP Q203W3 ?   ?    'SEE REMARK 999'      100 8  
1 2GGV GLY A 54  ? UNP Q203W3 ?   ?    'SEE REMARK 999'      101 9  
1 2GGV ARG A 55  ? UNP Q203W3 ?   ?    'SEE REMARK 999'      102 10 
1 2GGV ARG A 56  ? UNP Q203W3 ?   ?    'SEE REMARK 999'      103 11 
2 2GGV ALA B 50  ? UNP Q203W3 HIS 1556 'engineered mutation' 51  12 
2 2GGV GLN B 83  ? UNP Q203W3 LYS 1589 conflict              84  13 
2 2GGV ARG B 103 ? UNP Q203W3 LYS 1609 conflict              104 14 
2 2GGV LYS B 178 ? UNP Q203W3 ?   ?    'cloning artifact'    179 15 
2 2GGV GLY B 179 ? UNP Q203W3 ?   ?    'cloning artifact'    180 16 
2 2GGV HIS B 180 ? UNP Q203W3 ?   ?    'expression tag'      181 17 
2 2GGV HIS B 181 ? UNP Q203W3 ?   ?    'expression tag'      182 18 
2 2GGV HIS B 182 ? UNP Q203W3 ?   ?    'expression tag'      183 19 
2 2GGV HIS B 183 ? UNP Q203W3 ?   ?    'expression tag'      184 20 
2 2GGV HIS B 184 ? UNP Q203W3 ?   ?    'expression tag'      185 21 
2 2GGV HIS B 185 ? UNP Q203W3 ?   ?    'expression tag'      186 22 
# 
loop_
_pdbx_struct_assembly.id 
_pdbx_struct_assembly.details 
_pdbx_struct_assembly.method_details 
_pdbx_struct_assembly.oligomeric_details 
_pdbx_struct_assembly.oligomeric_count 
1 author_and_software_defined_assembly PISA dimeric    2 
2 software_defined_assembly            PISA tetrameric 4 
3 software_defined_assembly            PISA tetrameric 4 
4 software_defined_assembly            PISA tetrameric 4 
# 
loop_
_pdbx_struct_assembly_prop.biol_id 
_pdbx_struct_assembly_prop.type 
_pdbx_struct_assembly_prop.value 
_pdbx_struct_assembly_prop.details 
1 'ABSA (A^2)' 2850  ? 
1 MORE         -20   ? 
1 'SSA (A^2)'  11330 ? 
2 'ABSA (A^2)' 7770  ? 
2 MORE         -58   ? 
2 'SSA (A^2)'  20590 ? 
3 'ABSA (A^2)' 8430  ? 
3 MORE         -47   ? 
3 'SSA (A^2)'  19930 ? 
4 'ABSA (A^2)' 4330  ? 
4 MORE         -31   ? 
4 'SSA (A^2)'  24030 ? 
# 
loop_
_pdbx_struct_assembly_gen.assembly_id 
_pdbx_struct_assembly_gen.oper_expression 
_pdbx_struct_assembly_gen.asym_id_list 
1 1   A,B,C,D 
2 1,2 A,B,C,D 
3 1,3 A,B,C,D 
4 1,3 A,C     
4 4,5 B,D     
# 
loop_
_pdbx_struct_oper_list.id 
_pdbx_struct_oper_list.type 
_pdbx_struct_oper_list.name 
_pdbx_struct_oper_list.symmetry_operation 
_pdbx_struct_oper_list.matrix[1][1] 
_pdbx_struct_oper_list.matrix[1][2] 
_pdbx_struct_oper_list.matrix[1][3] 
_pdbx_struct_oper_list.vector[1] 
_pdbx_struct_oper_list.matrix[2][1] 
_pdbx_struct_oper_list.matrix[2][2] 
_pdbx_struct_oper_list.matrix[2][3] 
_pdbx_struct_oper_list.vector[2] 
_pdbx_struct_oper_list.matrix[3][1] 
_pdbx_struct_oper_list.matrix[3][2] 
_pdbx_struct_oper_list.matrix[3][3] 
_pdbx_struct_oper_list.vector[3] 
1 'identity operation'         1_555 x,y,z           1.0000000000  0.0000000000  0.0000000000  0.0000000000   0.0000000000  1.0000000000 0.0000000000  0.0000000000   0.0000000000  0.0000000000  1.0000000000  0.0000000000   
2 'crystal symmetry operation' 4_665 -x+1,-y+1,z     -0.2765730768 -0.8670554169 -0.4143938191 -23.9124828949 -0.8670554169 0.0391997751 0.4966671740  -15.9736143020 -0.4143938191 0.4966671740  -0.7626266983 -8.3228198887  
3 'crystal symmetry operation' 4_565 -x,-y+1,z       -0.2765730768 -0.8670554169 -0.4143938191 20.7864781143  -0.8670554169 0.0391997751 0.4966671740  10.3011301613  -0.4143938191 0.4966671740  -0.7626266983 14.7344070280  
4 'crystal symmetry operation' 3_564 -x+y,-x+1,z-1/3 0.0425701924  -0.3519377657 -0.9350548582 24.9935210363  -0.9486453596 0.2793998313 -0.1483499782 -29.4990921509 0.3134641296  0.8933507392  -0.3219700237 4.9993926290   
5 'crystal symmetry operation' 6_554 x-y,x,z-1/3     0.6808567308  -0.5151176511 0.5206610391  37.3795733381  0.0815899427  0.7597999438 0.6450171522  -10.0429612096 -0.7278579486 -0.3966835652 0.5593433254  -14.0866546347 
# 
_struct_biol.id                    1 
_struct_biol.details               
;The biological assembly is a monomer. 
The H51A mutant also forms dimers in solution. The dimer is generated from the monomer in the asymmetric unit by the operation -x, -y, z.
;
_struct_biol.pdbx_parent_biol_id   ? 
# 
loop_
_struct_conf.conf_type_id 
_struct_conf.id 
_struct_conf.pdbx_PDB_helix_id 
_struct_conf.beg_label_comp_id 
_struct_conf.beg_label_asym_id 
_struct_conf.beg_label_seq_id 
_struct_conf.pdbx_beg_PDB_ins_code 
_struct_conf.end_label_comp_id 
_struct_conf.end_label_asym_id 
_struct_conf.end_label_seq_id 
_struct_conf.pdbx_end_PDB_ins_code 
_struct_conf.beg_auth_comp_id 
_struct_conf.beg_auth_asym_id 
_struct_conf.beg_auth_seq_id 
_struct_conf.end_auth_comp_id 
_struct_conf.end_auth_asym_id 
_struct_conf.end_auth_seq_id 
_struct_conf.pdbx_PDB_helix_class 
_struct_conf.details 
_struct_conf.pdbx_PDB_helix_length 
HELX_P HELX_P1 1 GLU A 16  ? GLY A 23  ? GLU A 63  GLY A 70  1 ? 8 
HELX_P HELX_P2 2 LEU B 48  ? LYS B 53  ? LEU B 49  LYS B 54  1 ? 6 
HELX_P HELX_P3 3 PRO B 130 ? SER B 134 ? PRO B 131 SER B 135 5 ? 5 
# 
_struct_conf_type.id          HELX_P 
_struct_conf_type.criteria    ? 
_struct_conf_type.reference   ? 
# 
loop_
_struct_sheet.id 
_struct_sheet.type 
_struct_sheet.number_strands 
_struct_sheet.details 
A ? 8 ? 
B ? 8 ? 
C ? 2 ? 
# 
loop_
_struct_sheet_order.sheet_id 
_struct_sheet_order.range_id_1 
_struct_sheet_order.range_id_2 
_struct_sheet_order.offset 
_struct_sheet_order.sense 
A 1 2 ? anti-parallel 
A 2 3 ? parallel      
A 3 4 ? anti-parallel 
A 4 5 ? anti-parallel 
A 5 6 ? anti-parallel 
A 6 7 ? anti-parallel 
A 7 8 ? anti-parallel 
B 1 2 ? anti-parallel 
B 2 3 ? anti-parallel 
B 3 4 ? anti-parallel 
B 4 5 ? anti-parallel 
B 5 6 ? anti-parallel 
B 6 7 ? anti-parallel 
B 7 8 ? anti-parallel 
C 1 2 ? anti-parallel 
# 
loop_
_struct_sheet_range.sheet_id 
_struct_sheet_range.id 
_struct_sheet_range.beg_label_comp_id 
_struct_sheet_range.beg_label_asym_id 
_struct_sheet_range.beg_label_seq_id 
_struct_sheet_range.pdbx_beg_PDB_ins_code 
_struct_sheet_range.end_label_comp_id 
_struct_sheet_range.end_label_asym_id 
_struct_sheet_range.end_label_seq_id 
_struct_sheet_range.pdbx_end_PDB_ins_code 
_struct_sheet_range.beg_auth_comp_id 
_struct_sheet_range.beg_auth_asym_id 
_struct_sheet_range.beg_auth_seq_id 
_struct_sheet_range.end_auth_comp_id 
_struct_sheet_range.end_auth_asym_id 
_struct_sheet_range.end_auth_seq_id 
A 1 GLY B 62  ? LEU B 64  ? GLY B 63  LEU B 65  
A 2 LEU B 57  ? SER B 59  ? LEU B 58  SER B 60  
A 3 MET A 5   ? ALA A 11  ? MET A 52  ALA A 58  
A 4 GLY B 20  ? ARG B 27  ? GLY B 21  ARG B 28  
A 5 SER B 32  ? VAL B 41  ? SER B 33  VAL B 42  
A 6 VAL B 44  ? THR B 47  ? VAL B 45  THR B 48  
A 7 ARG B 75  ? TYR B 78  ? ARG B 76  TYR B 79  
A 8 PRO B 66  ? SER B 70  ? PRO B 67  SER B 71  
B 1 SER A 24  ? GLU A 26  ? SER A 71  GLU A 73  
B 2 LYS B 106 ? THR B 110 ? LYS B 107 THR B 111 
B 3 VAL B 94  ? VAL B 98  ? VAL B 95  VAL B 99  
B 4 PRO B 137 ? VAL B 139 ? PRO B 138 VAL B 140 
B 5 VAL B 145 ? ILE B 154 ? VAL B 146 ILE B 155 
B 6 TYR B 160 ? VAL B 165 ? TYR B 161 VAL B 166 
B 7 GLY B 120 ? VAL B 125 ? GLY B 121 VAL B 126 
B 8 GLY B 113 ? THR B 117 ? GLY B 114 THR B 118 
C 1 VAL A 30  ? LEU A 32  ? VAL A 77  LEU A 79  
C 2 PHE A 38  ? LEU A 40  ? PHE A 85  LEU A 87  
# 
loop_
_pdbx_struct_sheet_hbond.sheet_id 
_pdbx_struct_sheet_hbond.range_id_1 
_pdbx_struct_sheet_hbond.range_id_2 
_pdbx_struct_sheet_hbond.range_1_label_atom_id 
_pdbx_struct_sheet_hbond.range_1_label_comp_id 
_pdbx_struct_sheet_hbond.range_1_label_asym_id 
_pdbx_struct_sheet_hbond.range_1_label_seq_id 
_pdbx_struct_sheet_hbond.range_1_PDB_ins_code 
_pdbx_struct_sheet_hbond.range_1_auth_atom_id 
_pdbx_struct_sheet_hbond.range_1_auth_comp_id 
_pdbx_struct_sheet_hbond.range_1_auth_asym_id 
_pdbx_struct_sheet_hbond.range_1_auth_seq_id 
_pdbx_struct_sheet_hbond.range_2_label_atom_id 
_pdbx_struct_sheet_hbond.range_2_label_comp_id 
_pdbx_struct_sheet_hbond.range_2_label_asym_id 
_pdbx_struct_sheet_hbond.range_2_label_seq_id 
_pdbx_struct_sheet_hbond.range_2_PDB_ins_code 
_pdbx_struct_sheet_hbond.range_2_auth_atom_id 
_pdbx_struct_sheet_hbond.range_2_auth_comp_id 
_pdbx_struct_sheet_hbond.range_2_auth_asym_id 
_pdbx_struct_sheet_hbond.range_2_auth_seq_id 
A 1 2 O LEU B 64  ? O LEU B 65  N LEU B 57  ? N LEU B 58  
A 2 3 O MET B 58  ? O MET B 59  N MET A 5   ? N MET A 52  
A 3 4 N THR A 10  ? N THR A 57  O VAL B 21  ? O VAL B 22  
A 4 5 N ILE B 24  ? N ILE B 25  O GLY B 36  ? O GLY B 37  
A 5 6 N VAL B 39  ? N VAL B 40  O HIS B 46  ? O HIS B 47  
A 6 7 N THR B 47  ? N THR B 48  O LEU B 76  ? O LEU B 77  
A 7 8 O CYS B 77  ? O CYS B 78  N TYR B 67  ? N TYR B 68  
B 1 2 N SER A 25  ? N SER A 72  O ASN B 107 ? O ASN B 108 
B 2 3 O THR B 110 ? O THR B 111 N VAL B 94  ? N VAL B 95  
B 3 4 N GLN B 95  ? N GLN B 96  O VAL B 139 ? O VAL B 140 
B 4 5 N ILE B 138 ? N ILE B 139 O GLY B 147 ? O GLY B 148 
B 5 6 N VAL B 153 ? N VAL B 154 O ILE B 161 ? O ILE B 162 
B 6 7 O SER B 162 ? O SER B 163 N VAL B 125 ? N VAL B 126 
B 7 8 O ALA B 124 ? O ALA B 125 N GLY B 113 ? N GLY B 114 
C 1 2 N ARG A 31  ? N ARG A 78  O GLN A 39  ? O GLN A 86  
# 
loop_
_pdbx_validate_torsion.id 
_pdbx_validate_torsion.PDB_model_num 
_pdbx_validate_torsion.auth_comp_id 
_pdbx_validate_torsion.auth_asym_id 
_pdbx_validate_torsion.auth_seq_id 
_pdbx_validate_torsion.PDB_ins_code 
_pdbx_validate_torsion.label_alt_id 
_pdbx_validate_torsion.phi 
_pdbx_validate_torsion.psi 
1 1 VAL A 75  ? ? -118.98 71.86   
2 1 ASP A 80  ? ? -74.18  -166.46 
3 1 ASP A 80  ? ? -74.18  -167.07 
4 1 GLU B 12  ? ? -107.40 54.91   
5 1 VAL B 100 ? ? -109.44 72.71   
6 1 GLU B 120 ? ? -94.22  30.47   
# 
loop_
_pdbx_database_remark.id 
_pdbx_database_remark.text 
400 
;COMPOUND 
THE PROTEINS NS2B AND NS3PRO ARE CONNECTED THROUGH A LINKER 
GGGGSGGGRR.
;
999 
;SEQUENCE 
THIS IS THE LINKER SEQUENCE BETWEEN THE TWO DIFFERENT PROTEINS.
;
# 
loop_
_pdbx_unobs_or_zero_occ_residues.id 
_pdbx_unobs_or_zero_occ_residues.PDB_model_num 
_pdbx_unobs_or_zero_occ_residues.polymer_flag 
_pdbx_unobs_or_zero_occ_residues.occupancy_flag 
_pdbx_unobs_or_zero_occ_residues.auth_asym_id 
_pdbx_unobs_or_zero_occ_residues.auth_comp_id 
_pdbx_unobs_or_zero_occ_residues.auth_seq_id 
_pdbx_unobs_or_zero_occ_residues.PDB_ins_code 
_pdbx_unobs_or_zero_occ_residues.label_asym_id 
_pdbx_unobs_or_zero_occ_residues.label_comp_id 
_pdbx_unobs_or_zero_occ_residues.label_seq_id 
1  1 Y 1 A MET 48  ? A MET 1   
2  1 Y 1 A SER 49  ? A SER 2   
3  1 Y 1 A GLY 94  ? A GLY 47  
4  1 Y 1 A GLY 95  ? A GLY 48  
5  1 Y 1 A GLY 96  ? A GLY 49  
6  1 Y 1 A GLY 97  ? A GLY 50  
7  1 Y 1 A SER 98  ? A SER 51  
8  1 Y 1 A GLY 99  ? A GLY 52  
9  1 Y 1 A GLY 100 ? A GLY 53  
10 1 Y 1 A GLY 101 ? A GLY 54  
11 1 Y 1 A ARG 102 ? A ARG 55  
12 1 Y 1 A ARG 103 ? A ARG 56  
13 1 Y 1 B GLY 2   ? B GLY 1   
14 1 Y 1 B VAL 3   ? B VAL 2   
15 1 Y 1 B LEU 4   ? B LEU 3   
16 1 Y 1 B TRP 5   ? B TRP 4   
17 1 Y 1 B ASP 6   ? B ASP 5   
18 1 Y 1 B THR 7   ? B THR 6   
19 1 Y 1 B PRO 8   ? B PRO 7   
20 1 Y 1 B SER 9   ? B SER 8   
21 1 Y 1 B LYS 179 ? B LYS 178 
22 1 Y 1 B GLY 180 ? B GLY 179 
23 1 Y 1 B HIS 181 ? B HIS 180 
24 1 Y 1 B HIS 182 ? B HIS 181 
25 1 Y 1 B HIS 183 ? B HIS 182 
26 1 Y 1 B HIS 184 ? B HIS 183 
27 1 Y 1 B HIS 185 ? B HIS 184 
28 1 Y 1 B HIS 186 ? B HIS 185 
# 
loop_
_chem_comp_atom.comp_id 
_chem_comp_atom.atom_id 
_chem_comp_atom.type_symbol 
_chem_comp_atom.pdbx_aromatic_flag 
_chem_comp_atom.pdbx_stereo_config 
_chem_comp_atom.pdbx_ordinal 
ALA N    N N N 1   
ALA CA   C N S 2   
ALA C    C N N 3   
ALA O    O N N 4   
ALA CB   C N N 5   
ALA OXT  O N N 6   
ALA H    H N N 7   
ALA H2   H N N 8   
ALA HA   H N N 9   
ALA HB1  H N N 10  
ALA HB2  H N N 11  
ALA HB3  H N N 12  
ALA HXT  H N N 13  
ARG N    N N N 14  
ARG CA   C N S 15  
ARG C    C N N 16  
ARG O    O N N 17  
ARG CB   C N N 18  
ARG CG   C N N 19  
ARG CD   C N N 20  
ARG NE   N N N 21  
ARG CZ   C N N 22  
ARG NH1  N N N 23  
ARG NH2  N N N 24  
ARG OXT  O N N 25  
ARG H    H N N 26  
ARG H2   H N N 27  
ARG HA   H N N 28  
ARG HB2  H N N 29  
ARG HB3  H N N 30  
ARG HG2  H N N 31  
ARG HG3  H N N 32  
ARG HD2  H N N 33  
ARG HD3  H N N 34  
ARG HE   H N N 35  
ARG HH11 H N N 36  
ARG HH12 H N N 37  
ARG HH21 H N N 38  
ARG HH22 H N N 39  
ARG HXT  H N N 40  
ASN N    N N N 41  
ASN CA   C N S 42  
ASN C    C N N 43  
ASN O    O N N 44  
ASN CB   C N N 45  
ASN CG   C N N 46  
ASN OD1  O N N 47  
ASN ND2  N N N 48  
ASN OXT  O N N 49  
ASN H    H N N 50  
ASN H2   H N N 51  
ASN HA   H N N 52  
ASN HB2  H N N 53  
ASN HB3  H N N 54  
ASN HD21 H N N 55  
ASN HD22 H N N 56  
ASN HXT  H N N 57  
ASP N    N N N 58  
ASP CA   C N S 59  
ASP C    C N N 60  
ASP O    O N N 61  
ASP CB   C N N 62  
ASP CG   C N N 63  
ASP OD1  O N N 64  
ASP OD2  O N N 65  
ASP OXT  O N N 66  
ASP H    H N N 67  
ASP H2   H N N 68  
ASP HA   H N N 69  
ASP HB2  H N N 70  
ASP HB3  H N N 71  
ASP HD2  H N N 72  
ASP HXT  H N N 73  
CYS N    N N N 74  
CYS CA   C N R 75  
CYS C    C N N 76  
CYS O    O N N 77  
CYS CB   C N N 78  
CYS SG   S N N 79  
CYS OXT  O N N 80  
CYS H    H N N 81  
CYS H2   H N N 82  
CYS HA   H N N 83  
CYS HB2  H N N 84  
CYS HB3  H N N 85  
CYS HG   H N N 86  
CYS HXT  H N N 87  
GLN N    N N N 88  
GLN CA   C N S 89  
GLN C    C N N 90  
GLN O    O N N 91  
GLN CB   C N N 92  
GLN CG   C N N 93  
GLN CD   C N N 94  
GLN OE1  O N N 95  
GLN NE2  N N N 96  
GLN OXT  O N N 97  
GLN H    H N N 98  
GLN H2   H N N 99  
GLN HA   H N N 100 
GLN HB2  H N N 101 
GLN HB3  H N N 102 
GLN HG2  H N N 103 
GLN HG3  H N N 104 
GLN HE21 H N N 105 
GLN HE22 H N N 106 
GLN HXT  H N N 107 
GLU N    N N N 108 
GLU CA   C N S 109 
GLU C    C N N 110 
GLU O    O N N 111 
GLU CB   C N N 112 
GLU CG   C N N 113 
GLU CD   C N N 114 
GLU OE1  O N N 115 
GLU OE2  O N N 116 
GLU OXT  O N N 117 
GLU H    H N N 118 
GLU H2   H N N 119 
GLU HA   H N N 120 
GLU HB2  H N N 121 
GLU HB3  H N N 122 
GLU HG2  H N N 123 
GLU HG3  H N N 124 
GLU HE2  H N N 125 
GLU HXT  H N N 126 
GLY N    N N N 127 
GLY CA   C N N 128 
GLY C    C N N 129 
GLY O    O N N 130 
GLY OXT  O N N 131 
GLY H    H N N 132 
GLY H2   H N N 133 
GLY HA2  H N N 134 
GLY HA3  H N N 135 
GLY HXT  H N N 136 
HIS N    N N N 137 
HIS CA   C N S 138 
HIS C    C N N 139 
HIS O    O N N 140 
HIS CB   C N N 141 
HIS CG   C Y N 142 
HIS ND1  N Y N 143 
HIS CD2  C Y N 144 
HIS CE1  C Y N 145 
HIS NE2  N Y N 146 
HIS OXT  O N N 147 
HIS H    H N N 148 
HIS H2   H N N 149 
HIS HA   H N N 150 
HIS HB2  H N N 151 
HIS HB3  H N N 152 
HIS HD1  H N N 153 
HIS HD2  H N N 154 
HIS HE1  H N N 155 
HIS HE2  H N N 156 
HIS HXT  H N N 157 
HOH O    O N N 158 
HOH H1   H N N 159 
HOH H2   H N N 160 
ILE N    N N N 161 
ILE CA   C N S 162 
ILE C    C N N 163 
ILE O    O N N 164 
ILE CB   C N S 165 
ILE CG1  C N N 166 
ILE CG2  C N N 167 
ILE CD1  C N N 168 
ILE OXT  O N N 169 
ILE H    H N N 170 
ILE H2   H N N 171 
ILE HA   H N N 172 
ILE HB   H N N 173 
ILE HG12 H N N 174 
ILE HG13 H N N 175 
ILE HG21 H N N 176 
ILE HG22 H N N 177 
ILE HG23 H N N 178 
ILE HD11 H N N 179 
ILE HD12 H N N 180 
ILE HD13 H N N 181 
ILE HXT  H N N 182 
LEU N    N N N 183 
LEU CA   C N S 184 
LEU C    C N N 185 
LEU O    O N N 186 
LEU CB   C N N 187 
LEU CG   C N N 188 
LEU CD1  C N N 189 
LEU CD2  C N N 190 
LEU OXT  O N N 191 
LEU H    H N N 192 
LEU H2   H N N 193 
LEU HA   H N N 194 
LEU HB2  H N N 195 
LEU HB3  H N N 196 
LEU HG   H N N 197 
LEU HD11 H N N 198 
LEU HD12 H N N 199 
LEU HD13 H N N 200 
LEU HD21 H N N 201 
LEU HD22 H N N 202 
LEU HD23 H N N 203 
LEU HXT  H N N 204 
LYS N    N N N 205 
LYS CA   C N S 206 
LYS C    C N N 207 
LYS O    O N N 208 
LYS CB   C N N 209 
LYS CG   C N N 210 
LYS CD   C N N 211 
LYS CE   C N N 212 
LYS NZ   N N N 213 
LYS OXT  O N N 214 
LYS H    H N N 215 
LYS H2   H N N 216 
LYS HA   H N N 217 
LYS HB2  H N N 218 
LYS HB3  H N N 219 
LYS HG2  H N N 220 
LYS HG3  H N N 221 
LYS HD2  H N N 222 
LYS HD3  H N N 223 
LYS HE2  H N N 224 
LYS HE3  H N N 225 
LYS HZ1  H N N 226 
LYS HZ2  H N N 227 
LYS HZ3  H N N 228 
LYS HXT  H N N 229 
MET N    N N N 230 
MET CA   C N S 231 
MET C    C N N 232 
MET O    O N N 233 
MET CB   C N N 234 
MET CG   C N N 235 
MET SD   S N N 236 
MET CE   C N N 237 
MET OXT  O N N 238 
MET H    H N N 239 
MET H2   H N N 240 
MET HA   H N N 241 
MET HB2  H N N 242 
MET HB3  H N N 243 
MET HG2  H N N 244 
MET HG3  H N N 245 
MET HE1  H N N 246 
MET HE2  H N N 247 
MET HE3  H N N 248 
MET HXT  H N N 249 
PHE N    N N N 250 
PHE CA   C N S 251 
PHE C    C N N 252 
PHE O    O N N 253 
PHE CB   C N N 254 
PHE CG   C Y N 255 
PHE CD1  C Y N 256 
PHE CD2  C Y N 257 
PHE CE1  C Y N 258 
PHE CE2  C Y N 259 
PHE CZ   C Y N 260 
PHE OXT  O N N 261 
PHE H    H N N 262 
PHE H2   H N N 263 
PHE HA   H N N 264 
PHE HB2  H N N 265 
PHE HB3  H N N 266 
PHE HD1  H N N 267 
PHE HD2  H N N 268 
PHE HE1  H N N 269 
PHE HE2  H N N 270 
PHE HZ   H N N 271 
PHE HXT  H N N 272 
PRO N    N N N 273 
PRO CA   C N S 274 
PRO C    C N N 275 
PRO O    O N N 276 
PRO CB   C N N 277 
PRO CG   C N N 278 
PRO CD   C N N 279 
PRO OXT  O N N 280 
PRO H    H N N 281 
PRO HA   H N N 282 
PRO HB2  H N N 283 
PRO HB3  H N N 284 
PRO HG2  H N N 285 
PRO HG3  H N N 286 
PRO HD2  H N N 287 
PRO HD3  H N N 288 
PRO HXT  H N N 289 
SER N    N N N 290 
SER CA   C N S 291 
SER C    C N N 292 
SER O    O N N 293 
SER CB   C N N 294 
SER OG   O N N 295 
SER OXT  O N N 296 
SER H    H N N 297 
SER H2   H N N 298 
SER HA   H N N 299 
SER HB2  H N N 300 
SER HB3  H N N 301 
SER HG   H N N 302 
SER HXT  H N N 303 
THR N    N N N 304 
THR CA   C N S 305 
THR C    C N N 306 
THR O    O N N 307 
THR CB   C N R 308 
THR OG1  O N N 309 
THR CG2  C N N 310 
THR OXT  O N N 311 
THR H    H N N 312 
THR H2   H N N 313 
THR HA   H N N 314 
THR HB   H N N 315 
THR HG1  H N N 316 
THR HG21 H N N 317 
THR HG22 H N N 318 
THR HG23 H N N 319 
THR HXT  H N N 320 
TRP N    N N N 321 
TRP CA   C N S 322 
TRP C    C N N 323 
TRP O    O N N 324 
TRP CB   C N N 325 
TRP CG   C Y N 326 
TRP CD1  C Y N 327 
TRP CD2  C Y N 328 
TRP NE1  N Y N 329 
TRP CE2  C Y N 330 
TRP CE3  C Y N 331 
TRP CZ2  C Y N 332 
TRP CZ3  C Y N 333 
TRP CH2  C Y N 334 
TRP OXT  O N N 335 
TRP H    H N N 336 
TRP H2   H N N 337 
TRP HA   H N N 338 
TRP HB2  H N N 339 
TRP HB3  H N N 340 
TRP HD1  H N N 341 
TRP HE1  H N N 342 
TRP HE3  H N N 343 
TRP HZ2  H N N 344 
TRP HZ3  H N N 345 
TRP HH2  H N N 346 
TRP HXT  H N N 347 
TYR N    N N N 348 
TYR CA   C N S 349 
TYR C    C N N 350 
TYR O    O N N 351 
TYR CB   C N N 352 
TYR CG   C Y N 353 
TYR CD1  C Y N 354 
TYR CD2  C Y N 355 
TYR CE1  C Y N 356 
TYR CE2  C Y N 357 
TYR CZ   C Y N 358 
TYR OH   O N N 359 
TYR OXT  O N N 360 
TYR H    H N N 361 
TYR H2   H N N 362 
TYR HA   H N N 363 
TYR HB2  H N N 364 
TYR HB3  H N N 365 
TYR HD1  H N N 366 
TYR HD2  H N N 367 
TYR HE1  H N N 368 
TYR HE2  H N N 369 
TYR HH   H N N 370 
TYR HXT  H N N 371 
VAL N    N N N 372 
VAL CA   C N S 373 
VAL C    C N N 374 
VAL O    O N N 375 
VAL CB   C N N 376 
VAL CG1  C N N 377 
VAL CG2  C N N 378 
VAL OXT  O N N 379 
VAL H    H N N 380 
VAL H2   H N N 381 
VAL HA   H N N 382 
VAL HB   H N N 383 
VAL HG11 H N N 384 
VAL HG12 H N N 385 
VAL HG13 H N N 386 
VAL HG21 H N N 387 
VAL HG22 H N N 388 
VAL HG23 H N N 389 
VAL HXT  H N N 390 
# 
loop_
_chem_comp_bond.comp_id 
_chem_comp_bond.atom_id_1 
_chem_comp_bond.atom_id_2 
_chem_comp_bond.value_order 
_chem_comp_bond.pdbx_aromatic_flag 
_chem_comp_bond.pdbx_stereo_config 
_chem_comp_bond.pdbx_ordinal 
ALA N   CA   sing N N 1   
ALA N   H    sing N N 2   
ALA N   H2   sing N N 3   
ALA CA  C    sing N N 4   
ALA CA  CB   sing N N 5   
ALA CA  HA   sing N N 6   
ALA C   O    doub N N 7   
ALA C   OXT  sing N N 8   
ALA CB  HB1  sing N N 9   
ALA CB  HB2  sing N N 10  
ALA CB  HB3  sing N N 11  
ALA OXT HXT  sing N N 12  
ARG N   CA   sing N N 13  
ARG N   H    sing N N 14  
ARG N   H2   sing N N 15  
ARG CA  C    sing N N 16  
ARG CA  CB   sing N N 17  
ARG CA  HA   sing N N 18  
ARG C   O    doub N N 19  
ARG C   OXT  sing N N 20  
ARG CB  CG   sing N N 21  
ARG CB  HB2  sing N N 22  
ARG CB  HB3  sing N N 23  
ARG CG  CD   sing N N 24  
ARG CG  HG2  sing N N 25  
ARG CG  HG3  sing N N 26  
ARG CD  NE   sing N N 27  
ARG CD  HD2  sing N N 28  
ARG CD  HD3  sing N N 29  
ARG NE  CZ   sing N N 30  
ARG NE  HE   sing N N 31  
ARG CZ  NH1  sing N N 32  
ARG CZ  NH2  doub N N 33  
ARG NH1 HH11 sing N N 34  
ARG NH1 HH12 sing N N 35  
ARG NH2 HH21 sing N N 36  
ARG NH2 HH22 sing N N 37  
ARG OXT HXT  sing N N 38  
ASN N   CA   sing N N 39  
ASN N   H    sing N N 40  
ASN N   H2   sing N N 41  
ASN CA  C    sing N N 42  
ASN CA  CB   sing N N 43  
ASN CA  HA   sing N N 44  
ASN C   O    doub N N 45  
ASN C   OXT  sing N N 46  
ASN CB  CG   sing N N 47  
ASN CB  HB2  sing N N 48  
ASN CB  HB3  sing N N 49  
ASN CG  OD1  doub N N 50  
ASN CG  ND2  sing N N 51  
ASN ND2 HD21 sing N N 52  
ASN ND2 HD22 sing N N 53  
ASN OXT HXT  sing N N 54  
ASP N   CA   sing N N 55  
ASP N   H    sing N N 56  
ASP N   H2   sing N N 57  
ASP CA  C    sing N N 58  
ASP CA  CB   sing N N 59  
ASP CA  HA   sing N N 60  
ASP C   O    doub N N 61  
ASP C   OXT  sing N N 62  
ASP CB  CG   sing N N 63  
ASP CB  HB2  sing N N 64  
ASP CB  HB3  sing N N 65  
ASP CG  OD1  doub N N 66  
ASP CG  OD2  sing N N 67  
ASP OD2 HD2  sing N N 68  
ASP OXT HXT  sing N N 69  
CYS N   CA   sing N N 70  
CYS N   H    sing N N 71  
CYS N   H2   sing N N 72  
CYS CA  C    sing N N 73  
CYS CA  CB   sing N N 74  
CYS CA  HA   sing N N 75  
CYS C   O    doub N N 76  
CYS C   OXT  sing N N 77  
CYS CB  SG   sing N N 78  
CYS CB  HB2  sing N N 79  
CYS CB  HB3  sing N N 80  
CYS SG  HG   sing N N 81  
CYS OXT HXT  sing N N 82  
GLN N   CA   sing N N 83  
GLN N   H    sing N N 84  
GLN N   H2   sing N N 85  
GLN CA  C    sing N N 86  
GLN CA  CB   sing N N 87  
GLN CA  HA   sing N N 88  
GLN C   O    doub N N 89  
GLN C   OXT  sing N N 90  
GLN CB  CG   sing N N 91  
GLN CB  HB2  sing N N 92  
GLN CB  HB3  sing N N 93  
GLN CG  CD   sing N N 94  
GLN CG  HG2  sing N N 95  
GLN CG  HG3  sing N N 96  
GLN CD  OE1  doub N N 97  
GLN CD  NE2  sing N N 98  
GLN NE2 HE21 sing N N 99  
GLN NE2 HE22 sing N N 100 
GLN OXT HXT  sing N N 101 
GLU N   CA   sing N N 102 
GLU N   H    sing N N 103 
GLU N   H2   sing N N 104 
GLU CA  C    sing N N 105 
GLU CA  CB   sing N N 106 
GLU CA  HA   sing N N 107 
GLU C   O    doub N N 108 
GLU C   OXT  sing N N 109 
GLU CB  CG   sing N N 110 
GLU CB  HB2  sing N N 111 
GLU CB  HB3  sing N N 112 
GLU CG  CD   sing N N 113 
GLU CG  HG2  sing N N 114 
GLU CG  HG3  sing N N 115 
GLU CD  OE1  doub N N 116 
GLU CD  OE2  sing N N 117 
GLU OE2 HE2  sing N N 118 
GLU OXT HXT  sing N N 119 
GLY N   CA   sing N N 120 
GLY N   H    sing N N 121 
GLY N   H2   sing N N 122 
GLY CA  C    sing N N 123 
GLY CA  HA2  sing N N 124 
GLY CA  HA3  sing N N 125 
GLY C   O    doub N N 126 
GLY C   OXT  sing N N 127 
GLY OXT HXT  sing N N 128 
HIS N   CA   sing N N 129 
HIS N   H    sing N N 130 
HIS N   H2   sing N N 131 
HIS CA  C    sing N N 132 
HIS CA  CB   sing N N 133 
HIS CA  HA   sing N N 134 
HIS C   O    doub N N 135 
HIS C   OXT  sing N N 136 
HIS CB  CG   sing N N 137 
HIS CB  HB2  sing N N 138 
HIS CB  HB3  sing N N 139 
HIS CG  ND1  sing Y N 140 
HIS CG  CD2  doub Y N 141 
HIS ND1 CE1  doub Y N 142 
HIS ND1 HD1  sing N N 143 
HIS CD2 NE2  sing Y N 144 
HIS CD2 HD2  sing N N 145 
HIS CE1 NE2  sing Y N 146 
HIS CE1 HE1  sing N N 147 
HIS NE2 HE2  sing N N 148 
HIS OXT HXT  sing N N 149 
HOH O   H1   sing N N 150 
HOH O   H2   sing N N 151 
ILE N   CA   sing N N 152 
ILE N   H    sing N N 153 
ILE N   H2   sing N N 154 
ILE CA  C    sing N N 155 
ILE CA  CB   sing N N 156 
ILE CA  HA   sing N N 157 
ILE C   O    doub N N 158 
ILE C   OXT  sing N N 159 
ILE CB  CG1  sing N N 160 
ILE CB  CG2  sing N N 161 
ILE CB  HB   sing N N 162 
ILE CG1 CD1  sing N N 163 
ILE CG1 HG12 sing N N 164 
ILE CG1 HG13 sing N N 165 
ILE CG2 HG21 sing N N 166 
ILE CG2 HG22 sing N N 167 
ILE CG2 HG23 sing N N 168 
ILE CD1 HD11 sing N N 169 
ILE CD1 HD12 sing N N 170 
ILE CD1 HD13 sing N N 171 
ILE OXT HXT  sing N N 172 
LEU N   CA   sing N N 173 
LEU N   H    sing N N 174 
LEU N   H2   sing N N 175 
LEU CA  C    sing N N 176 
LEU CA  CB   sing N N 177 
LEU CA  HA   sing N N 178 
LEU C   O    doub N N 179 
LEU C   OXT  sing N N 180 
LEU CB  CG   sing N N 181 
LEU CB  HB2  sing N N 182 
LEU CB  HB3  sing N N 183 
LEU CG  CD1  sing N N 184 
LEU CG  CD2  sing N N 185 
LEU CG  HG   sing N N 186 
LEU CD1 HD11 sing N N 187 
LEU CD1 HD12 sing N N 188 
LEU CD1 HD13 sing N N 189 
LEU CD2 HD21 sing N N 190 
LEU CD2 HD22 sing N N 191 
LEU CD2 HD23 sing N N 192 
LEU OXT HXT  sing N N 193 
LYS N   CA   sing N N 194 
LYS N   H    sing N N 195 
LYS N   H2   sing N N 196 
LYS CA  C    sing N N 197 
LYS CA  CB   sing N N 198 
LYS CA  HA   sing N N 199 
LYS C   O    doub N N 200 
LYS C   OXT  sing N N 201 
LYS CB  CG   sing N N 202 
LYS CB  HB2  sing N N 203 
LYS CB  HB3  sing N N 204 
LYS CG  CD   sing N N 205 
LYS CG  HG2  sing N N 206 
LYS CG  HG3  sing N N 207 
LYS CD  CE   sing N N 208 
LYS CD  HD2  sing N N 209 
LYS CD  HD3  sing N N 210 
LYS CE  NZ   sing N N 211 
LYS CE  HE2  sing N N 212 
LYS CE  HE3  sing N N 213 
LYS NZ  HZ1  sing N N 214 
LYS NZ  HZ2  sing N N 215 
LYS NZ  HZ3  sing N N 216 
LYS OXT HXT  sing N N 217 
MET N   CA   sing N N 218 
MET N   H    sing N N 219 
MET N   H2   sing N N 220 
MET CA  C    sing N N 221 
MET CA  CB   sing N N 222 
MET CA  HA   sing N N 223 
MET C   O    doub N N 224 
MET C   OXT  sing N N 225 
MET CB  CG   sing N N 226 
MET CB  HB2  sing N N 227 
MET CB  HB3  sing N N 228 
MET CG  SD   sing N N 229 
MET CG  HG2  sing N N 230 
MET CG  HG3  sing N N 231 
MET SD  CE   sing N N 232 
MET CE  HE1  sing N N 233 
MET CE  HE2  sing N N 234 
MET CE  HE3  sing N N 235 
MET OXT HXT  sing N N 236 
PHE N   CA   sing N N 237 
PHE N   H    sing N N 238 
PHE N   H2   sing N N 239 
PHE CA  C    sing N N 240 
PHE CA  CB   sing N N 241 
PHE CA  HA   sing N N 242 
PHE C   O    doub N N 243 
PHE C   OXT  sing N N 244 
PHE CB  CG   sing N N 245 
PHE CB  HB2  sing N N 246 
PHE CB  HB3  sing N N 247 
PHE CG  CD1  doub Y N 248 
PHE CG  CD2  sing Y N 249 
PHE CD1 CE1  sing Y N 250 
PHE CD1 HD1  sing N N 251 
PHE CD2 CE2  doub Y N 252 
PHE CD2 HD2  sing N N 253 
PHE CE1 CZ   doub Y N 254 
PHE CE1 HE1  sing N N 255 
PHE CE2 CZ   sing Y N 256 
PHE CE2 HE2  sing N N 257 
PHE CZ  HZ   sing N N 258 
PHE OXT HXT  sing N N 259 
PRO N   CA   sing N N 260 
PRO N   CD   sing N N 261 
PRO N   H    sing N N 262 
PRO CA  C    sing N N 263 
PRO CA  CB   sing N N 264 
PRO CA  HA   sing N N 265 
PRO C   O    doub N N 266 
PRO C   OXT  sing N N 267 
PRO CB  CG   sing N N 268 
PRO CB  HB2  sing N N 269 
PRO CB  HB3  sing N N 270 
PRO CG  CD   sing N N 271 
PRO CG  HG2  sing N N 272 
PRO CG  HG3  sing N N 273 
PRO CD  HD2  sing N N 274 
PRO CD  HD3  sing N N 275 
PRO OXT HXT  sing N N 276 
SER N   CA   sing N N 277 
SER N   H    sing N N 278 
SER N   H2   sing N N 279 
SER CA  C    sing N N 280 
SER CA  CB   sing N N 281 
SER CA  HA   sing N N 282 
SER C   O    doub N N 283 
SER C   OXT  sing N N 284 
SER CB  OG   sing N N 285 
SER CB  HB2  sing N N 286 
SER CB  HB3  sing N N 287 
SER OG  HG   sing N N 288 
SER OXT HXT  sing N N 289 
THR N   CA   sing N N 290 
THR N   H    sing N N 291 
THR N   H2   sing N N 292 
THR CA  C    sing N N 293 
THR CA  CB   sing N N 294 
THR CA  HA   sing N N 295 
THR C   O    doub N N 296 
THR C   OXT  sing N N 297 
THR CB  OG1  sing N N 298 
THR CB  CG2  sing N N 299 
THR CB  HB   sing N N 300 
THR OG1 HG1  sing N N 301 
THR CG2 HG21 sing N N 302 
THR CG2 HG22 sing N N 303 
THR CG2 HG23 sing N N 304 
THR OXT HXT  sing N N 305 
TRP N   CA   sing N N 306 
TRP N   H    sing N N 307 
TRP N   H2   sing N N 308 
TRP CA  C    sing N N 309 
TRP CA  CB   sing N N 310 
TRP CA  HA   sing N N 311 
TRP C   O    doub N N 312 
TRP C   OXT  sing N N 313 
TRP CB  CG   sing N N 314 
TRP CB  HB2  sing N N 315 
TRP CB  HB3  sing N N 316 
TRP CG  CD1  doub Y N 317 
TRP CG  CD2  sing Y N 318 
TRP CD1 NE1  sing Y N 319 
TRP CD1 HD1  sing N N 320 
TRP CD2 CE2  doub Y N 321 
TRP CD2 CE3  sing Y N 322 
TRP NE1 CE2  sing Y N 323 
TRP NE1 HE1  sing N N 324 
TRP CE2 CZ2  sing Y N 325 
TRP CE3 CZ3  doub Y N 326 
TRP CE3 HE3  sing N N 327 
TRP CZ2 CH2  doub Y N 328 
TRP CZ2 HZ2  sing N N 329 
TRP CZ3 CH2  sing Y N 330 
TRP CZ3 HZ3  sing N N 331 
TRP CH2 HH2  sing N N 332 
TRP OXT HXT  sing N N 333 
TYR N   CA   sing N N 334 
TYR N   H    sing N N 335 
TYR N   H2   sing N N 336 
TYR CA  C    sing N N 337 
TYR CA  CB   sing N N 338 
TYR CA  HA   sing N N 339 
TYR C   O    doub N N 340 
TYR C   OXT  sing N N 341 
TYR CB  CG   sing N N 342 
TYR CB  HB2  sing N N 343 
TYR CB  HB3  sing N N 344 
TYR CG  CD1  doub Y N 345 
TYR CG  CD2  sing Y N 346 
TYR CD1 CE1  sing Y N 347 
TYR CD1 HD1  sing N N 348 
TYR CD2 CE2  doub Y N 349 
TYR CD2 HD2  sing N N 350 
TYR CE1 CZ   doub Y N 351 
TYR CE1 HE1  sing N N 352 
TYR CE2 CZ   sing Y N 353 
TYR CE2 HE2  sing N N 354 
TYR CZ  OH   sing N N 355 
TYR OH  HH   sing N N 356 
TYR OXT HXT  sing N N 357 
VAL N   CA   sing N N 358 
VAL N   H    sing N N 359 
VAL N   H2   sing N N 360 
VAL CA  C    sing N N 361 
VAL CA  CB   sing N N 362 
VAL CA  HA   sing N N 363 
VAL C   O    doub N N 364 
VAL C   OXT  sing N N 365 
VAL CB  CG1  sing N N 366 
VAL CB  CG2  sing N N 367 
VAL CB  HB   sing N N 368 
VAL CG1 HG11 sing N N 369 
VAL CG1 HG12 sing N N 370 
VAL CG1 HG13 sing N N 371 
VAL CG2 HG21 sing N N 372 
VAL CG2 HG22 sing N N 373 
VAL CG2 HG23 sing N N 374 
VAL OXT HXT  sing N N 375 
# 
_atom_sites.entry_id                    2GGV 
_atom_sites.fract_transf_matrix[1][1]   -0.01523601 
_atom_sites.fract_transf_matrix[1][2]   -0.01340383 
_atom_sites.fract_transf_matrix[1][3]   0.00144724 
_atom_sites.fract_transf_matrix[2][1]   -0.00271423 
_atom_sites.fract_transf_matrix[2][2]   -0.01049558 
_atom_sites.fract_transf_matrix[2][3]   0.01722203 
_atom_sites.fract_transf_matrix[3][1]   -0.00579775 
_atom_sites.fract_transf_matrix[3][2]   0.00694883 
_atom_sites.fract_transf_matrix[3][3]   0.00332107 
_atom_sites.fract_transf_vector[1]      0.216655 
_atom_sites.fract_transf_vector[2]      0.455416 
_atom_sites.fract_transf_vector[3]      0.003005 
# 
loop_
_atom_type.symbol 
C 
N 
O 
S 
# 
loop_
_atom_site.group_PDB 
_atom_site.id 
_atom_site.type_symbol 
_atom_site.label_atom_id 
_atom_site.label_alt_id 
_atom_site.label_comp_id 
_atom_site.label_asym_id 
_atom_site.label_entity_id 
_atom_site.label_seq_id 
_atom_site.pdbx_PDB_ins_code 
_atom_site.Cartn_x 
_atom_site.Cartn_y 
_atom_site.Cartn_z 
_atom_site.occupancy 
_atom_site.B_iso_or_equiv 
_atom_site.pdbx_formal_charge 
_atom_site.auth_seq_id 
_atom_site.auth_comp_id 
_atom_site.auth_asym_id 
_atom_site.auth_atom_id 
_atom_site.pdbx_PDB_model_num 
ATOM   1    N N   . THR A 1 3   ? -11.923 0.060   16.638  1.00 50.20 ? 50  THR A N   1 
ATOM   2    C CA  . THR A 1 3   ? -12.854 0.626   15.621  1.00 49.71 ? 50  THR A CA  1 
ATOM   3    C C   . THR A 1 3   ? -13.335 -0.482  14.686  1.00 48.95 ? 50  THR A C   1 
ATOM   4    O O   . THR A 1 3   ? -13.313 -1.657  15.043  1.00 50.15 ? 50  THR A O   1 
ATOM   5    C CB  . THR A 1 3   ? -12.183 1.746   14.788  1.00 49.67 ? 50  THR A CB  1 
ATOM   6    O OG1 . THR A 1 3   ? -10.982 1.242   14.202  1.00 50.56 ? 50  THR A OG1 1 
ATOM   7    C CG2 . THR A 1 3   ? -11.852 2.937   15.649  1.00 50.36 ? 50  THR A CG2 1 
ATOM   8    N N   . ASP A 1 4   ? -13.765 -0.101  13.486  1.00 47.32 ? 51  ASP A N   1 
ATOM   9    C CA  . ASP A 1 4   ? -14.314 -1.043  12.515  1.00 45.83 ? 51  ASP A CA  1 
ATOM   10   C C   . ASP A 1 4   ? -13.142 -1.805  11.838  1.00 43.49 ? 51  ASP A C   1 
ATOM   11   O O   . ASP A 1 4   ? -13.253 -2.980  11.447  1.00 43.63 ? 51  ASP A O   1 
ATOM   12   C CB  . ASP A 1 4   ? -15.144 -0.277  11.451  1.00 46.53 ? 51  ASP A CB  1 
ATOM   13   C CG  . ASP A 1 4   ? -15.861 0.985   12.015  1.00 49.17 ? 51  ASP A CG  1 
ATOM   14   O OD1 . ASP A 1 4   ? -16.219 0.993   13.222  1.00 51.07 ? 51  ASP A OD1 1 
ATOM   15   O OD2 . ASP A 1 4   ? -16.076 1.972   11.250  1.00 50.89 ? 51  ASP A OD2 1 
ATOM   16   N N   . MET A 1 5   ? -12.014 -1.113  11.742  1.00 39.63 ? 52  MET A N   1 
ATOM   17   C CA  . MET A 1 5   ? -10.916 -1.499  10.881  1.00 36.28 ? 52  MET A CA  1 
ATOM   18   C C   . MET A 1 5   ? -9.615  -1.190  11.572  1.00 33.63 ? 52  MET A C   1 
ATOM   19   O O   . MET A 1 5   ? -9.545  -0.290  12.421  1.00 33.30 ? 52  MET A O   1 
ATOM   20   C CB  . MET A 1 5   ? -10.969 -0.710  9.577   1.00 35.75 ? 52  MET A CB  1 
ATOM   21   C CG  . MET A 1 5   ? -12.282 -0.804  8.822   1.00 37.49 ? 52  MET A CG  1 
ATOM   22   S SD  . MET A 1 5   ? -12.092 -0.108  7.174   1.00 38.60 ? 52  MET A SD  1 
ATOM   23   C CE  . MET A 1 5   ? -11.443 -1.489  6.254   1.00 40.21 ? 52  MET A CE  1 
ATOM   24   N N   . TRP A 1 6   ? -8.570  -1.909  11.185  1.00 30.98 ? 53  TRP A N   1 
ATOM   25   C CA  . TRP A 1 6   ? -7.246  -1.717  11.769  1.00 29.54 ? 53  TRP A CA  1 
ATOM   26   C C   . TRP A 1 6   ? -6.181  -2.063  10.738  1.00 27.17 ? 53  TRP A C   1 
ATOM   27   O O   . TRP A 1 6   ? -6.492  -2.634  9.693   1.00 26.62 ? 53  TRP A O   1 
ATOM   28   C CB  . TRP A 1 6   ? -7.083  -2.538  13.056  1.00 29.91 ? 53  TRP A CB  1 
ATOM   29   C CG  . TRP A 1 6   ? -7.053  -4.035  12.874  1.00 30.15 ? 53  TRP A CG  1 
ATOM   30   C CD1 . TRP A 1 6   ? -5.950  -4.842  12.824  1.00 33.36 ? 53  TRP A CD1 1 
ATOM   31   C CD2 . TRP A 1 6   ? -8.184  -4.892  12.738  1.00 31.54 ? 53  TRP A CD2 1 
ATOM   32   N NE1 . TRP A 1 6   ? -6.330  -6.154  12.679  1.00 32.68 ? 53  TRP A NE1 1 
ATOM   33   C CE2 . TRP A 1 6   ? -7.697  -6.212  12.617  1.00 33.39 ? 53  TRP A CE2 1 
ATOM   34   C CE3 . TRP A 1 6   ? -9.563  -4.670  12.715  1.00 32.69 ? 53  TRP A CE3 1 
ATOM   35   C CZ2 . TRP A 1 6   ? -8.544  -7.310  12.455  1.00 32.62 ? 53  TRP A CZ2 1 
ATOM   36   C CZ3 . TRP A 1 6   ? -10.415 -5.775  12.572  1.00 33.54 ? 53  TRP A CZ3 1 
ATOM   37   C CH2 . TRP A 1 6   ? -9.891  -7.070  12.444  1.00 31.43 ? 53  TRP A CH2 1 
ATOM   38   N N   . ILE A 1 7   ? -4.935  -1.707  11.023  1.00 26.75 ? 54  ILE A N   1 
ATOM   39   C CA  . ILE A 1 7   ? -3.825  -1.983  10.086  1.00 27.05 ? 54  ILE A CA  1 
ATOM   40   C C   . ILE A 1 7   ? -2.710  -2.793  10.740  1.00 28.45 ? 54  ILE A C   1 
ATOM   41   O O   . ILE A 1 7   ? -2.513  -2.720  11.954  1.00 27.18 ? 54  ILE A O   1 
ATOM   42   C CB  . ILE A 1 7   ? -3.223  -0.694  9.431   1.00 26.79 ? 54  ILE A CB  1 
ATOM   43   C CG1 . ILE A 1 7   ? -2.606  0.258   10.497  1.00 25.25 ? 54  ILE A CG1 1 
ATOM   44   C CG2 . ILE A 1 7   ? -4.274  -0.060  8.457   1.00 25.27 ? 54  ILE A CG2 1 
ATOM   45   C CD1 . ILE A 1 7   ? -2.011  1.535   9.951   1.00 27.78 ? 54  ILE A CD1 1 
ATOM   46   N N   . GLU A 1 8   ? -2.006  -3.577  9.930   1.00 28.45 ? 55  GLU A N   1 
ATOM   47   C CA  . GLU A 1 8   ? -0.949  -4.451  10.453  1.00 30.49 ? 55  GLU A CA  1 
ATOM   48   C C   . GLU A 1 8   ? 0.249   -4.335  9.510   1.00 28.98 ? 55  GLU A C   1 
ATOM   49   O O   . GLU A 1 8   ? 0.100   -4.522  8.296   1.00 28.49 ? 55  GLU A O   1 
ATOM   50   C CB  . GLU A 1 8   ? -1.449  -5.887  10.489  1.00 30.77 ? 55  GLU A CB  1 
ATOM   51   C CG  . GLU A 1 8   ? -2.691  -6.141  11.376  1.00 33.82 ? 55  GLU A CG  1 
ATOM   52   C CD  . GLU A 1 8   ? -3.164  -7.581  11.326  1.00 36.01 ? 55  GLU A CD  1 
ATOM   53   O OE1 . GLU A 1 8   ? -2.702  -8.340  10.431  1.00 43.85 ? 55  GLU A OE1 1 
ATOM   54   O OE2 . GLU A 1 8   ? -3.976  -7.969  12.192  1.00 39.87 ? 55  GLU A OE2 1 
ATOM   55   N N   . ARG A 1 9   ? 1.414   -4.016  10.056  1.00 28.09 ? 56  ARG A N   1 
ATOM   56   C CA  . ARG A 1 9   ? 2.628   -3.871  9.252   1.00 28.60 ? 56  ARG A CA  1 
ATOM   57   C C   . ARG A 1 9   ? 3.038   -5.238  8.718   1.00 28.90 ? 56  ARG A C   1 
ATOM   58   O O   . ARG A 1 9   ? 3.158   -6.191  9.486   1.00 29.49 ? 56  ARG A O   1 
ATOM   59   C CB  . ARG A 1 9   ? 3.769   -3.247  10.063  1.00 28.36 ? 56  ARG A CB  1 
ATOM   60   C CG  . ARG A 1 9   ? 4.874   -2.654  9.198   1.00 29.48 ? 56  ARG A CG  1 
ATOM   61   C CD  . ARG A 1 9   ? 5.975   -1.954  10.005  1.00 28.80 ? 56  ARG A CD  1 
ATOM   62   N NE  . ARG A 1 9   ? 7.018   -1.417  9.122   1.00 33.79 ? 56  ARG A NE  1 
ATOM   63   C CZ  . ARG A 1 9   ? 8.038   -2.127  8.634   1.00 32.89 ? 56  ARG A CZ  1 
ATOM   64   N NH1 . ARG A 1 9   ? 8.156   -3.414  8.932   1.00 34.69 ? 56  ARG A NH1 1 
ATOM   65   N NH2 . ARG A 1 9   ? 8.924   -1.559  7.834   1.00 32.68 ? 56  ARG A NH2 1 
ATOM   66   N N   . THR A 1 10  ? 3.277   -5.340  7.412   1.00 27.71 ? 57  THR A N   1 
ATOM   67   C CA  . THR A 1 10  ? 3.511   -6.662  6.839   1.00 27.79 ? 57  THR A CA  1 
ATOM   68   C C   . THR A 1 10  ? 4.789   -6.740  6.020   1.00 27.65 ? 57  THR A C   1 
ATOM   69   O O   . THR A 1 10  ? 5.227   -7.833  5.659   1.00 28.46 ? 57  THR A O   1 
ATOM   70   C CB  . THR A 1 10  ? 2.272   -7.206  6.086   1.00 28.05 ? 57  THR A CB  1 
ATOM   71   O OG1 . THR A 1 10  ? 2.455   -8.609  5.787   1.00 29.91 ? 57  THR A OG1 1 
ATOM   72   C CG2 . THR A 1 10  ? 2.008   -6.397  4.811   1.00 26.34 ? 57  THR A CG2 1 
ATOM   73   N N   . ALA A 1 11  ? 5.374   -5.581  5.712   1.00 27.69 ? 58  ALA A N   1 
ATOM   74   C CA  . ALA A 1 11  ? 6.610   -5.528  4.948   1.00 27.57 ? 58  ALA A CA  1 
ATOM   75   C C   . ALA A 1 11  ? 7.321   -4.196  5.072   1.00 27.01 ? 58  ALA A C   1 
ATOM   76   O O   . ALA A 1 11  ? 6.699   -3.164  5.447   1.00 28.07 ? 58  ALA A O   1 
ATOM   77   C CB  . ALA A 1 11  ? 6.331   -5.857  3.443   1.00 26.50 ? 58  ALA A CB  1 
ATOM   78   N N   . ASP A 1 12  ? 8.623   -4.196  4.769   1.00 26.48 ? 59  ASP A N   1 
ATOM   79   C CA  . ASP A 1 12  ? 9.351   -2.956  4.570   1.00 27.32 ? 59  ASP A CA  1 
ATOM   80   C C   . ASP A 1 12  ? 9.097   -2.478  3.146   1.00 26.63 ? 59  ASP A C   1 
ATOM   81   O O   . ASP A 1 12  ? 8.691   -3.260  2.285   1.00 26.60 ? 59  ASP A O   1 
ATOM   82   C CB  . ASP A 1 12  ? 10.880  -3.163  4.739   1.00 27.73 ? 59  ASP A CB  1 
ATOM   83   C CG  . ASP A 1 12  ? 11.282  -3.754  6.099   1.00 33.00 ? 59  ASP A CG  1 
ATOM   84   O OD1 . ASP A 1 12  ? 10.597  -3.549  7.113   1.00 34.17 ? 59  ASP A OD1 1 
ATOM   85   O OD2 . ASP A 1 12  ? 12.357  -4.406  6.158   1.00 37.50 ? 59  ASP A OD2 1 
ATOM   86   N N   . ILE A 1 13  ? 9.398   -1.208  2.889   1.00 27.00 ? 60  ILE A N   1 
ATOM   87   C CA  . ILE A 1 13  ? 9.354   -0.627  1.555   1.00 26.10 ? 60  ILE A CA  1 
ATOM   88   C C   . ILE A 1 13  ? 10.736  -0.711  0.874   1.00 26.41 ? 60  ILE A C   1 
ATOM   89   O O   . ILE A 1 13  ? 11.670  0.037   1.229   1.00 27.00 ? 60  ILE A O   1 
ATOM   90   C CB  . ILE A 1 13  ? 8.887   0.861   1.585   1.00 26.00 ? 60  ILE A CB  1 
ATOM   91   C CG1 . ILE A 1 13  ? 7.547   1.047   2.337   1.00 26.77 ? 60  ILE A CG1 1 
ATOM   92   C CG2 . ILE A 1 13  ? 8.804   1.420   0.167   1.00 24.89 ? 60  ILE A CG2 1 
ATOM   93   C CD1 . ILE A 1 13  ? 7.213   2.543   2.639   1.00 25.50 ? 60  ILE A CD1 1 
ATOM   94   N N   . SER A 1 14  ? 10.875  -1.599  -0.111  1.00 26.22 ? 61  SER A N   1 
ATOM   95   C CA  . SER A 1 14  ? 12.132  -1.671  -0.860  1.00 26.12 ? 61  SER A CA  1 
ATOM   96   C C   . SER A 1 14  ? 11.944  -2.293  -2.214  1.00 26.12 ? 61  SER A C   1 
ATOM   97   O O   . SER A 1 14  ? 11.010  -3.055  -2.435  1.00 25.54 ? 61  SER A O   1 
ATOM   98   C CB  . SER A 1 14  ? 13.201  -2.483  -0.096  1.00 26.40 ? 61  SER A CB  1 
ATOM   99   O OG  . SER A 1 14  ? 12.879  -3.873  -0.068  1.00 27.71 ? 61  SER A OG  1 
ATOM   100  N N   . TRP A 1 15  ? 12.855  -1.936  -3.115  1.00 26.30 ? 62  TRP A N   1 
ATOM   101  C CA  . TRP A 1 15  ? 13.075  -2.672  -4.343  1.00 28.46 ? 62  TRP A CA  1 
ATOM   102  C C   . TRP A 1 15  ? 13.833  -3.904  -3.924  1.00 29.42 ? 62  TRP A C   1 
ATOM   103  O O   . TRP A 1 15  ? 14.673  -3.830  -3.007  1.00 31.18 ? 62  TRP A O   1 
ATOM   104  C CB  . TRP A 1 15  ? 13.968  -1.820  -5.232  1.00 28.86 ? 62  TRP A CB  1 
ATOM   105  C CG  . TRP A 1 15  ? 14.313  -2.382  -6.557  1.00 28.59 ? 62  TRP A CG  1 
ATOM   106  C CD1 . TRP A 1 15  ? 15.401  -3.167  -6.880  1.00 31.11 ? 62  TRP A CD1 1 
ATOM   107  C CD2 . TRP A 1 15  ? 13.609  -2.148  -7.770  1.00 30.99 ? 62  TRP A CD2 1 
ATOM   108  N NE1 . TRP A 1 15  ? 15.389  -3.455  -8.229  1.00 30.68 ? 62  TRP A NE1 1 
ATOM   109  C CE2 . TRP A 1 15  ? 14.298  -2.844  -8.800  1.00 30.64 ? 62  TRP A CE2 1 
ATOM   110  C CE3 . TRP A 1 15  ? 12.428  -1.456  -8.086  1.00 31.12 ? 62  TRP A CE3 1 
ATOM   111  C CZ2 . TRP A 1 15  ? 13.856  -2.841  -10.135 1.00 31.22 ? 62  TRP A CZ2 1 
ATOM   112  C CZ3 . TRP A 1 15  ? 11.998  -1.426  -9.418  1.00 31.24 ? 62  TRP A CZ3 1 
ATOM   113  C CH2 . TRP A 1 15  ? 12.711  -2.123  -10.426 1.00 31.26 ? 62  TRP A CH2 1 
ATOM   114  N N   . GLU A 1 16  ? 13.544  -5.035  -4.553  1.00 28.83 ? 63  GLU A N   1 
ATOM   115  C CA  . GLU A 1 16  ? 14.228  -6.276  -4.215  1.00 30.05 ? 63  GLU A CA  1 
ATOM   116  C C   . GLU A 1 16  ? 15.077  -6.783  -5.383  1.00 29.73 ? 63  GLU A C   1 
ATOM   117  O O   . GLU A 1 16  ? 14.540  -7.057  -6.443  1.00 28.22 ? 63  GLU A O   1 
ATOM   118  C CB  . GLU A 1 16  ? 13.200  -7.340  -3.846  1.00 29.79 ? 63  GLU A CB  1 
ATOM   119  C CG  . GLU A 1 16  ? 12.530  -7.074  -2.492  1.00 35.77 ? 63  GLU A CG  1 
ATOM   120  C CD  . GLU A 1 16  ? 13.501  -7.210  -1.322  1.00 39.19 ? 63  GLU A CD  1 
ATOM   121  O OE1 . GLU A 1 16  ? 13.735  -8.353  -0.900  1.00 44.05 ? 63  GLU A OE1 1 
ATOM   122  O OE2 . GLU A 1 16  ? 14.023  -6.184  -0.826  1.00 43.55 ? 63  GLU A OE2 1 
ATOM   123  N N   . SER A 1 17  ? 16.390  -6.939  -5.178  1.00 30.78 ? 64  SER A N   1 
ATOM   124  C CA  . SER A 1 17  ? 17.268  -7.496  -6.227  1.00 32.15 ? 64  SER A CA  1 
ATOM   125  C C   . SER A 1 17  ? 16.761  -8.802  -6.816  1.00 32.07 ? 64  SER A C   1 
ATOM   126  O O   . SER A 1 17  ? 16.800  -8.979  -8.021  1.00 33.19 ? 64  SER A O   1 
ATOM   127  C CB  . SER A 1 17  ? 18.682  -7.734  -5.675  1.00 32.17 ? 64  SER A CB  1 
ATOM   128  O OG  . SER A 1 17  ? 19.222  -6.498  -5.280  1.00 36.76 ? 64  SER A OG  1 
ATOM   129  N N   . ASP A 1 18  ? 16.321  -9.725  -5.967  1.00 32.30 ? 65  ASP A N   1 
ATOM   130  C CA  . ASP A 1 18  ? 15.907  -11.059 -6.418  1.00 34.53 ? 65  ASP A CA  1 
ATOM   131  C C   . ASP A 1 18  ? 14.680  -11.062 -7.331  1.00 34.54 ? 65  ASP A C   1 
ATOM   132  O O   . ASP A 1 18  ? 14.535  -11.945 -8.197  1.00 35.35 ? 65  ASP A O   1 
ATOM   133  C CB  . ASP A 1 18  ? 15.706  -11.983 -5.221  1.00 35.43 ? 65  ASP A CB  1 
ATOM   134  C CG  . ASP A 1 18  ? 17.004  -12.207 -4.458  1.00 38.92 ? 65  ASP A CG  1 
ATOM   135  O OD1 . ASP A 1 18  ? 18.085  -12.135 -5.104  1.00 43.02 ? 65  ASP A OD1 1 
ATOM   136  O OD2 . ASP A 1 18  ? 16.961  -12.408 -3.227  1.00 43.73 ? 65  ASP A OD2 1 
ATOM   137  N N   . ALA A 1 19  ? 13.801  -10.077 -7.138  1.00 34.36 ? 66  ALA A N   1 
ATOM   138  C CA  . ALA A 1 19  ? 12.658  -9.858  -8.059  1.00 34.25 ? 66  ALA A CA  1 
ATOM   139  C C   . ALA A 1 19  ? 13.115  -9.387  -9.438  1.00 34.97 ? 66  ALA A C   1 
ATOM   140  O O   . ALA A 1 19  ? 12.502  -9.728  -10.461 1.00 34.27 ? 66  ALA A O   1 
ATOM   141  C CB  . ALA A 1 19  ? 11.656  -8.849  -7.454  1.00 33.14 ? 66  ALA A CB  1 
ATOM   142  N N   . GLU A 1 20  ? 14.180  -8.585  -9.463  1.00 36.18 ? 67  GLU A N   1 
ATOM   143  C CA  . GLU A 1 20  ? 14.750  -8.073  -10.705 1.00 38.17 ? 67  GLU A CA  1 
ATOM   144  C C   . GLU A 1 20  ? 15.239  -9.223  -11.560 1.00 39.09 ? 67  GLU A C   1 
ATOM   145  O O   . GLU A 1 20  ? 15.053  -9.229  -12.777 1.00 40.49 ? 67  GLU A O   1 
ATOM   146  C CB  . GLU A 1 20  ? 15.893  -7.077  -10.409 1.00 38.24 ? 67  GLU A CB  1 
ATOM   147  C CG  . GLU A 1 20  ? 16.168  -6.118  -11.547 1.00 39.02 ? 67  GLU A CG  1 
ATOM   148  C CD  . GLU A 1 20  ? 17.166  -5.017  -11.217 1.00 39.29 ? 67  GLU A CD  1 
ATOM   149  O OE1 . GLU A 1 20  ? 17.155  -4.464  -10.096 1.00 38.13 ? 67  GLU A OE1 1 
ATOM   150  O OE2 . GLU A 1 20  ? 17.964  -4.688  -12.117 1.00 43.11 ? 67  GLU A OE2 1 
ATOM   151  N N   . ILE A 1 21  ? 15.840  -10.215 -10.919 1.00 39.97 ? 68  ILE A N   1 
ATOM   152  C CA  . ILE A 1 21  ? 16.480  -11.311 -11.633 1.00 41.50 ? 68  ILE A CA  1 
ATOM   153  C C   . ILE A 1 21  ? 15.480  -12.358 -12.152 1.00 41.10 ? 68  ILE A C   1 
ATOM   154  O O   . ILE A 1 21  ? 15.654  -12.898 -13.238 1.00 41.94 ? 68  ILE A O   1 
ATOM   155  C CB  . ILE A 1 21  ? 17.630  -11.943 -10.783 1.00 41.55 ? 68  ILE A CB  1 
ATOM   156  C CG1 . ILE A 1 21  ? 18.568  -10.838 -10.269 1.00 42.48 ? 68  ILE A CG1 1 
ATOM   157  C CG2 . ILE A 1 21  ? 18.437  -12.941 -11.614 1.00 43.57 ? 68  ILE A CG2 1 
ATOM   158  C CD1 . ILE A 1 21  ? 19.392  -11.214 -9.012  1.00 42.02 ? 68  ILE A CD1 1 
ATOM   159  N N   . THR A 1 22  ? 14.432  -12.647 -11.378 1.00 40.75 ? 69  THR A N   1 
ATOM   160  C CA  . THR A 1 22  ? 13.478  -13.701 -11.757 1.00 39.84 ? 69  THR A CA  1 
ATOM   161  C C   . THR A 1 22  ? 12.076  -13.173 -12.079 1.00 39.07 ? 69  THR A C   1 
ATOM   162  O O   . THR A 1 22  ? 11.222  -13.922 -12.547 1.00 39.05 ? 69  THR A O   1 
ATOM   163  C CB  . THR A 1 22  ? 13.300  -14.688 -10.613 1.00 40.09 ? 69  THR A CB  1 
ATOM   164  O OG1 . THR A 1 22  ? 12.843  -13.969 -9.463  1.00 40.61 ? 69  THR A OG1 1 
ATOM   165  C CG2 . THR A 1 22  ? 14.608  -15.390 -10.284 1.00 40.30 ? 69  THR A CG2 1 
ATOM   166  N N   . GLY A 1 23  ? 11.821  -11.908 -11.778 1.00 36.99 ? 70  GLY A N   1 
ATOM   167  C CA  . GLY A 1 23  ? 10.513  -11.317 -12.047 1.00 35.40 ? 70  GLY A CA  1 
ATOM   168  C C   . GLY A 1 23  ? 9.598   -11.259 -10.834 1.00 34.32 ? 70  GLY A C   1 
ATOM   169  O O   . GLY A 1 23  ? 8.728   -10.408 -10.757 1.00 32.42 ? 70  GLY A O   1 
ATOM   170  N N   . SER A 1 24  ? 9.807   -12.166 -9.890  1.00 33.29 ? 71  SER A N   1 
ATOM   171  C CA  . SER A 1 24  ? 8.958   -12.306 -8.701  1.00 34.22 ? 71  SER A CA  1 
ATOM   172  C C   . SER A 1 24  ? 9.782   -12.888 -7.567  1.00 34.14 ? 71  SER A C   1 
ATOM   173  O O   . SER A 1 24  ? 10.358  -13.978 -7.717  1.00 34.93 ? 71  SER A O   1 
ATOM   174  C CB  . SER A 1 24  ? 7.816   -13.282 -8.988  1.00 33.84 ? 71  SER A CB  1 
ATOM   175  O OG  . SER A 1 24  ? 6.865   -13.312 -7.931  1.00 37.67 ? 71  SER A OG  1 
ATOM   176  N N   . SER A 1 25  ? 9.818   -12.208 -6.420  1.00 32.74 ? 72  SER A N   1 
ATOM   177  C CA  . SER A 1 25  ? 10.484  -12.777 -5.260  1.00 31.95 ? 72  SER A CA  1 
ATOM   178  C C   . SER A 1 25  ? 9.698   -12.526 -3.987  1.00 30.77 ? 72  SER A C   1 
ATOM   179  O O   . SER A 1 25  ? 9.266   -11.407 -3.736  1.00 28.79 ? 72  SER A O   1 
ATOM   180  C CB  . SER A 1 25  ? 11.881  -12.169 -5.083  1.00 32.15 ? 72  SER A CB  1 
ATOM   181  O OG  . SER A 1 25  ? 12.590  -12.913 -4.120  1.00 37.19 ? 72  SER A OG  1 
ATOM   182  N N   . GLU A 1 26  ? 9.530   -13.573 -3.194  1.00 30.58 ? 73  GLU A N   1 
ATOM   183  C CA  . GLU A 1 26  ? 8.984   -13.403 -1.864  1.00 30.74 ? 73  GLU A CA  1 
ATOM   184  C C   . GLU A 1 26  ? 9.939   -12.537 -1.033  1.00 30.04 ? 73  GLU A C   1 
ATOM   185  O O   . GLU A 1 26  ? 11.148  -12.629 -1.177  1.00 29.70 ? 73  GLU A O   1 
ATOM   186  C CB  . GLU A 1 26  ? 8.766   -14.753 -1.220  1.00 31.34 ? 73  GLU A CB  1 
ATOM   187  C CG  . GLU A 1 26  ? 7.894   -14.662 -0.012  1.00 35.37 ? 73  GLU A CG  1 
ATOM   188  C CD  . GLU A 1 26  ? 7.589   -16.012 0.566   1.00 39.82 ? 73  GLU A CD  1 
ATOM   189  O OE1 . GLU A 1 26  ? 6.765   -16.740 -0.039  1.00 37.71 ? 73  GLU A OE1 1 
ATOM   190  O OE2 . GLU A 1 26  ? 8.191   -16.330 1.622   1.00 42.73 ? 73  GLU A OE2 1 
ATOM   191  N N   . ARG A 1 27  ? 9.400   -11.653 -0.205  1.00 30.05 ? 74  ARG A N   1 
ATOM   192  C CA  . ARG A 1 27  ? 10.260  -10.755 0.578   1.00 30.16 ? 74  ARG A CA  1 
ATOM   193  C C   . ARG A 1 27  ? 10.855  -11.506 1.778   1.00 31.75 ? 74  ARG A C   1 
ATOM   194  O O   . ARG A 1 27  ? 10.261  -12.456 2.267   1.00 30.26 ? 74  ARG A O   1 
ATOM   195  C CB  . ARG A 1 27  ? 9.467   -9.539  1.088   1.00 29.59 ? 74  ARG A CB  1 
ATOM   196  C CG  . ARG A 1 27  ? 9.129   -8.502  0.002   1.00 27.56 ? 74  ARG A CG  1 
ATOM   197  C CD  . ARG A 1 27  ? 8.552   -7.212  0.614   1.00 27.40 ? 74  ARG A CD  1 
ATOM   198  N NE  . ARG A 1 27  ? 9.572   -6.510  1.406   1.00 26.23 ? 74  ARG A NE  1 
ATOM   199  C CZ  . ARG A 1 27  ? 10.420  -5.622  0.910   1.00 26.19 ? 74  ARG A CZ  1 
ATOM   200  N NH1 . ARG A 1 27  ? 11.339  -5.082  1.709   1.00 24.02 ? 74  ARG A NH1 1 
ATOM   201  N NH2 . ARG A 1 27  ? 10.343  -5.257  -0.372  1.00 23.71 ? 74  ARG A NH2 1 
ATOM   202  N N   . VAL A 1 28  ? 12.016  -11.053 2.248   1.00 33.61 ? 75  VAL A N   1 
ATOM   203  C CA  . VAL A 1 28  ? 12.625  -11.612 3.455   1.00 36.26 ? 75  VAL A CA  1 
ATOM   204  C C   . VAL A 1 28  ? 12.761  -10.520 4.517   1.00 36.99 ? 75  VAL A C   1 
ATOM   205  O O   . VAL A 1 28  ? 13.867  -10.048 4.783   1.00 38.66 ? 75  VAL A O   1 
ATOM   206  C CB  . VAL A 1 28  ? 14.018  -12.258 3.165   1.00 36.35 ? 75  VAL A CB  1 
ATOM   207  C CG1 . VAL A 1 28  ? 14.467  -13.093 4.353   1.00 37.48 ? 75  VAL A CG1 1 
ATOM   208  C CG2 . VAL A 1 28  ? 13.970  -13.132 1.921   1.00 37.03 ? 75  VAL A CG2 1 
ATOM   209  N N   . ASP A 1 29  ? 11.631  -10.108 5.097   1.00 37.12 ? 76  ASP A N   1 
ATOM   210  C CA  . ASP A 1 29  ? 11.610  -9.070  6.126   1.00 37.59 ? 76  ASP A CA  1 
ATOM   211  C C   . ASP A 1 29  ? 11.458  -9.746  7.490   1.00 38.89 ? 76  ASP A C   1 
ATOM   212  O O   . ASP A 1 29  ? 10.374  -10.175 7.861   1.00 40.10 ? 76  ASP A O   1 
ATOM   213  C CB  . ASP A 1 29  ? 10.432  -8.141  5.936   1.00 36.08 ? 76  ASP A CB  1 
ATOM   214  C CG  . ASP A 1 29  ? 10.490  -7.383  4.642   1.00 32.10 ? 76  ASP A CG  1 
ATOM   215  O OD1 . ASP A 1 29  ? 11.599  -7.058  4.157   1.00 27.72 ? 76  ASP A OD1 1 
ATOM   216  O OD2 . ASP A 1 29  ? 9.400   -7.066  4.161   1.00 25.31 ? 76  ASP A OD2 1 
ATOM   217  N N   . VAL A 1 30  ? 12.541  -9.845  8.229   1.00 40.01 ? 77  VAL A N   1 
ATOM   218  C CA  . VAL A 1 30  ? 12.475  -10.634 9.450   1.00 41.70 ? 77  VAL A CA  1 
ATOM   219  C C   . VAL A 1 30  ? 12.691  -9.788  10.707  1.00 41.91 ? 77  VAL A C   1 
ATOM   220  O O   . VAL A 1 30  ? 13.419  -8.788  10.691  1.00 41.98 ? 77  VAL A O   1 
ATOM   221  C CB  . VAL A 1 30  ? 13.474  -11.802 9.408   1.00 41.66 ? 77  VAL A CB  1 
ATOM   222  C CG1 . VAL A 1 30  ? 13.071  -12.808 8.319   1.00 42.43 ? 77  VAL A CG1 1 
ATOM   223  C CG2 . VAL A 1 30  ? 14.909  -11.281 9.183   1.00 43.15 ? 77  VAL A CG2 1 
ATOM   224  N N   A ARG A 1 31  ? 12.010  -10.175 11.779  0.50 42.25 ? 78  ARG A N   1 
ATOM   225  N N   B ARG A 1 31  ? 12.043  -10.221 11.786  0.50 42.35 ? 78  ARG A N   1 
ATOM   226  C CA  A ARG A 1 31  ? 12.303  -9.637  13.090  0.50 42.33 ? 78  ARG A CA  1 
ATOM   227  C CA  B ARG A 1 31  ? 12.234  -9.659  13.107  0.50 42.53 ? 78  ARG A CA  1 
ATOM   228  C C   A ARG A 1 31  ? 12.763  -10.775 13.988  0.50 42.71 ? 78  ARG A C   1 
ATOM   229  C C   B ARG A 1 31  ? 12.688  -10.765 14.058  0.50 42.82 ? 78  ARG A C   1 
ATOM   230  O O   A ARG A 1 31  ? 12.328  -11.917 13.828  0.50 42.17 ? 78  ARG A O   1 
ATOM   231  O O   B ARG A 1 31  ? 12.170  -11.881 14.006  0.50 42.41 ? 78  ARG A O   1 
ATOM   232  C CB  A ARG A 1 31  ? 11.093  -8.908  13.677  0.50 42.75 ? 78  ARG A CB  1 
ATOM   233  C CB  B ARG A 1 31  ? 10.933  -9.025  13.588  0.50 42.91 ? 78  ARG A CB  1 
ATOM   234  C CG  A ARG A 1 31  ? 10.665  -7.635  12.914  0.50 42.26 ? 78  ARG A CG  1 
ATOM   235  C CG  B ARG A 1 31  ? 10.616  -7.667  12.936  0.50 42.80 ? 78  ARG A CG  1 
ATOM   236  C CD  A ARG A 1 31  ? 11.814  -6.654  12.693  0.50 42.10 ? 78  ARG A CD  1 
ATOM   237  C CD  B ARG A 1 31  ? 9.411   -6.999  13.595  0.50 42.78 ? 78  ARG A CD  1 
ATOM   238  N NE  A ARG A 1 31  ? 11.420  -5.570  11.794  0.50 41.96 ? 78  ARG A NE  1 
ATOM   239  N NE  B ARG A 1 31  ? 9.472   -7.092  15.050  0.50 43.99 ? 78  ARG A NE  1 
ATOM   240  C CZ  A ARG A 1 31  ? 12.177  -5.083  10.814  0.50 41.53 ? 78  ARG A CZ  1 
ATOM   241  C CZ  B ARG A 1 31  ? 10.139  -6.252  15.843  0.50 44.32 ? 78  ARG A CZ  1 
ATOM   242  N NH1 A ARG A 1 31  ? 11.714  -4.091  10.047  0.50 41.22 ? 78  ARG A NH1 1 
ATOM   243  N NH1 B ARG A 1 31  ? 10.130  -6.455  17.152  0.50 46.29 ? 78  ARG A NH1 1 
ATOM   244  N NH2 A ARG A 1 31  ? 13.390  -5.572  10.596  0.50 39.91 ? 78  ARG A NH2 1 
ATOM   245  N NH2 B ARG A 1 31  ? 10.809  -5.220  15.341  0.50 42.22 ? 78  ARG A NH2 1 
ATOM   246  N N   . LEU A 1 32  ? 13.668  -10.453 14.907  1.00 42.85 ? 79  LEU A N   1 
ATOM   247  C CA  . LEU A 1 32  ? 14.262  -11.434 15.815  1.00 43.49 ? 79  LEU A CA  1 
ATOM   248  C C   . LEU A 1 32  ? 13.949  -11.099 17.265  1.00 43.99 ? 79  LEU A C   1 
ATOM   249  O O   . LEU A 1 32  ? 14.161  -9.973  17.688  1.00 44.30 ? 79  LEU A O   1 
ATOM   250  C CB  . LEU A 1 32  ? 15.785  -11.504 15.605  1.00 43.73 ? 79  LEU A CB  1 
ATOM   251  C CG  . LEU A 1 32  ? 16.323  -12.017 14.255  1.00 45.74 ? 79  LEU A CG  1 
ATOM   252  C CD1 . LEU A 1 32  ? 17.856  -12.018 14.205  1.00 45.50 ? 79  LEU A CD1 1 
ATOM   253  C CD2 . LEU A 1 32  ? 15.836  -13.416 13.967  1.00 46.26 ? 79  LEU A CD2 1 
ATOM   254  N N   . ASP A 1 33  ? 13.434  -12.058 18.035  1.00 44.46 ? 80  ASP A N   1 
ATOM   255  C CA  . ASP A 1 33  ? 13.218  -11.795 19.458  1.00 44.87 ? 80  ASP A CA  1 
ATOM   256  C C   . ASP A 1 33  ? 14.558  -11.799 20.210  1.00 45.78 ? 80  ASP A C   1 
ATOM   257  O O   . ASP A 1 33  ? 15.624  -11.760 19.579  1.00 45.94 ? 80  ASP A O   1 
ATOM   258  C CB  . ASP A 1 33  ? 12.172  -12.742 20.053  1.00 44.79 ? 80  ASP A CB  1 
ATOM   259  C CG  . ASP A 1 33  ? 12.622  -14.195 20.102  1.00 42.93 ? 80  ASP A CG  1 
ATOM   260  O OD1 . ASP A 1 33  ? 13.832  -14.491 20.085  1.00 42.68 ? 80  ASP A OD1 1 
ATOM   261  O OD2 . ASP A 1 33  ? 11.727  -15.056 20.188  1.00 44.13 ? 80  ASP A OD2 1 
ATOM   262  N N   A ASP A 1 34  ? 14.517  -11.851 21.540  0.50 46.34 ? 81  ASP A N   1 
ATOM   263  N N   B ASP A 1 34  ? 14.484  -11.839 21.542  0.50 46.26 ? 81  ASP A N   1 
ATOM   264  C CA  A ASP A 1 34  ? 15.745  -11.785 22.337  0.50 46.79 ? 81  ASP A CA  1 
ATOM   265  C CA  B ASP A 1 34  ? 15.660  -11.832 22.424  0.50 46.62 ? 81  ASP A CA  1 
ATOM   266  C C   A ASP A 1 34  ? 16.743  -12.920 22.066  0.50 46.87 ? 81  ASP A C   1 
ATOM   267  C C   B ASP A 1 34  ? 16.706  -12.914 22.110  0.50 46.78 ? 81  ASP A C   1 
ATOM   268  O O   A ASP A 1 34  ? 17.960  -12.688 22.038  0.50 46.68 ? 81  ASP A O   1 
ATOM   269  O O   B ASP A 1 34  ? 17.914  -12.637 22.088  0.50 46.58 ? 81  ASP A O   1 
ATOM   270  C CB  A ASP A 1 34  ? 15.419  -11.691 23.827  0.50 46.95 ? 81  ASP A CB  1 
ATOM   271  C CB  B ASP A 1 34  ? 15.225  -11.913 23.899  0.50 46.68 ? 81  ASP A CB  1 
ATOM   272  C CG  A ASP A 1 34  ? 14.937  -10.309 24.230  0.50 47.73 ? 81  ASP A CG  1 
ATOM   273  C CG  B ASP A 1 34  ? 14.123  -12.947 24.145  0.50 47.17 ? 81  ASP A CG  1 
ATOM   274  O OD1 A ASP A 1 34  ? 15.387  -9.300  23.633  0.50 47.96 ? 81  ASP A OD1 1 
ATOM   275  O OD1 B ASP A 1 34  ? 13.426  -13.353 23.187  0.50 48.06 ? 81  ASP A OD1 1 
ATOM   276  O OD2 A ASP A 1 34  ? 14.114  -10.236 25.161  0.50 49.79 ? 81  ASP A OD2 1 
ATOM   277  O OD2 B ASP A 1 34  ? 13.945  -13.347 25.318  0.50 47.95 ? 81  ASP A OD2 1 
ATOM   278  N N   . ASP A 1 35  ? 16.223  -14.128 21.849  1.00 46.65 ? 82  ASP A N   1 
ATOM   279  C CA  . ASP A 1 35  ? 17.065  -15.317 21.623  1.00 46.26 ? 82  ASP A CA  1 
ATOM   280  C C   . ASP A 1 35  ? 17.619  -15.475 20.191  1.00 45.26 ? 82  ASP A C   1 
ATOM   281  O O   . ASP A 1 35  ? 18.417  -16.382 19.930  1.00 44.91 ? 82  ASP A O   1 
ATOM   282  C CB  . ASP A 1 35  ? 16.272  -16.561 22.013  1.00 46.89 ? 82  ASP A CB  1 
ATOM   283  C CG  . ASP A 1 35  ? 15.545  -16.387 23.335  1.00 50.55 ? 82  ASP A CG  1 
ATOM   284  O OD1 . ASP A 1 35  ? 16.213  -16.025 24.329  1.00 53.16 ? 82  ASP A OD1 1 
ATOM   285  O OD2 . ASP A 1 35  ? 14.305  -16.591 23.381  1.00 54.71 ? 82  ASP A OD2 1 
ATOM   286  N N   . GLY A 1 36  ? 17.206  -14.599 19.274  1.00 43.72 ? 83  GLY A N   1 
ATOM   287  C CA  . GLY A 1 36  ? 17.612  -14.719 17.865  1.00 42.10 ? 83  GLY A CA  1 
ATOM   288  C C   . GLY A 1 36  ? 16.610  -15.507 17.038  1.00 40.70 ? 83  GLY A C   1 
ATOM   289  O O   . GLY A 1 36  ? 16.900  -15.883 15.886  1.00 40.55 ? 83  GLY A O   1 
ATOM   290  N N   . ASN A 1 37  ? 15.431  -15.760 17.609  1.00 39.44 ? 84  ASN A N   1 
ATOM   291  C CA  . ASN A 1 37  ? 14.353  -16.429 16.877  1.00 38.62 ? 84  ASN A CA  1 
ATOM   292  C C   . ASN A 1 37  ? 13.631  -15.471 15.941  1.00 38.19 ? 84  ASN A C   1 
ATOM   293  O O   . ASN A 1 37  ? 13.351  -14.337 16.316  1.00 37.29 ? 84  ASN A O   1 
ATOM   294  C CB  . ASN A 1 37  ? 13.339  -17.090 17.813  1.00 38.70 ? 84  ASN A CB  1 
ATOM   295  C CG  . ASN A 1 37  ? 13.942  -18.243 18.628  1.00 39.70 ? 84  ASN A CG  1 
ATOM   296  O OD1 . ASN A 1 37  ? 14.962  -18.811 18.256  1.00 39.16 ? 84  ASN A OD1 1 
ATOM   297  N ND2 . ASN A 1 37  ? 13.315  -18.573 19.745  1.00 41.33 ? 84  ASN A ND2 1 
ATOM   298  N N   . PHE A 1 38  ? 13.309  -15.966 14.747  1.00 37.29 ? 85  PHE A N   1 
ATOM   299  C CA  . PHE A 1 38  ? 12.697  -15.191 13.669  1.00 37.01 ? 85  PHE A CA  1 
ATOM   300  C C   . PHE A 1 38  ? 11.196  -15.100 13.858  1.00 37.64 ? 85  PHE A C   1 
ATOM   301  O O   . PHE A 1 38  ? 10.546  -16.083 14.219  1.00 36.03 ? 85  PHE A O   1 
ATOM   302  C CB  . PHE A 1 38  ? 12.896  -15.913 12.320  1.00 36.26 ? 85  PHE A CB  1 
ATOM   303  C CG  . PHE A 1 38  ? 14.253  -15.750 11.700  1.00 36.10 ? 85  PHE A CG  1 
ATOM   304  C CD1 . PHE A 1 38  ? 14.387  -15.130 10.461  1.00 37.23 ? 85  PHE A CD1 1 
ATOM   305  C CD2 . PHE A 1 38  ? 15.382  -16.280 12.290  1.00 37.09 ? 85  PHE A CD2 1 
ATOM   306  C CE1 . PHE A 1 38  ? 15.640  -14.988 9.857   1.00 36.70 ? 85  PHE A CE1 1 
ATOM   307  C CE2 . PHE A 1 38  ? 16.647  -16.136 11.699  1.00 37.10 ? 85  PHE A CE2 1 
ATOM   308  C CZ  . PHE A 1 38  ? 16.773  -15.502 10.493  1.00 37.26 ? 85  PHE A CZ  1 
ATOM   309  N N   . GLN A 1 39  ? 10.648  -13.920 13.587  1.00 39.76 ? 86  GLN A N   1 
ATOM   310  C CA  . GLN A 1 39  ? 9.233   -13.776 13.229  1.00 41.97 ? 86  GLN A CA  1 
ATOM   311  C C   . GLN A 1 39  ? 9.171   -13.280 11.791  1.00 42.50 ? 86  GLN A C   1 
ATOM   312  O O   . GLN A 1 39  ? 9.924   -12.376 11.397  1.00 41.85 ? 86  GLN A O   1 
ATOM   313  C CB  . GLN A 1 39  ? 8.489   -12.786 14.131  1.00 42.61 ? 86  GLN A CB  1 
ATOM   314  C CG  . GLN A 1 39  ? 6.956   -12.968 14.025  1.00 46.90 ? 86  GLN A CG  1 
ATOM   315  C CD  . GLN A 1 39  ? 6.126   -11.737 14.385  1.00 51.04 ? 86  GLN A CD  1 
ATOM   316  O OE1 . GLN A 1 39  ? 6.633   -10.739 14.927  1.00 53.78 ? 86  GLN A OE1 1 
ATOM   317  N NE2 . GLN A 1 39  ? 4.818   -11.812 14.092  1.00 52.23 ? 86  GLN A NE2 1 
ATOM   318  N N   . LEU A 1 40  ? 8.285   -13.888 11.001  1.00 44.05 ? 87  LEU A N   1 
ATOM   319  C CA  . LEU A 1 40  ? 8.139   -13.497 9.602   1.00 45.16 ? 87  LEU A CA  1 
ATOM   320  C C   . LEU A 1 40  ? 6.991   -12.514 9.427   1.00 45.38 ? 87  LEU A C   1 
ATOM   321  O O   . LEU A 1 40  ? 5.820   -12.876 9.382   1.00 45.03 ? 87  LEU A O   1 
ATOM   322  C CB  . LEU A 1 40  ? 7.985   -14.696 8.653   1.00 45.71 ? 87  LEU A CB  1 
ATOM   323  C CG  . LEU A 1 40  ? 8.005   -14.257 7.175   1.00 46.78 ? 87  LEU A CG  1 
ATOM   324  C CD1 . LEU A 1 40  ? 9.416   -13.851 6.701   1.00 47.48 ? 87  LEU A CD1 1 
ATOM   325  C CD2 . LEU A 1 40  ? 7.400   -15.302 6.267   1.00 47.04 ? 87  LEU A CD2 1 
ATOM   326  N N   . MET A 1 41  ? 7.370   -11.259 9.328   1.00 45.85 ? 88  MET A N   1 
ATOM   327  C CA  . MET A 1 41  ? 6.449   -10.164 9.146   1.00 47.40 ? 88  MET A CA  1 
ATOM   328  C C   . MET A 1 41  ? 5.570   -10.346 7.886   1.00 46.49 ? 88  MET A C   1 
ATOM   329  O O   . MET A 1 41  ? 4.371   -10.019 7.897   1.00 46.08 ? 88  MET A O   1 
ATOM   330  C CB  . MET A 1 41  ? 7.303   -8.925  9.012   1.00 47.70 ? 88  MET A CB  1 
ATOM   331  C CG  . MET A 1 41  ? 6.581   -7.665  9.170   1.00 49.12 ? 88  MET A CG  1 
ATOM   332  S SD  . MET A 1 41  ? 7.637   -6.465  8.375   1.00 51.88 ? 88  MET A SD  1 
ATOM   333  C CE  . MET A 1 41  ? 6.541   -5.081  8.510   1.00 51.11 ? 88  MET A CE  1 
ATOM   334  N N   . ASN A 1 42  ? 6.175   -10.885 6.827   1.00 45.50 ? 89  ASN A N   1 
ATOM   335  C CA  . ASN A 1 42  ? 5.550   -11.013 5.495   1.00 45.05 ? 89  ASN A CA  1 
ATOM   336  C C   . ASN A 1 42  ? 4.428   -12.028 5.418   1.00 45.40 ? 89  ASN A C   1 
ATOM   337  O O   . ASN A 1 42  ? 3.664   -12.001 4.464   1.00 43.82 ? 89  ASN A O   1 
ATOM   338  C CB  . ASN A 1 42  ? 6.584   -11.398 4.433   1.00 44.27 ? 89  ASN A CB  1 
ATOM   339  C CG  . ASN A 1 42  ? 7.714   -10.415 4.332   1.00 44.24 ? 89  ASN A CG  1 
ATOM   340  O OD1 . ASN A 1 42  ? 7.507   -9.187  4.245   1.00 41.83 ? 89  ASN A OD1 1 
ATOM   341  N ND2 . ASN A 1 42  ? 8.937   -10.944 4.333   1.00 40.76 ? 89  ASN A ND2 1 
ATOM   342  N N   . ASP A 1 43  ? 4.372   -12.923 6.408   1.00 46.18 ? 90  ASP A N   1 
ATOM   343  C CA  . ASP A 1 43  ? 3.402   -14.018 6.470   1.00 48.22 ? 90  ASP A CA  1 
ATOM   344  C C   . ASP A 1 43  ? 1.994   -13.513 6.817   1.00 48.86 ? 90  ASP A C   1 
ATOM   345  O O   . ASP A 1 43  ? 1.833   -12.754 7.785   1.00 48.39 ? 90  ASP A O   1 
ATOM   346  C CB  . ASP A 1 43  ? 3.870   -15.058 7.515   1.00 48.58 ? 90  ASP A CB  1 
ATOM   347  C CG  . ASP A 1 43  ? 3.104   -16.376 7.438   1.00 50.41 ? 90  ASP A CG  1 
ATOM   348  O OD1 . ASP A 1 43  ? 1.879   -16.393 7.700   1.00 51.23 ? 90  ASP A OD1 1 
ATOM   349  O OD2 . ASP A 1 43  ? 3.740   -17.413 7.145   1.00 52.49 ? 90  ASP A OD2 1 
ATOM   350  N N   . PRO A 1 44  ? 0.964   -13.976 6.061   1.00 49.99 ? 91  PRO A N   1 
ATOM   351  C CA  . PRO A 1 44  ? -0.432  -13.567 6.296   1.00 50.99 ? 91  PRO A CA  1 
ATOM   352  C C   . PRO A 1 44  ? -1.028  -14.108 7.609   1.00 52.05 ? 91  PRO A C   1 
ATOM   353  O O   . PRO A 1 44  ? -2.099  -13.670 8.017   1.00 52.48 ? 91  PRO A O   1 
ATOM   354  C CB  . PRO A 1 44  ? -1.169  -14.164 5.100   1.00 50.43 ? 91  PRO A CB  1 
ATOM   355  C CG  . PRO A 1 44  ? -0.361  -15.365 4.745   1.00 50.33 ? 91  PRO A CG  1 
ATOM   356  C CD  . PRO A 1 44  ? 1.057   -14.947 4.951   1.00 49.82 ? 91  PRO A CD  1 
ATOM   357  N N   . GLY A 1 45  ? -0.328  -15.035 8.260   1.00 53.35 ? 92  GLY A N   1 
ATOM   358  C CA  . GLY A 1 45  ? -0.787  -15.633 9.517   1.00 54.71 ? 92  GLY A CA  1 
ATOM   359  C C   . GLY A 1 45  ? -0.014  -15.168 10.738  1.00 55.80 ? 92  GLY A C   1 
ATOM   360  O O   . GLY A 1 45  ? -0.458  -15.386 11.872  1.00 56.22 ? 92  GLY A O   1 
ATOM   361  N N   . ALA A 1 46  ? 1.130   -14.516 10.490  1.00 56.68 ? 93  ALA A N   1 
ATOM   362  C CA  . ALA A 1 46  ? 2.085   -14.052 11.516  1.00 57.14 ? 93  ALA A CA  1 
ATOM   363  C C   . ALA A 1 46  ? 1.478   -13.715 12.881  1.00 57.57 ? 93  ALA A C   1 
ATOM   364  O O   . ALA A 1 46  ? 1.646   -14.459 13.851  1.00 57.90 ? 93  ALA A O   1 
ATOM   365  C CB  . ALA A 1 46  ? 2.880   -12.858 10.984  1.00 57.25 ? 93  ALA A CB  1 
ATOM   366  N N   . PRO B 2 9   ? -10.097 5.085   28.800  1.00 63.24 ? 10  PRO B N   1 
ATOM   367  C CA  . PRO B 2 9   ? -10.564 4.779   27.451  1.00 63.09 ? 10  PRO B CA  1 
ATOM   368  C C   . PRO B 2 9   ? -9.752  5.581   26.432  1.00 62.94 ? 10  PRO B C   1 
ATOM   369  O O   . PRO B 2 9   ? -10.309 6.379   25.674  1.00 63.33 ? 10  PRO B O   1 
ATOM   370  C CB  . PRO B 2 9   ? -12.037 5.232   27.474  1.00 63.17 ? 10  PRO B CB  1 
ATOM   371  C CG  . PRO B 2 9   ? -12.410 5.299   28.928  1.00 63.32 ? 10  PRO B CG  1 
ATOM   372  C CD  . PRO B 2 9   ? -11.142 5.727   29.617  1.00 63.39 ? 10  PRO B CD  1 
ATOM   373  N N   . LYS B 2 10  ? -8.442  5.336   26.410  1.00 62.48 ? 11  LYS B N   1 
ATOM   374  C CA  . LYS B 2 10  ? -7.470  6.237   25.768  1.00 61.65 ? 11  LYS B CA  1 
ATOM   375  C C   . LYS B 2 10  ? -7.256  6.048   24.249  1.00 60.63 ? 11  LYS B C   1 
ATOM   376  O O   . LYS B 2 10  ? -6.164  5.655   23.801  1.00 60.40 ? 11  LYS B O   1 
ATOM   377  C CB  . LYS B 2 10  ? -6.126  6.186   26.512  1.00 61.83 ? 11  LYS B CB  1 
ATOM   378  C CG  . LYS B 2 10  ? -6.221  6.367   28.026  1.00 62.34 ? 11  LYS B CG  1 
ATOM   379  C CD  . LYS B 2 10  ? -4.835  6.288   28.671  1.00 62.15 ? 11  LYS B CD  1 
ATOM   380  C CE  . LYS B 2 10  ? -4.905  6.479   30.188  1.00 63.33 ? 11  LYS B CE  1 
ATOM   381  N NZ  . LYS B 2 10  ? -5.111  7.903   30.614  1.00 63.17 ? 11  LYS B NZ  1 
ATOM   382  N N   . GLU B 2 11  ? -8.309  6.334   23.478  1.00 58.90 ? 12  GLU B N   1 
ATOM   383  C CA  . GLU B 2 11  ? -8.213  6.531   22.026  1.00 57.32 ? 12  GLU B CA  1 
ATOM   384  C C   . GLU B 2 11  ? -8.384  8.021   21.703  1.00 55.06 ? 12  GLU B C   1 
ATOM   385  O O   . GLU B 2 11  ? -9.255  8.425   20.926  1.00 55.44 ? 12  GLU B O   1 
ATOM   386  C CB  . GLU B 2 11  ? -9.250  5.693   21.267  1.00 57.98 ? 12  GLU B CB  1 
ATOM   387  C CG  . GLU B 2 11  ? -8.947  4.187   21.220  1.00 60.03 ? 12  GLU B CG  1 
ATOM   388  C CD  . GLU B 2 11  ? -9.665  3.390   22.315  1.00 62.61 ? 12  GLU B CD  1 
ATOM   389  O OE1 . GLU B 2 11  ? -9.707  3.848   23.488  1.00 63.51 ? 12  GLU B OE1 1 
ATOM   390  O OE2 . GLU B 2 11  ? -10.189 2.296   21.998  1.00 62.66 ? 12  GLU B OE2 1 
ATOM   391  N N   . TYR B 2 12  ? -7.558  8.837   22.332  1.00 51.59 ? 13  TYR B N   1 
ATOM   392  C CA  . TYR B 2 12  ? -7.521  10.253  22.031  1.00 48.40 ? 13  TYR B CA  1 
ATOM   393  C C   . TYR B 2 12  ? -6.191  10.584  21.358  1.00 46.25 ? 13  TYR B C   1 
ATOM   394  O O   . TYR B 2 12  ? -5.836  11.758  21.204  1.00 46.63 ? 13  TYR B O   1 
ATOM   395  C CB  . TYR B 2 12  ? -7.678  11.059  23.326  1.00 48.41 ? 13  TYR B CB  1 
ATOM   396  C CG  . TYR B 2 12  ? -8.964  10.757  24.067  1.00 47.15 ? 13  TYR B CG  1 
ATOM   397  C CD1 . TYR B 2 12  ? -10.162 11.371  23.689  1.00 47.66 ? 13  TYR B CD1 1 
ATOM   398  C CD2 . TYR B 2 12  ? -8.983  9.865   25.137  1.00 47.47 ? 13  TYR B CD2 1 
ATOM   399  C CE1 . TYR B 2 12  ? -11.356 11.098  24.350  1.00 46.81 ? 13  TYR B CE1 1 
ATOM   400  C CE2 . TYR B 2 12  ? -10.176 9.589   25.825  1.00 47.84 ? 13  TYR B CE2 1 
ATOM   401  C CZ  . TYR B 2 12  ? -11.359 10.210  25.422  1.00 48.16 ? 13  TYR B CZ  1 
ATOM   402  O OH  . TYR B 2 12  ? -12.541 9.941   26.080  1.00 45.93 ? 13  TYR B OH  1 
ATOM   403  N N   . LYS B 2 13  ? -5.462  9.549   20.948  1.00 42.88 ? 14  LYS B N   1 
ATOM   404  C CA  . LYS B 2 13  ? -4.078  9.748   20.491  1.00 40.22 ? 14  LYS B CA  1 
ATOM   405  C C   . LYS B 2 13  ? -3.757  9.108   19.140  1.00 38.12 ? 14  LYS B C   1 
ATOM   406  O O   . LYS B 2 13  ? -4.408  8.149   18.720  1.00 36.33 ? 14  LYS B O   1 
ATOM   407  C CB  . LYS B 2 13  ? -3.086  9.273   21.562  1.00 40.73 ? 14  LYS B CB  1 
ATOM   408  C CG  . LYS B 2 13  ? -3.047  7.785   21.739  1.00 41.55 ? 14  LYS B CG  1 
ATOM   409  C CD  . LYS B 2 13  ? -2.350  7.426   23.020  1.00 45.26 ? 14  LYS B CD  1 
ATOM   410  C CE  . LYS B 2 13  ? -1.640  6.102   22.871  1.00 47.24 ? 14  LYS B CE  1 
ATOM   411  N NZ  . LYS B 2 13  ? -0.973  5.744   24.150  1.00 51.05 ? 14  LYS B NZ  1 
ATOM   412  N N   . LYS B 2 14  ? -2.748  9.662   18.466  1.00 35.62 ? 15  LYS B N   1 
ATOM   413  C CA  . LYS B 2 14  ? -2.373  9.179   17.140  1.00 34.14 ? 15  LYS B CA  1 
ATOM   414  C C   . LYS B 2 14  ? -1.740  7.814   17.323  1.00 32.73 ? 15  LYS B C   1 
ATOM   415  O O   . LYS B 2 14  ? -0.923  7.624   18.232  1.00 33.34 ? 15  LYS B O   1 
ATOM   416  C CB  . LYS B 2 14  ? -1.389  10.145  16.467  1.00 33.45 ? 15  LYS B CB  1 
ATOM   417  C CG  . LYS B 2 14  ? -1.158  9.854   15.000  1.00 33.64 ? 15  LYS B CG  1 
ATOM   418  C CD  . LYS B 2 14  ? -0.060  10.716  14.396  1.00 34.06 ? 15  LYS B CD  1 
ATOM   419  C CE  . LYS B 2 14  ? -0.051  10.494  12.879  1.00 35.76 ? 15  LYS B CE  1 
ATOM   420  N NZ  . LYS B 2 14  ? 1.036   11.282  12.180  1.00 37.02 ? 15  LYS B NZ  1 
ATOM   421  N N   . GLY B 2 15  ? -2.136  6.868   16.481  1.00 31.26 ? 16  GLY B N   1 
ATOM   422  C CA  . GLY B 2 15  ? -1.603  5.520   16.515  1.00 29.46 ? 16  GLY B CA  1 
ATOM   423  C C   . GLY B 2 15  ? -0.217  5.363   15.893  1.00 29.48 ? 16  GLY B C   1 
ATOM   424  O O   . GLY B 2 15  ? 0.429   6.351   15.479  1.00 28.32 ? 16  GLY B O   1 
ATOM   425  N N   . ASP B 2 16  ? 0.237   4.119   15.855  1.00 29.31 ? 17  ASP B N   1 
ATOM   426  C CA  . ASP B 2 16  ? 1.565   3.770   15.339  1.00 31.14 ? 17  ASP B CA  1 
ATOM   427  C C   . ASP B 2 16  ? 1.654   4.160   13.865  1.00 29.72 ? 17  ASP B C   1 
ATOM   428  O O   . ASP B 2 16  ? 0.752   3.844   13.064  1.00 31.49 ? 17  ASP B O   1 
ATOM   429  C CB  . ASP B 2 16  ? 1.823   2.264   15.561  1.00 31.10 ? 17  ASP B CB  1 
ATOM   430  C CG  . ASP B 2 16  ? 3.148   1.750   14.932  1.00 36.16 ? 17  ASP B CG  1 
ATOM   431  O OD1 . ASP B 2 16  ? 3.990   2.522   14.452  1.00 35.79 ? 17  ASP B OD1 1 
ATOM   432  O OD2 . ASP B 2 16  ? 3.348   0.509   14.929  1.00 41.48 ? 17  ASP B OD2 1 
ATOM   433  N N   . THR B 2 17  ? 2.719   4.863   13.484  1.00 28.94 ? 18  THR B N   1 
ATOM   434  C CA  . THR B 2 17  ? 2.897   5.197   12.068  1.00 28.29 ? 18  THR B CA  1 
ATOM   435  C C   . THR B 2 17  ? 4.291   4.798   11.529  1.00 27.52 ? 18  THR B C   1 
ATOM   436  O O   . THR B 2 17  ? 4.836   5.474   10.683  1.00 28.33 ? 18  THR B O   1 
ATOM   437  C CB  . THR B 2 17  ? 2.577   6.680   11.715  1.00 28.59 ? 18  THR B CB  1 
ATOM   438  O OG1 . THR B 2 17  ? 3.387   7.570   12.507  1.00 29.42 ? 18  THR B OG1 1 
ATOM   439  C CG2 . THR B 2 17  ? 1.065   7.016   11.896  1.00 28.21 ? 18  THR B CG2 1 
ATOM   440  N N   . THR B 2 18  ? 4.825   3.693   12.024  1.00 28.00 ? 19  THR B N   1 
ATOM   441  C CA  . THR B 2 18  ? 6.106   3.159   11.542  1.00 28.28 ? 19  THR B CA  1 
ATOM   442  C C   . THR B 2 18  ? 6.085   3.007   10.008  1.00 27.66 ? 19  THR B C   1 
ATOM   443  O O   . THR B 2 18  ? 5.135   2.444   9.446   1.00 27.02 ? 19  THR B O   1 
ATOM   444  C CB  . THR B 2 18  ? 6.397   1.808   12.236  1.00 28.06 ? 19  THR B CB  1 
ATOM   445  O OG1 . THR B 2 18  ? 6.486   2.022   13.644  1.00 31.57 ? 19  THR B OG1 1 
ATOM   446  C CG2 . THR B 2 18  ? 7.742   1.169   11.758  1.00 30.07 ? 19  THR B CG2 1 
ATOM   447  N N   . THR B 2 19  ? 7.126   3.503   9.339   1.00 26.85 ? 20  THR B N   1 
ATOM   448  C CA  . THR B 2 19  ? 7.234   3.409   7.893   1.00 26.51 ? 20  THR B CA  1 
ATOM   449  C C   . THR B 2 19  ? 7.151   1.927   7.493   1.00 26.74 ? 20  THR B C   1 
ATOM   450  O O   . THR B 2 19  ? 7.708   1.055   8.176   1.00 27.63 ? 20  THR B O   1 
ATOM   451  C CB  . THR B 2 19  ? 8.491   4.152   7.398   1.00 27.08 ? 20  THR B CB  1 
ATOM   452  O OG1 . THR B 2 19  ? 8.318   5.556   7.646   1.00 28.45 ? 20  THR B OG1 1 
ATOM   453  C CG2 . THR B 2 19  ? 8.741   3.923   5.890   1.00 23.93 ? 20  THR B CG2 1 
ATOM   454  N N   . GLY B 2 20  ? 6.402   1.622   6.436   1.00 25.60 ? 21  GLY B N   1 
ATOM   455  C CA  . GLY B 2 20  ? 6.259   0.246   6.007   1.00 25.56 ? 21  GLY B CA  1 
ATOM   456  C C   . GLY B 2 20  ? 5.023   0.056   5.164   1.00 24.88 ? 21  GLY B C   1 
ATOM   457  O O   . GLY B 2 20  ? 4.317   1.039   4.837   1.00 23.76 ? 21  GLY B O   1 
ATOM   458  N N   . VAL B 2 21  ? 4.779   -1.208  4.832   1.00 24.68 ? 22  VAL B N   1 
ATOM   459  C CA  . VAL B 2 21  ? 3.645   -1.663  4.029   1.00 24.08 ? 22  VAL B CA  1 
ATOM   460  C C   . VAL B 2 21  ? 2.700   -2.402  4.957   1.00 24.04 ? 22  VAL B C   1 
ATOM   461  O O   . VAL B 2 21  ? 3.129   -3.200  5.817   1.00 22.97 ? 22  VAL B O   1 
ATOM   462  C CB  . VAL B 2 21  ? 4.087   -2.620  2.862   1.00 24.16 ? 22  VAL B CB  1 
ATOM   463  C CG1 . VAL B 2 21  ? 2.918   -2.918  1.959   1.00 24.48 ? 22  VAL B CG1 1 
ATOM   464  C CG2 . VAL B 2 21  ? 5.202   -2.041  2.083   1.00 22.53 ? 22  VAL B CG2 1 
ATOM   465  N N   . TYR B 2 22  ? 1.413   -2.103  4.824   1.00 22.97 ? 23  TYR B N   1 
ATOM   466  C CA  . TYR B 2 22  ? 0.388   -2.577  5.729   1.00 23.43 ? 23  TYR B CA  1 
ATOM   467  C C   . TYR B 2 22  ? -0.782  -3.239  5.027   1.00 24.39 ? 23  TYR B C   1 
ATOM   468  O O   . TYR B 2 22  ? -1.206  -2.806  3.966   1.00 24.56 ? 23  TYR B O   1 
ATOM   469  C CB  . TYR B 2 22  ? -0.215  -1.422  6.536   1.00 23.20 ? 23  TYR B CB  1 
ATOM   470  C CG  . TYR B 2 22  ? 0.712   -0.826  7.579   1.00 22.99 ? 23  TYR B CG  1 
ATOM   471  C CD1 . TYR B 2 22  ? 0.474   -1.018  8.944   1.00 26.53 ? 23  TYR B CD1 1 
ATOM   472  C CD2 . TYR B 2 22  ? 1.826   -0.072  7.198   1.00 22.74 ? 23  TYR B CD2 1 
ATOM   473  C CE1 . TYR B 2 22  ? 1.336   -0.472  9.895   1.00 24.74 ? 23  TYR B CE1 1 
ATOM   474  C CE2 . TYR B 2 22  ? 2.698   0.454   8.140   1.00 24.52 ? 23  TYR B CE2 1 
ATOM   475  C CZ  . TYR B 2 22  ? 2.434   0.264   9.481   1.00 24.38 ? 23  TYR B CZ  1 
ATOM   476  O OH  . TYR B 2 22  ? 3.281   0.804   10.427  1.00 27.46 ? 23  TYR B OH  1 
ATOM   477  N N   . ARG B 2 23  ? -1.341  -4.218  5.705   1.00 23.84 ? 24  ARG B N   1 
ATOM   478  C CA  . ARG B 2 23  ? -2.641  -4.790  5.371   1.00 25.01 ? 24  ARG B CA  1 
ATOM   479  C C   . ARG B 2 23  ? -3.718  -4.035  6.114   1.00 25.24 ? 24  ARG B C   1 
ATOM   480  O O   . ARG B 2 23  ? -3.552  -3.690  7.292   1.00 25.75 ? 24  ARG B O   1 
ATOM   481  C CB  . ARG B 2 23  ? -2.698  -6.251  5.821   1.00 25.99 ? 24  ARG B CB  1 
ATOM   482  C CG  . ARG B 2 23  ? -1.626  -7.139  5.202   1.00 27.09 ? 24  ARG B CG  1 
ATOM   483  C CD  . ARG B 2 23  ? -1.842  -8.636  5.626   1.00 25.78 ? 24  ARG B CD  1 
ATOM   484  N NE  . ARG B 2 23  ? -0.661  -9.421  5.226   1.00 31.85 ? 24  ARG B NE  1 
ATOM   485  C CZ  . ARG B 2 23  ? -0.575  -10.172 4.125   1.00 32.11 ? 24  ARG B CZ  1 
ATOM   486  N NH1 . ARG B 2 23  ? -1.608  -10.287 3.280   1.00 31.89 ? 24  ARG B NH1 1 
ATOM   487  N NH2 . ARG B 2 23  ? 0.551   -10.823 3.874   1.00 33.44 ? 24  ARG B NH2 1 
ATOM   488  N N   . ILE B 2 24  ? -4.826  -3.763  5.440   1.00 24.90 ? 25  ILE B N   1 
ATOM   489  C CA  . ILE B 2 24  ? -5.950  -3.134  6.092   1.00 24.82 ? 25  ILE B CA  1 
ATOM   490  C C   . ILE B 2 24  ? -6.967  -4.226  6.357   1.00 24.96 ? 25  ILE B C   1 
ATOM   491  O O   . ILE B 2 24  ? -7.482  -4.822  5.411   1.00 24.93 ? 25  ILE B O   1 
ATOM   492  C CB  . ILE B 2 24  ? -6.611  -2.056  5.187   1.00 24.86 ? 25  ILE B CB  1 
ATOM   493  C CG1 . ILE B 2 24  ? -5.602  -0.953  4.861   1.00 24.79 ? 25  ILE B CG1 1 
ATOM   494  C CG2 . ILE B 2 24  ? -7.756  -1.432  5.933   1.00 24.48 ? 25  ILE B CG2 1 
ATOM   495  C CD1 . ILE B 2 24  ? -6.121  0.078   3.788   1.00 24.81 ? 25  ILE B CD1 1 
ATOM   496  N N   . MET B 2 25  ? -7.240  -4.469  7.635   1.00 26.33 ? 26  MET B N   1 
ATOM   497  C CA  . MET B 2 25  ? -8.163  -5.518  8.067   1.00 28.16 ? 26  MET B CA  1 
ATOM   498  C C   . MET B 2 25  ? -9.460  -4.943  8.591   1.00 30.23 ? 26  MET B C   1 
ATOM   499  O O   . MET B 2 25  ? -9.496  -3.840  9.138   1.00 31.11 ? 26  MET B O   1 
ATOM   500  C CB  . MET B 2 25  ? -7.513  -6.366  9.168   1.00 27.81 ? 26  MET B CB  1 
ATOM   501  C CG  . MET B 2 25  ? -6.128  -6.876  8.804   1.00 29.15 ? 26  MET B CG  1 
ATOM   502  S SD  . MET B 2 25  ? -6.221  -8.102  7.480   1.00 31.10 ? 26  MET B SD  1 
ATOM   503  C CE  . MET B 2 25  ? -7.222  -9.372  8.261   1.00 30.85 ? 26  MET B CE  1 
ATOM   504  N N   . THR B 2 26  ? -10.540 -5.708  8.469   1.00 32.45 ? 27  THR B N   1 
ATOM   505  C CA  . THR B 2 26  ? -11.791 -5.331  9.107   1.00 35.02 ? 27  THR B CA  1 
ATOM   506  C C   . THR B 2 26  ? -12.566 -6.550  9.564   1.00 36.89 ? 27  THR B C   1 
ATOM   507  O O   . THR B 2 26  ? -12.291 -7.664  9.113   1.00 35.19 ? 27  THR B O   1 
ATOM   508  C CB  . THR B 2 26  ? -12.696 -4.456  8.210   1.00 35.96 ? 27  THR B CB  1 
ATOM   509  O OG1 . THR B 2 26  ? -13.847 -4.048  8.976   1.00 37.89 ? 27  THR B OG1 1 
ATOM   510  C CG2 . THR B 2 26  ? -13.170 -5.199  6.996   1.00 34.74 ? 27  THR B CG2 1 
ATOM   511  N N   . ARG B 2 27  ? -13.528 -6.315  10.461  1.00 39.08 ? 28  ARG B N   1 
ATOM   512  C CA  . ARG B 2 27  ? -14.433 -7.370  10.927  1.00 41.84 ? 28  ARG B CA  1 
ATOM   513  C C   . ARG B 2 27  ? -15.636 -7.527  10.018  1.00 42.69 ? 28  ARG B C   1 
ATOM   514  O O   . ARG B 2 27  ? -16.306 -6.545  9.672   1.00 43.16 ? 28  ARG B O   1 
ATOM   515  C CB  . ARG B 2 27  ? -14.893 -7.115  12.368  1.00 42.35 ? 28  ARG B CB  1 
ATOM   516  C CG  . ARG B 2 27  ? -13.772 -7.327  13.352  1.00 45.29 ? 28  ARG B CG  1 
ATOM   517  C CD  . ARG B 2 27  ? -14.228 -7.343  14.801  1.00 51.76 ? 28  ARG B CD  1 
ATOM   518  N NE  . ARG B 2 27  ? -13.288 -8.144  15.587  1.00 55.60 ? 28  ARG B NE  1 
ATOM   519  C CZ  . ARG B 2 27  ? -12.130 -7.706  16.086  1.00 57.78 ? 28  ARG B CZ  1 
ATOM   520  N NH1 . ARG B 2 27  ? -11.354 -8.543  16.769  1.00 58.40 ? 28  ARG B NH1 1 
ATOM   521  N NH2 . ARG B 2 27  ? -11.746 -6.442  15.917  1.00 58.37 ? 28  ARG B NH2 1 
ATOM   522  N N   . GLY B 2 28  ? -15.881 -8.768  9.611   1.00 43.32 ? 29  GLY B N   1 
ATOM   523  C CA  . GLY B 2 28  ? -17.140 -9.154  8.981   1.00 43.83 ? 29  GLY B CA  1 
ATOM   524  C C   . GLY B 2 28  ? -18.000 -9.833  10.044  1.00 44.57 ? 29  GLY B C   1 
ATOM   525  O O   . GLY B 2 28  ? -17.646 -9.838  11.236  1.00 44.37 ? 29  GLY B O   1 
ATOM   526  N N   . LEU B 2 29  ? -19.112 -10.425 9.606   1.00 44.86 ? 30  LEU B N   1 
ATOM   527  C CA  . LEU B 2 29  ? -20.031 -11.162 10.480  1.00 45.25 ? 30  LEU B CA  1 
ATOM   528  C C   . LEU B 2 29  ? -19.364 -12.369 11.159  1.00 44.65 ? 30  LEU B C   1 
ATOM   529  O O   . LEU B 2 29  ? -19.595 -12.623 12.348  1.00 45.14 ? 30  LEU B O   1 
ATOM   530  C CB  . LEU B 2 29  ? -21.251 -11.632 9.664   1.00 45.77 ? 30  LEU B CB  1 
ATOM   531  C CG  . LEU B 2 29  ? -22.301 -12.556 10.312  1.00 46.25 ? 30  LEU B CG  1 
ATOM   532  C CD1 . LEU B 2 29  ? -23.206 -11.789 11.275  1.00 46.92 ? 30  LEU B CD1 1 
ATOM   533  C CD2 . LEU B 2 29  ? -23.142 -13.275 9.245   1.00 46.48 ? 30  LEU B CD2 1 
ATOM   534  N N   . LEU B 2 30  ? -18.534 -13.096 10.406  1.00 43.38 ? 31  LEU B N   1 
ATOM   535  C CA  . LEU B 2 30  ? -18.002 -14.379 10.866  1.00 42.18 ? 31  LEU B CA  1 
ATOM   536  C C   . LEU B 2 30  ? -16.537 -14.351 11.287  1.00 41.17 ? 31  LEU B C   1 
ATOM   537  O O   . LEU B 2 30  ? -16.008 -15.347 11.812  1.00 41.28 ? 31  LEU B O   1 
ATOM   538  C CB  . LEU B 2 30  ? -18.216 -15.464 9.804   1.00 42.38 ? 31  LEU B CB  1 
ATOM   539  C CG  . LEU B 2 30  ? -19.655 -15.796 9.385   1.00 43.87 ? 31  LEU B CG  1 
ATOM   540  C CD1 . LEU B 2 30  ? -19.611 -16.897 8.341   1.00 44.94 ? 31  LEU B CD1 1 
ATOM   541  C CD2 . LEU B 2 30  ? -20.548 -16.218 10.547  1.00 44.56 ? 31  LEU B CD2 1 
ATOM   542  N N   . GLY B 2 31  ? -15.877 -13.215 11.076  1.00 39.27 ? 32  GLY B N   1 
ATOM   543  C CA  . GLY B 2 31  ? -14.452 -13.112 11.364  1.00 37.10 ? 32  GLY B CA  1 
ATOM   544  C C   . GLY B 2 31  ? -13.835 -11.924 10.661  1.00 35.83 ? 32  GLY B C   1 
ATOM   545  O O   . GLY B 2 31  ? -14.541 -11.008 10.237  1.00 36.47 ? 32  GLY B O   1 
ATOM   546  N N   . SER B 2 32  ? -12.515 -11.934 10.529  1.00 34.58 ? 33  SER B N   1 
ATOM   547  C CA  . SER B 2 32  ? -11.806 -10.780 9.969   1.00 33.46 ? 33  SER B CA  1 
ATOM   548  C C   . SER B 2 32  ? -11.329 -11.085 8.549   1.00 32.40 ? 33  SER B C   1 
ATOM   549  O O   . SER B 2 32  ? -11.098 -12.242 8.211   1.00 31.29 ? 33  SER B O   1 
ATOM   550  C CB  . SER B 2 32  ? -10.611 -10.419 10.856  1.00 33.66 ? 33  SER B CB  1 
ATOM   551  O OG  . SER B 2 32  ? -11.048 -10.125 12.178  1.00 37.68 ? 33  SER B OG  1 
ATOM   552  N N   . TYR B 2 33  ? -11.170 -10.050 7.736   1.00 30.57 ? 34  TYR B N   1 
ATOM   553  C CA  . TYR B 2 33  ? -10.621 -10.214 6.392   1.00 30.52 ? 34  TYR B CA  1 
ATOM   554  C C   . TYR B 2 33  ? -9.865  -8.955  5.987   1.00 29.23 ? 34  TYR B C   1 
ATOM   555  O O   . TYR B 2 33  ? -10.044 -7.894  6.578   1.00 29.11 ? 34  TYR B O   1 
ATOM   556  C CB  . TYR B 2 33  ? -11.719 -10.528 5.359   1.00 31.21 ? 34  TYR B CB  1 
ATOM   557  C CG  . TYR B 2 33  ? -12.721 -9.407  5.201   1.00 33.29 ? 34  TYR B CG  1 
ATOM   558  C CD1 . TYR B 2 33  ? -13.735 -9.232  6.131   1.00 34.22 ? 34  TYR B CD1 1 
ATOM   559  C CD2 . TYR B 2 33  ? -12.643 -8.511  4.124   1.00 33.50 ? 34  TYR B CD2 1 
ATOM   560  C CE1 . TYR B 2 33  ? -14.652 -8.230  6.013   1.00 35.93 ? 34  TYR B CE1 1 
ATOM   561  C CE2 . TYR B 2 33  ? -13.553 -7.471  4.003   1.00 34.37 ? 34  TYR B CE2 1 
ATOM   562  C CZ  . TYR B 2 33  ? -14.560 -7.343  4.953   1.00 36.35 ? 34  TYR B CZ  1 
ATOM   563  O OH  . TYR B 2 33  ? -15.485 -6.333  4.873   1.00 37.40 ? 34  TYR B OH  1 
ATOM   564  N N   . GLN B 2 34  ? -9.035  -9.093  4.964   1.00 28.34 ? 35  GLN B N   1 
ATOM   565  C CA  . GLN B 2 34  ? -8.260  -8.003  4.436   1.00 27.95 ? 35  GLN B CA  1 
ATOM   566  C C   . GLN B 2 34  ? -9.094  -7.229  3.418   1.00 27.79 ? 35  GLN B C   1 
ATOM   567  O O   . GLN B 2 34  ? -9.511  -7.789  2.404   1.00 28.95 ? 35  GLN B O   1 
ATOM   568  C CB  . GLN B 2 34  ? -6.952  -8.532  3.823   1.00 27.60 ? 35  GLN B CB  1 
ATOM   569  C CG  . GLN B 2 34  ? -6.145  -7.469  3.127   1.00 27.30 ? 35  GLN B CG  1 
ATOM   570  C CD  . GLN B 2 34  ? -4.801  -7.978  2.635   1.00 27.10 ? 35  GLN B CD  1 
ATOM   571  O OE1 . GLN B 2 34  ? -4.186  -8.853  3.245   1.00 25.60 ? 35  GLN B OE1 1 
ATOM   572  N NE2 . GLN B 2 34  ? -4.330  -7.416  1.532   1.00 23.73 ? 35  GLN B NE2 1 
ATOM   573  N N   . ALA B 2 35  ? -9.337  -5.953  3.720   1.00 27.98 ? 36  ALA B N   1 
ATOM   574  C CA  . ALA B 2 35  ? -10.097 -5.045  2.845   1.00 26.84 ? 36  ALA B CA  1 
ATOM   575  C C   . ALA B 2 35  ? -9.209  -4.408  1.802   1.00 26.53 ? 36  ALA B C   1 
ATOM   576  O O   . ALA B 2 35  ? -9.691  -3.982  0.750   1.00 26.47 ? 36  ALA B O   1 
ATOM   577  C CB  . ALA B 2 35  ? -10.782 -3.971  3.670   1.00 26.79 ? 36  ALA B CB  1 
ATOM   578  N N   . GLY B 2 36  ? -7.909  -4.317  2.088   1.00 24.89 ? 37  GLY B N   1 
ATOM   579  C CA  . GLY B 2 36  ? -7.008  -3.643  1.183   1.00 24.00 ? 37  GLY B CA  1 
ATOM   580  C C   . GLY B 2 36  ? -5.617  -3.594  1.772   1.00 23.40 ? 37  GLY B C   1 
ATOM   581  O O   . GLY B 2 36  ? -5.326  -4.276  2.777   1.00 20.51 ? 37  GLY B O   1 
ATOM   582  N N   . ALA B 2 37  ? -4.785  -2.755  1.163   1.00 22.87 ? 38  ALA B N   1 
ATOM   583  C CA  . ALA B 2 37  ? -3.428  -2.539  1.625   1.00 22.81 ? 38  ALA B CA  1 
ATOM   584  C C   . ALA B 2 37  ? -3.119  -1.058  1.570   1.00 23.33 ? 38  ALA B C   1 
ATOM   585  O O   . ALA B 2 37  ? -3.876  -0.253  0.979   1.00 21.33 ? 38  ALA B O   1 
ATOM   586  C CB  . ALA B 2 37  ? -2.455  -3.295  0.714   1.00 23.10 ? 38  ALA B CB  1 
ATOM   587  N N   . GLY B 2 38  ? -1.967  -0.681  2.111   1.00 22.41 ? 39  GLY B N   1 
ATOM   588  C CA  . GLY B 2 38  ? -1.553  0.701   2.027   1.00 22.27 ? 39  GLY B CA  1 
ATOM   589  C C   . GLY B 2 38  ? -0.101  0.842   2.423   1.00 23.32 ? 39  GLY B C   1 
ATOM   590  O O   . GLY B 2 38  ? 0.566   -0.171  2.744   1.00 23.10 ? 39  GLY B O   1 
ATOM   591  N N   . VAL B 2 39  ? 0.367   2.090   2.423   1.00 22.57 ? 40  VAL B N   1 
ATOM   592  C CA  . VAL B 2 39  ? 1.779   2.362   2.684   1.00 22.68 ? 40  VAL B CA  1 
ATOM   593  C C   . VAL B 2 39  ? 1.918   3.562   3.647   1.00 23.87 ? 40  VAL B C   1 
ATOM   594  O O   . VAL B 2 39  ? 1.240   4.602   3.497   1.00 23.98 ? 40  VAL B O   1 
ATOM   595  C CB  . VAL B 2 39  ? 2.621   2.458   1.359   1.00 22.59 ? 40  VAL B CB  1 
ATOM   596  C CG1 . VAL B 2 39  ? 2.270   3.687   0.565   1.00 24.39 ? 40  VAL B CG1 1 
ATOM   597  C CG2 . VAL B 2 39  ? 4.114   2.442   1.647   1.00 24.42 ? 40  VAL B CG2 1 
ATOM   598  N N   . MET B 2 40  ? 2.794   3.387   4.629   1.00 24.45 ? 41  MET B N   1 
ATOM   599  C CA  . MET B 2 40  ? 3.056   4.368   5.671   1.00 24.89 ? 41  MET B CA  1 
ATOM   600  C C   . MET B 2 40  ? 4.374   5.047   5.354   1.00 25.73 ? 41  MET B C   1 
ATOM   601  O O   . MET B 2 40  ? 5.430   4.415   5.328   1.00 25.32 ? 41  MET B O   1 
ATOM   602  C CB  . MET B 2 40  ? 3.100   3.668   7.035   1.00 24.76 ? 41  MET B CB  1 
ATOM   603  C CG  . MET B 2 40  ? 3.056   4.581   8.226   1.00 25.52 ? 41  MET B CG  1 
ATOM   604  S SD  . MET B 2 40  ? 1.371   5.156   8.667   1.00 26.18 ? 41  MET B SD  1 
ATOM   605  C CE  . MET B 2 40  ? 0.774   3.711   9.482   1.00 26.43 ? 41  MET B CE  1 
ATOM   606  N N   . VAL B 2 41  ? 4.322   6.331   5.053   1.00 26.45 ? 42  VAL B N   1 
ATOM   607  C CA  . VAL B 2 41  ? 5.515   7.071   4.725   1.00 27.20 ? 42  VAL B CA  1 
ATOM   608  C C   . VAL B 2 41  ? 5.417   8.416   5.465   1.00 27.97 ? 42  VAL B C   1 
ATOM   609  O O   . VAL B 2 41  ? 4.376   9.080   5.397   1.00 25.91 ? 42  VAL B O   1 
ATOM   610  C CB  . VAL B 2 41  ? 5.580   7.288   3.179   1.00 26.98 ? 42  VAL B CB  1 
ATOM   611  C CG1 . VAL B 2 41  ? 6.608   8.327   2.792   1.00 30.84 ? 42  VAL B CG1 1 
ATOM   612  C CG2 . VAL B 2 41  ? 5.862   5.981   2.486   1.00 28.89 ? 42  VAL B CG2 1 
ATOM   613  N N   . GLU B 2 42  ? 6.490   8.814   6.164   1.00 28.17 ? 43  GLU B N   1 
ATOM   614  C CA  . GLU B 2 42  ? 6.564   10.154  6.768   1.00 28.80 ? 43  GLU B CA  1 
ATOM   615  C C   . GLU B 2 42  ? 5.431   10.347  7.804   1.00 28.39 ? 43  GLU B C   1 
ATOM   616  O O   . GLU B 2 42  ? 4.874   11.448  7.945   1.00 28.38 ? 43  GLU B O   1 
ATOM   617  C CB  . GLU B 2 42  ? 6.505   11.249  5.675   1.00 28.62 ? 43  GLU B CB  1 
ATOM   618  C CG  . GLU B 2 42  ? 7.774   11.349  4.788   1.00 29.96 ? 43  GLU B CG  1 
ATOM   619  C CD  . GLU B 2 42  ? 7.847   12.613  3.949   1.00 31.25 ? 43  GLU B CD  1 
ATOM   620  O OE1 . GLU B 2 42  ? 7.984   13.733  4.511   1.00 33.40 ? 43  GLU B OE1 1 
ATOM   621  O OE2 . GLU B 2 42  ? 7.780   12.490  2.698   1.00 34.62 ? 43  GLU B OE2 1 
ATOM   622  N N   . GLY B 2 43  ? 5.097   9.262   8.503   1.00 28.08 ? 44  GLY B N   1 
ATOM   623  C CA  . GLY B 2 43  ? 4.057   9.275   9.524   1.00 28.26 ? 44  GLY B CA  1 
ATOM   624  C C   . GLY B 2 43  ? 2.640   9.398   8.995   1.00 26.85 ? 44  GLY B C   1 
ATOM   625  O O   . GLY B 2 43  ? 1.741   9.718   9.753   1.00 28.89 ? 44  GLY B O   1 
ATOM   626  N N   . VAL B 2 44  ? 2.430   9.092   7.710   1.00 26.09 ? 45  VAL B N   1 
ATOM   627  C CA  . VAL B 2 44  ? 1.104   9.229   7.083   1.00 24.99 ? 45  VAL B CA  1 
ATOM   628  C C   . VAL B 2 44  ? 0.778   7.930   6.367   1.00 24.87 ? 45  VAL B C   1 
ATOM   629  O O   . VAL B 2 44  ? 1.600   7.420   5.588   1.00 23.94 ? 45  VAL B O   1 
ATOM   630  C CB  . VAL B 2 44  ? 1.089   10.405  6.085   1.00 24.75 ? 45  VAL B CB  1 
ATOM   631  C CG1 . VAL B 2 44  ? -0.199  10.454  5.249   1.00 24.21 ? 45  VAL B CG1 1 
ATOM   632  C CG2 . VAL B 2 44  ? 1.329   11.750  6.826   1.00 24.42 ? 45  VAL B CG2 1 
ATOM   633  N N   . PHE B 2 45  ? -0.402  7.392   6.643   1.00 24.07 ? 46  PHE B N   1 
ATOM   634  C CA  . PHE B 2 45  ? -0.886  6.226   5.940   1.00 24.07 ? 46  PHE B CA  1 
ATOM   635  C C   . PHE B 2 45  ? -1.632  6.554   4.626   1.00 24.82 ? 46  PHE B C   1 
ATOM   636  O O   . PHE B 2 45  ? -2.595  7.340   4.617   1.00 26.45 ? 46  PHE B O   1 
ATOM   637  C CB  . PHE B 2 45  ? -1.763  5.403   6.860   1.00 24.22 ? 46  PHE B CB  1 
ATOM   638  C CG  . PHE B 2 45  ? -2.125  4.059   6.291   1.00 24.57 ? 46  PHE B CG  1 
ATOM   639  C CD1 . PHE B 2 45  ? -1.124  3.111   6.005   1.00 26.42 ? 46  PHE B CD1 1 
ATOM   640  C CD2 . PHE B 2 45  ? -3.449  3.718   6.079   1.00 24.33 ? 46  PHE B CD2 1 
ATOM   641  C CE1 . PHE B 2 45  ? -1.456  1.846   5.493   1.00 24.93 ? 46  PHE B CE1 1 
ATOM   642  C CE2 . PHE B 2 45  ? -3.790  2.445   5.524   1.00 24.67 ? 46  PHE B CE2 1 
ATOM   643  C CZ  . PHE B 2 45  ? -2.796  1.504   5.265   1.00 25.46 ? 46  PHE B CZ  1 
ATOM   644  N N   . HIS B 2 46  ? -1.176  5.948   3.530   1.00 23.45 ? 47  HIS B N   1 
ATOM   645  C CA  . HIS B 2 46  ? -1.699  6.146   2.181   1.00 23.15 ? 47  HIS B CA  1 
ATOM   646  C C   . HIS B 2 46  ? -2.383  4.910   1.669   1.00 23.89 ? 47  HIS B C   1 
ATOM   647  O O   . HIS B 2 46  ? -1.825  3.794   1.724   1.00 23.14 ? 47  HIS B O   1 
ATOM   648  C CB  . HIS B 2 46  ? -0.591  6.549   1.184   1.00 22.23 ? 47  HIS B CB  1 
ATOM   649  C CG  . HIS B 2 46  ? 0.238   7.705   1.643   1.00 24.26 ? 47  HIS B CG  1 
ATOM   650  N ND1 . HIS B 2 46  ? 1.185   7.589   2.642   1.00 23.11 ? 47  HIS B ND1 1 
ATOM   651  C CD2 . HIS B 2 46  ? 0.284   8.994   1.230   1.00 23.73 ? 47  HIS B CD2 1 
ATOM   652  C CE1 . HIS B 2 46  ? 1.753   8.766   2.844   1.00 24.58 ? 47  HIS B CE1 1 
ATOM   653  N NE2 . HIS B 2 46  ? 1.230   9.633   1.997   1.00 24.10 ? 47  HIS B NE2 1 
ATOM   654  N N   . THR B 2 47  ? -3.586  5.094   1.131   1.00 22.85 ? 48  THR B N   1 
ATOM   655  C CA  . THR B 2 47  ? -4.301  3.969   0.532   1.00 23.37 ? 48  THR B CA  1 
ATOM   656  C C   . THR B 2 47  ? -5.295  4.508   -0.522  1.00 23.98 ? 48  THR B C   1 
ATOM   657  O O   . THR B 2 47  ? -5.336  5.709   -0.752  1.00 23.99 ? 48  THR B O   1 
ATOM   658  C CB  . THR B 2 47  ? -5.006  3.097   1.626   1.00 23.41 ? 48  THR B CB  1 
ATOM   659  O OG1 . THR B 2 47  ? -5.574  1.902   1.046   1.00 24.11 ? 48  THR B OG1 1 
ATOM   660  C CG2 . THR B 2 47  ? -6.120  3.886   2.373   1.00 24.81 ? 48  THR B CG2 1 
ATOM   661  N N   . LEU B 2 48  ? -6.065  3.629   -1.159  1.00 24.02 ? 49  LEU B N   1 
ATOM   662  C CA  . LEU B 2 48  ? -7.137  4.100   -2.064  1.00 24.11 ? 49  LEU B CA  1 
ATOM   663  C C   . LEU B 2 48  ? -8.346  4.468   -1.255  1.00 26.18 ? 49  LEU B C   1 
ATOM   664  O O   . LEU B 2 48  ? -8.608  3.857   -0.221  1.00 25.75 ? 49  LEU B O   1 
ATOM   665  C CB  . LEU B 2 48  ? -7.563  3.040   -3.069  1.00 25.26 ? 49  LEU B CB  1 
ATOM   666  C CG  . LEU B 2 48  ? -6.554  2.219   -3.869  1.00 25.33 ? 49  LEU B CG  1 
ATOM   667  C CD1 . LEU B 2 48  ? -7.322  1.186   -4.684  1.00 29.17 ? 49  LEU B CD1 1 
ATOM   668  C CD2 . LEU B 2 48  ? -5.704  3.111   -4.736  1.00 27.58 ? 49  LEU B CD2 1 
ATOM   669  N N   . TRP B 2 49  ? -9.122  5.445   -1.736  1.00 26.87 ? 50  TRP B N   1 
ATOM   670  C CA  . TRP B 2 49  ? -10.369 5.813   -1.053  1.00 28.93 ? 50  TRP B CA  1 
ATOM   671  C C   . TRP B 2 49  ? -11.225 4.569   -0.847  1.00 28.22 ? 50  TRP B C   1 
ATOM   672  O O   . TRP B 2 49  ? -11.778 4.357   0.220   1.00 29.05 ? 50  TRP B O   1 
ATOM   673  C CB  . TRP B 2 49  ? -11.154 6.856   -1.881  1.00 30.80 ? 50  TRP B CB  1 
ATOM   674  C CG  . TRP B 2 49  ? -12.446 7.193   -1.218  1.00 32.28 ? 50  TRP B CG  1 
ATOM   675  C CD1 . TRP B 2 49  ? -13.640 6.563   -1.377  1.00 35.35 ? 50  TRP B CD1 1 
ATOM   676  C CD2 . TRP B 2 49  ? -12.641 8.205   -0.257  1.00 33.26 ? 50  TRP B CD2 1 
ATOM   677  N NE1 . TRP B 2 49  ? -14.593 7.142   -0.556  1.00 37.05 ? 50  TRP B NE1 1 
ATOM   678  C CE2 . TRP B 2 49  ? -13.992 8.157   0.139   1.00 35.22 ? 50  TRP B CE2 1 
ATOM   679  C CE3 . TRP B 2 49  ? -11.805 9.185   0.295   1.00 36.91 ? 50  TRP B CE3 1 
ATOM   680  C CZ2 . TRP B 2 49  ? -14.529 9.052   1.059   1.00 36.72 ? 50  TRP B CZ2 1 
ATOM   681  C CZ3 . TRP B 2 49  ? -12.332 10.070  1.217   1.00 37.50 ? 50  TRP B CZ3 1 
ATOM   682  C CH2 . TRP B 2 49  ? -13.685 9.993   1.600   1.00 36.40 ? 50  TRP B CH2 1 
ATOM   683  N N   . ALA B 2 50  ? -11.293 3.736   -1.875  1.00 28.96 ? 51  ALA B N   1 
ATOM   684  C CA  . ALA B 2 50  ? -12.186 2.597   -1.912  1.00 30.05 ? 51  ALA B CA  1 
ATOM   685  C C   . ALA B 2 50  ? -11.912 1.534   -0.844  1.00 30.04 ? 51  ALA B C   1 
ATOM   686  O O   . ALA B 2 50  ? -12.783 0.720   -0.571  1.00 31.87 ? 51  ALA B O   1 
ATOM   687  C CB  . ALA B 2 50  ? -12.148 1.959   -3.310  1.00 31.01 ? 51  ALA B CB  1 
ATOM   688  N N   . THR B 2 51  ? -10.729 1.528   -0.228  1.00 29.36 ? 52  THR B N   1 
ATOM   689  C CA  . THR B 2 51  ? -10.409 0.436   0.685   1.00 28.90 ? 52  THR B CA  1 
ATOM   690  C C   . THR B 2 51  ? -11.109 0.615   2.040   1.00 28.34 ? 52  THR B C   1 
ATOM   691  O O   . THR B 2 51  ? -11.561 -0.365  2.642   1.00 29.23 ? 52  THR B O   1 
ATOM   692  C CB  . THR B 2 51  ? -8.887  0.273   0.875   1.00 29.24 ? 52  THR B CB  1 
ATOM   693  O OG1 . THR B 2 51  ? -8.346  1.457   1.473   1.00 31.51 ? 52  THR B OG1 1 
ATOM   694  C CG2 . THR B 2 51  ? -8.186  0.031   -0.472  1.00 29.08 ? 52  THR B CG2 1 
ATOM   695  N N   . THR B 2 52  ? -11.258 1.853   2.490   1.00 27.24 ? 53  THR B N   1 
ATOM   696  C CA  . THR B 2 52  ? -11.865 2.140   3.789   1.00 27.75 ? 53  THR B CA  1 
ATOM   697  C C   . THR B 2 52  ? -13.054 3.107   3.705   1.00 28.56 ? 53  THR B C   1 
ATOM   698  O O   . THR B 2 52  ? -13.822 3.256   4.669   1.00 28.49 ? 53  THR B O   1 
ATOM   699  C CB  . THR B 2 52  ? -10.866 2.812   4.731   1.00 27.76 ? 53  THR B CB  1 
ATOM   700  O OG1 . THR B 2 52  ? -10.536 4.100   4.204   1.00 27.41 ? 53  THR B OG1 1 
ATOM   701  C CG2 . THR B 2 52  ? -9.557  1.956   4.907   1.00 27.00 ? 53  THR B CG2 1 
ATOM   702  N N   . LYS B 2 53  ? -13.165 3.800   2.578   1.00 29.80 ? 54  LYS B N   1 
ATOM   703  C CA  . LYS B 2 53  ? -14.159 4.870   2.387   1.00 31.49 ? 54  LYS B CA  1 
ATOM   704  C C   . LYS B 2 53  ? -14.208 5.817   3.568   1.00 31.68 ? 54  LYS B C   1 
ATOM   705  O O   . LYS B 2 53  ? -15.261 6.355   3.903   1.00 31.73 ? 54  LYS B O   1 
ATOM   706  C CB  . LYS B 2 53  ? -15.540 4.281   2.070   1.00 32.73 ? 54  LYS B CB  1 
ATOM   707  C CG  . LYS B 2 53  ? -15.528 3.486   0.786   1.00 34.19 ? 54  LYS B CG  1 
ATOM   708  C CD  . LYS B 2 53  ? -16.764 2.641   0.607   1.00 42.58 ? 54  LYS B CD  1 
ATOM   709  C CE  . LYS B 2 53  ? -16.687 1.929   -0.742  1.00 44.84 ? 54  LYS B CE  1 
ATOM   710  N NZ  . LYS B 2 53  ? -15.472 1.059   -0.804  1.00 46.52 ? 54  LYS B NZ  1 
ATOM   711  N N   . GLY B 2 54  ? -13.052 6.013   4.197   1.00 31.34 ? 55  GLY B N   1 
ATOM   712  C CA  . GLY B 2 54  ? -12.875 7.007   5.242   1.00 31.36 ? 55  GLY B CA  1 
ATOM   713  C C   . GLY B 2 54  ? -12.942 6.506   6.669   1.00 31.59 ? 55  GLY B C   1 
ATOM   714  O O   . GLY B 2 54  ? -12.808 7.292   7.590   1.00 32.21 ? 55  GLY B O   1 
ATOM   715  N N   . ALA B 2 55  ? -13.130 5.208   6.873   1.00 31.79 ? 56  ALA B N   1 
ATOM   716  C CA  . ALA B 2 55  ? -13.270 4.669   8.228   1.00 31.46 ? 56  ALA B CA  1 
ATOM   717  C C   . ALA B 2 55  ? -12.002 4.912   9.025   1.00 31.54 ? 56  ALA B C   1 
ATOM   718  O O   . ALA B 2 55  ? -10.905 4.885   8.458   1.00 31.24 ? 56  ALA B O   1 
ATOM   719  C CB  . ALA B 2 55  ? -13.586 3.181   8.148   1.00 31.99 ? 56  ALA B CB  1 
ATOM   720  N N   . ALA B 2 56  ? -12.140 5.170   10.323  1.00 31.14 ? 57  ALA B N   1 
ATOM   721  C CA  . ALA B 2 56  ? -10.987 5.311   11.193  1.00 31.16 ? 57  ALA B CA  1 
ATOM   722  C C   . ALA B 2 56  ? -10.252 3.973   11.301  1.00 31.13 ? 57  ALA B C   1 
ATOM   723  O O   . ALA B 2 56  ? -10.861 2.901   11.195  1.00 31.71 ? 57  ALA B O   1 
ATOM   724  C CB  . ALA B 2 56  ? -11.392 5.802   12.587  1.00 30.71 ? 57  ALA B CB  1 
ATOM   725  N N   . LEU B 2 57  ? -8.951  4.052   11.520  1.00 30.95 ? 58  LEU B N   1 
ATOM   726  C CA  . LEU B 2 57  ? -8.118  2.871   11.654  1.00 31.51 ? 58  LEU B CA  1 
ATOM   727  C C   . LEU B 2 57  ? -7.411  2.790   13.000  1.00 32.13 ? 58  LEU B C   1 
ATOM   728  O O   . LEU B 2 57  ? -6.740  3.745   13.405  1.00 33.71 ? 58  LEU B O   1 
ATOM   729  C CB  . LEU B 2 57  ? -7.036  2.865   10.555  1.00 30.86 ? 58  LEU B CB  1 
ATOM   730  C CG  . LEU B 2 57  ? -7.480  2.962   9.109   1.00 31.61 ? 58  LEU B CG  1 
ATOM   731  C CD1 . LEU B 2 57  ? -6.320  3.374   8.179   1.00 29.48 ? 58  LEU B CD1 1 
ATOM   732  C CD2 . LEU B 2 57  ? -8.074  1.645   8.658   1.00 28.58 ? 58  LEU B CD2 1 
ATOM   733  N N   . MET B 2 58  ? -7.544  1.653   13.684  1.00 31.88 ? 59  MET B N   1 
ATOM   734  C CA  . MET B 2 58  ? -6.688  1.355   14.843  1.00 32.83 ? 59  MET B CA  1 
ATOM   735  C C   . MET B 2 58  ? -5.283  0.967   14.374  1.00 31.96 ? 59  MET B C   1 
ATOM   736  O O   . MET B 2 58  ? -5.140  0.190   13.433  1.00 30.58 ? 59  MET B O   1 
ATOM   737  C CB  . MET B 2 58  ? -7.268  0.181   15.647  1.00 33.84 ? 59  MET B CB  1 
ATOM   738  C CG  . MET B 2 58  ? -8.566  0.485   16.398  1.00 38.29 ? 59  MET B CG  1 
ATOM   739  S SD  . MET B 2 58  ? -8.636  2.130   17.160  1.00 49.01 ? 59  MET B SD  1 
ATOM   740  C CE  . MET B 2 58  ? -7.538  1.915   18.576  1.00 45.52 ? 59  MET B CE  1 
ATOM   741  N N   . SER B 2 59  ? -4.258  1.514   15.023  1.00 32.07 ? 60  SER B N   1 
ATOM   742  C CA  . SER B 2 59  ? -2.870  1.165   14.728  1.00 32.57 ? 60  SER B CA  1 
ATOM   743  C C   . SER B 2 59  ? -2.097  1.156   16.035  1.00 33.82 ? 60  SER B C   1 
ATOM   744  O O   . SER B 2 59  ? -1.863  2.204   16.639  1.00 33.73 ? 60  SER B O   1 
ATOM   745  C CB  . SER B 2 59  ? -2.248  2.182   13.774  1.00 32.40 ? 60  SER B CB  1 
ATOM   746  O OG  . SER B 2 59  ? -0.918  1.809   13.433  1.00 32.21 ? 60  SER B OG  1 
ATOM   747  N N   . GLY B 2 60  ? -1.698  -0.025  16.479  1.00 35.31 ? 61  GLY B N   1 
ATOM   748  C CA  . GLY B 2 60  ? -0.960  -0.136  17.732  1.00 37.32 ? 61  GLY B CA  1 
ATOM   749  C C   . GLY B 2 60  ? -1.845  0.340   18.864  1.00 38.42 ? 61  GLY B C   1 
ATOM   750  O O   . GLY B 2 60  ? -2.986  -0.101  18.989  1.00 39.31 ? 61  GLY B O   1 
ATOM   751  N N   . GLU B 2 61  ? -1.347  1.272   19.665  1.00 39.44 ? 62  GLU B N   1 
ATOM   752  C CA  . GLU B 2 61  ? -2.107  1.751   20.833  1.00 41.47 ? 62  GLU B CA  1 
ATOM   753  C C   . GLU B 2 61  ? -3.025  2.971   20.590  1.00 40.08 ? 62  GLU B C   1 
ATOM   754  O O   . GLU B 2 61  ? -3.671  3.474   21.517  1.00 41.19 ? 62  GLU B O   1 
ATOM   755  C CB  . GLU B 2 61  ? -1.149  1.994   22.006  1.00 41.28 ? 62  GLU B CB  1 
ATOM   756  C CG  . GLU B 2 61  ? -0.552  0.691   22.555  1.00 43.55 ? 62  GLU B CG  1 
ATOM   757  C CD  . GLU B 2 61  ? 0.395   0.895   23.734  1.00 45.78 ? 62  GLU B CD  1 
ATOM   758  O OE1 . GLU B 2 61  ? -0.009  1.532   24.744  1.00 50.62 ? 62  GLU B OE1 1 
ATOM   759  O OE2 . GLU B 2 61  ? 1.541   0.381   23.668  1.00 51.25 ? 62  GLU B OE2 1 
ATOM   760  N N   . GLY B 2 62  ? -3.091  3.448   19.352  1.00 38.32 ? 63  GLY B N   1 
ATOM   761  C CA  . GLY B 2 62  ? -3.900  4.607   19.051  1.00 35.33 ? 63  GLY B CA  1 
ATOM   762  C C   . GLY B 2 62  ? -4.670  4.457   17.759  1.00 34.56 ? 63  GLY B C   1 
ATOM   763  O O   . GLY B 2 62  ? -4.802  3.352   17.226  1.00 33.18 ? 63  GLY B O   1 
ATOM   764  N N   . ARG B 2 63  ? -5.152  5.592   17.257  1.00 32.79 ? 64  ARG B N   1 
ATOM   765  C CA  . ARG B 2 63  ? -6.056  5.664   16.113  1.00 32.31 ? 64  ARG B CA  1 
ATOM   766  C C   . ARG B 2 63  ? -5.434  6.511   15.017  1.00 30.26 ? 64  ARG B C   1 
ATOM   767  O O   . ARG B 2 63  ? -4.664  7.444   15.288  1.00 29.64 ? 64  ARG B O   1 
ATOM   768  C CB  . ARG B 2 63  ? -7.308  6.479   16.451  1.00 33.39 ? 64  ARG B CB  1 
ATOM   769  C CG  . ARG B 2 63  ? -8.280  5.988   17.450  1.00 37.84 ? 64  ARG B CG  1 
ATOM   770  C CD  . ARG B 2 63  ? -9.215  7.180   17.794  1.00 38.20 ? 64  ARG B CD  1 
ATOM   771  N NE  . ARG B 2 63  ? -9.957  7.692   16.634  1.00 39.33 ? 64  ARG B NE  1 
ATOM   772  C CZ  . ARG B 2 63  ? -11.156 7.242   16.272  1.00 37.90 ? 64  ARG B CZ  1 
ATOM   773  N NH1 . ARG B 2 63  ? -11.736 6.262   16.970  1.00 36.48 ? 64  ARG B NH1 1 
ATOM   774  N NH2 . ARG B 2 63  ? -11.777 7.765   15.220  1.00 37.09 ? 64  ARG B NH2 1 
ATOM   775  N N   . LEU B 2 64  ? -5.820  6.219   13.789  1.00 28.84 ? 65  LEU B N   1 
ATOM   776  C CA  . LEU B 2 64  ? -5.590  7.123   12.675  1.00 29.49 ? 65  LEU B CA  1 
ATOM   777  C C   . LEU B 2 64  ? -6.923  7.530   12.083  1.00 28.96 ? 65  LEU B C   1 
ATOM   778  O O   . LEU B 2 64  ? -7.752  6.684   11.741  1.00 29.12 ? 65  LEU B O   1 
ATOM   779  C CB  . LEU B 2 64  ? -4.724  6.462   11.618  1.00 28.95 ? 65  LEU B CB  1 
ATOM   780  C CG  . LEU B 2 64  ? -3.360  5.984   12.122  1.00 31.92 ? 65  LEU B CG  1 
ATOM   781  C CD1 . LEU B 2 64  ? -2.680  5.158   11.011  1.00 32.23 ? 65  LEU B CD1 1 
ATOM   782  C CD2 . LEU B 2 64  ? -2.468  7.167   12.592  1.00 32.50 ? 65  LEU B CD2 1 
ATOM   783  N N   . ASP B 2 65  ? -7.121  8.834   11.967  1.00 29.92 ? 66  ASP B N   1 
ATOM   784  C CA  . ASP B 2 65  ? -8.324  9.387   11.346  1.00 30.11 ? 66  ASP B CA  1 
ATOM   785  C C   . ASP B 2 65  ? -8.030  9.885   9.929   1.00 28.45 ? 66  ASP B C   1 
ATOM   786  O O   . ASP B 2 65  ? -6.899  10.270  9.621   1.00 28.10 ? 66  ASP B O   1 
ATOM   787  C CB  . ASP B 2 65  ? -8.885  10.499  12.235  1.00 31.88 ? 66  ASP B CB  1 
ATOM   788  C CG  . ASP B 2 65  ? -9.552  9.942   13.492  1.00 36.32 ? 66  ASP B CG  1 
ATOM   789  O OD1 . ASP B 2 65  ? -10.529 9.180   13.368  1.00 42.74 ? 66  ASP B OD1 1 
ATOM   790  O OD2 . ASP B 2 65  ? -9.084  10.239  14.605  1.00 42.64 ? 66  ASP B OD2 1 
ATOM   791  N N   . PRO B 2 66  ? -9.036  9.853   9.041   1.00 28.68 ? 67  PRO B N   1 
ATOM   792  C CA  . PRO B 2 66  ? -8.778  10.315  7.683   1.00 28.08 ? 67  PRO B CA  1 
ATOM   793  C C   . PRO B 2 66  ? -8.365  11.792  7.696   1.00 29.13 ? 67  PRO B C   1 
ATOM   794  O O   . PRO B 2 66  ? -8.872  12.569  8.511   1.00 29.56 ? 67  PRO B O   1 
ATOM   795  C CB  . PRO B 2 66  ? -10.104 10.044  6.962   1.00 27.63 ? 67  PRO B CB  1 
ATOM   796  C CG  . PRO B 2 66  ? -11.141 10.022  8.066   1.00 28.68 ? 67  PRO B CG  1 
ATOM   797  C CD  . PRO B 2 66  ? -10.435 9.403   9.227   1.00 28.24 ? 67  PRO B CD  1 
ATOM   798  N N   . TYR B 2 67  ? -7.410  12.169  6.852   1.00 28.84 ? 68  TYR B N   1 
ATOM   799  C CA  . TYR B 2 67  ? -6.911  13.553  6.843   1.00 29.33 ? 68  TYR B CA  1 
ATOM   800  C C   . TYR B 2 67  ? -7.312  14.293  5.569   1.00 29.65 ? 68  TYR B C   1 
ATOM   801  O O   . TYR B 2 67  ? -7.805  15.435  5.632   1.00 30.80 ? 68  TYR B O   1 
ATOM   802  C CB  . TYR B 2 67  ? -5.376  13.538  7.024   1.00 29.76 ? 68  TYR B CB  1 
ATOM   803  C CG  . TYR B 2 67  ? -4.762  14.889  7.250   1.00 31.34 ? 68  TYR B CG  1 
ATOM   804  C CD1 . TYR B 2 67  ? -4.426  15.323  8.523   1.00 29.86 ? 68  TYR B CD1 1 
ATOM   805  C CD2 . TYR B 2 67  ? -4.538  15.743  6.175   1.00 31.11 ? 68  TYR B CD2 1 
ATOM   806  C CE1 . TYR B 2 67  ? -3.836  16.599  8.704   1.00 32.79 ? 68  TYR B CE1 1 
ATOM   807  C CE2 . TYR B 2 67  ? -3.983  16.989  6.340   1.00 32.52 ? 68  TYR B CE2 1 
ATOM   808  C CZ  . TYR B 2 67  ? -3.628  17.407  7.593   1.00 32.50 ? 68  TYR B CZ  1 
ATOM   809  O OH  . TYR B 2 67  ? -3.072  18.666  7.690   1.00 34.56 ? 68  TYR B OH  1 
ATOM   810  N N   . TRP B 2 68  ? -7.106  13.647  4.421   1.00 28.86 ? 69  TRP B N   1 
ATOM   811  C CA  . TRP B 2 68  ? -7.382  14.206  3.097   1.00 29.01 ? 69  TRP B CA  1 
ATOM   812  C C   . TRP B 2 68  ? -7.725  13.070  2.152   1.00 29.73 ? 69  TRP B C   1 
ATOM   813  O O   . TRP B 2 68  ? -7.186  11.947  2.262   1.00 28.46 ? 69  TRP B O   1 
ATOM   814  C CB  . TRP B 2 68  ? -6.157  14.990  2.539   1.00 29.72 ? 69  TRP B CB  1 
ATOM   815  C CG  . TRP B 2 68  ? -6.381  15.438  1.101   1.00 28.87 ? 69  TRP B CG  1 
ATOM   816  C CD1 . TRP B 2 68  ? -6.951  16.610  0.700   1.00 30.98 ? 69  TRP B CD1 1 
ATOM   817  C CD2 . TRP B 2 68  ? -6.111  14.692  -0.101  1.00 31.82 ? 69  TRP B CD2 1 
ATOM   818  N NE1 . TRP B 2 68  ? -7.048  16.645  -0.680  1.00 29.69 ? 69  TRP B NE1 1 
ATOM   819  C CE2 . TRP B 2 68  ? -6.533  15.485  -1.190  1.00 31.43 ? 69  TRP B CE2 1 
ATOM   820  C CE3 . TRP B 2 68  ? -5.548  13.431  -0.362  1.00 30.25 ? 69  TRP B CE3 1 
ATOM   821  C CZ2 . TRP B 2 68  ? -6.404  15.065  -2.522  1.00 31.97 ? 69  TRP B CZ2 1 
ATOM   822  C CZ3 . TRP B 2 68  ? -5.429  13.013  -1.689  1.00 30.25 ? 69  TRP B CZ3 1 
ATOM   823  C CH2 . TRP B 2 68  ? -5.862  13.818  -2.745  1.00 32.67 ? 69  TRP B CH2 1 
ATOM   824  N N   . GLY B 2 69  ? -8.631  13.321  1.222   1.00 29.04 ? 70  GLY B N   1 
ATOM   825  C CA  . GLY B 2 69  ? -8.884  12.336  0.202   1.00 31.36 ? 70  GLY B CA  1 
ATOM   826  C C   . GLY B 2 69  ? -9.498  12.923  -1.036  1.00 31.97 ? 70  GLY B C   1 
ATOM   827  O O   . GLY B 2 69  ? -9.925  14.079  -1.035  1.00 32.63 ? 70  GLY B O   1 
ATOM   828  N N   . SER B 2 70  ? -9.494  12.126  -2.091  1.00 32.74 ? 71  SER B N   1 
ATOM   829  C CA  . SER B 2 70  ? -10.142 12.451  -3.365  1.00 33.54 ? 71  SER B CA  1 
ATOM   830  C C   . SER B 2 70  ? -10.814 11.177  -3.870  1.00 33.48 ? 71  SER B C   1 
ATOM   831  O O   . SER B 2 70  ? -10.146 10.209  -4.228  1.00 32.17 ? 71  SER B O   1 
ATOM   832  C CB  . SER B 2 70  ? -9.120  12.963  -4.391  1.00 33.87 ? 71  SER B CB  1 
ATOM   833  O OG  . SER B 2 70  ? -9.683  12.983  -5.707  1.00 35.63 ? 71  SER B OG  1 
ATOM   834  N N   . VAL B 2 71  ? -12.147 11.153  -3.883  1.00 33.07 ? 72  VAL B N   1 
ATOM   835  C CA  . VAL B 2 71  ? -12.842 9.972   -4.374  1.00 33.57 ? 72  VAL B CA  1 
ATOM   836  C C   . VAL B 2 71  ? -12.546 9.776   -5.858  1.00 33.74 ? 72  VAL B C   1 
ATOM   837  O O   . VAL B 2 71  ? -12.316 8.659   -6.308  1.00 33.82 ? 72  VAL B O   1 
ATOM   838  C CB  . VAL B 2 71  ? -14.386 10.060  -4.155  1.00 33.64 ? 72  VAL B CB  1 
ATOM   839  C CG1 . VAL B 2 71  ? -15.065 8.875   -4.767  1.00 34.69 ? 72  VAL B CG1 1 
ATOM   840  C CG2 . VAL B 2 71  ? -14.717 10.185  -2.690  1.00 35.22 ? 72  VAL B CG2 1 
ATOM   841  N N   . LYS B 2 72  ? -12.581 10.873  -6.610  1.00 34.75 ? 73  LYS B N   1 
ATOM   842  C CA  . LYS B 2 72  ? -12.312 10.897  -8.056  1.00 35.20 ? 73  LYS B CA  1 
ATOM   843  C C   . LYS B 2 72  ? -10.940 10.311  -8.436  1.00 35.32 ? 73  LYS B C   1 
ATOM   844  O O   . LYS B 2 72  ? -10.810 9.583   -9.411  1.00 35.84 ? 73  LYS B O   1 
ATOM   845  C CB  . LYS B 2 72  ? -12.384 12.354  -8.535  1.00 36.48 ? 73  LYS B CB  1 
ATOM   846  C CG  . LYS B 2 72  ? -12.052 12.600  -10.003 1.00 39.15 ? 73  LYS B CG  1 
ATOM   847  C CD  . LYS B 2 72  ? -13.074 11.995  -10.913 1.00 46.31 ? 73  LYS B CD  1 
ATOM   848  C CE  . LYS B 2 72  ? -13.129 12.733  -12.260 1.00 49.02 ? 73  LYS B CE  1 
ATOM   849  N NZ  . LYS B 2 72  ? -14.109 12.056  -13.175 1.00 51.41 ? 73  LYS B NZ  1 
ATOM   850  N N   . GLU B 2 73  ? -9.918  10.655  -7.668  1.00 34.43 ? 74  GLU B N   1 
ATOM   851  C CA  . GLU B 2 73  ? -8.570  10.142  -7.927  1.00 34.75 ? 74  GLU B CA  1 
ATOM   852  C C   . GLU B 2 73  ? -8.267  8.839   -7.199  1.00 34.09 ? 74  GLU B C   1 
ATOM   853  O O   . GLU B 2 73  ? -7.168  8.299   -7.359  1.00 34.05 ? 74  GLU B O   1 
ATOM   854  C CB  . GLU B 2 73  ? -7.568  11.184  -7.516  1.00 34.88 ? 74  GLU B CB  1 
ATOM   855  C CG  . GLU B 2 73  ? -7.762  12.479  -8.276  1.00 40.82 ? 74  GLU B CG  1 
ATOM   856  C CD  . GLU B 2 73  ? -6.522  13.302  -8.280  1.00 46.61 ? 74  GLU B CD  1 
ATOM   857  O OE1 . GLU B 2 73  ? -6.295  14.052  -7.296  1.00 50.12 ? 74  GLU B OE1 1 
ATOM   858  O OE2 . GLU B 2 73  ? -5.762  13.179  -9.267  1.00 51.10 ? 74  GLU B OE2 1 
ATOM   859  N N   . ASP B 2 74  ? -9.247  8.364   -6.413  1.00 32.24 ? 75  ASP B N   1 
ATOM   860  C CA  . ASP B 2 74  ? -9.177  7.160   -5.562  1.00 30.59 ? 75  ASP B CA  1 
ATOM   861  C C   . ASP B 2 74  ? -7.997  7.201   -4.584  1.00 29.62 ? 75  ASP B C   1 
ATOM   862  O O   . ASP B 2 74  ? -7.288  6.208   -4.414  1.00 29.17 ? 75  ASP B O   1 
ATOM   863  C CB  . ASP B 2 74  ? -9.167  5.881   -6.422  1.00 30.87 ? 75  ASP B CB  1 
ATOM   864  C CG  . ASP B 2 74  ? -9.743  4.648   -5.706  1.00 32.81 ? 75  ASP B CG  1 
ATOM   865  O OD1 . ASP B 2 74  ? -10.377 4.732   -4.632  1.00 29.17 ? 75  ASP B OD1 1 
ATOM   866  O OD2 . ASP B 2 74  ? -9.568  3.544   -6.249  1.00 36.59 ? 75  ASP B OD2 1 
ATOM   867  N N   . ARG B 2 75  ? -7.801  8.347   -3.934  1.00 28.82 ? 76  ARG B N   1 
ATOM   868  C CA  . ARG B 2 75  ? -6.693  8.518   -2.990  1.00 28.32 ? 76  ARG B CA  1 
ATOM   869  C C   . ARG B 2 75  ? -7.183  8.932   -1.620  1.00 27.18 ? 76  ARG B C   1 
ATOM   870  O O   . ARG B 2 75  ? -8.128  9.727   -1.488  1.00 26.72 ? 76  ARG B O   1 
ATOM   871  C CB  . ARG B 2 75  ? -5.632  9.526   -3.499  1.00 27.68 ? 76  ARG B CB  1 
ATOM   872  C CG  . ARG B 2 75  ? -4.959  9.058   -4.779  1.00 29.80 ? 76  ARG B CG  1 
ATOM   873  C CD  . ARG B 2 75  ? -3.771  9.918   -5.184  1.00 32.44 ? 76  ARG B CD  1 
ATOM   874  N NE  . ARG B 2 75  ? -4.176  11.245  -5.625  1.00 35.87 ? 76  ARG B NE  1 
ATOM   875  C CZ  . ARG B 2 75  ? -3.771  12.388  -5.087  1.00 37.48 ? 76  ARG B CZ  1 
ATOM   876  N NH1 . ARG B 2 75  ? -2.910  12.401  -4.081  1.00 39.66 ? 76  ARG B NH1 1 
ATOM   877  N NH2 . ARG B 2 75  ? -4.208  13.537  -5.595  1.00 40.02 ? 76  ARG B NH2 1 
ATOM   878  N N   . LEU B 2 76  ? -6.548  8.379   -0.598  1.00 25.09 ? 77  LEU B N   1 
ATOM   879  C CA  . LEU B 2 76  ? -6.926  8.681   0.761   1.00 23.90 ? 77  LEU B CA  1 
ATOM   880  C C   . LEU B 2 76  ? -5.731  8.559   1.698   1.00 23.99 ? 77  LEU B C   1 
ATOM   881  O O   . LEU B 2 76  ? -4.999  7.588   1.634   1.00 22.60 ? 77  LEU B O   1 
ATOM   882  C CB  . LEU B 2 76  ? -8.051  7.732   1.204   1.00 23.18 ? 77  LEU B CB  1 
ATOM   883  C CG  . LEU B 2 76  ? -8.597  7.916   2.632   1.00 25.29 ? 77  LEU B CG  1 
ATOM   884  C CD1 . LEU B 2 76  ? -9.302  9.252   2.770   1.00 26.60 ? 77  LEU B CD1 1 
ATOM   885  C CD2 . LEU B 2 76  ? -9.554  6.753   2.975   1.00 24.61 ? 77  LEU B CD2 1 
ATOM   886  N N   . CYS B 2 77  ? -5.539  9.528   2.574   1.00 23.67 ? 78  CYS B N   1 
ATOM   887  C CA  . CYS B 2 77  ? -4.461  9.404   3.533   1.00 25.91 ? 78  CYS B CA  1 
ATOM   888  C C   . CYS B 2 77  ? -4.877  9.806   4.938   1.00 25.99 ? 78  CYS B C   1 
ATOM   889  O O   . CYS B 2 77  ? -5.860  10.585  5.136   1.00 27.34 ? 78  CYS B O   1 
ATOM   890  C CB  . CYS B 2 77  ? -3.202  10.138  3.044   1.00 25.04 ? 78  CYS B CB  1 
ATOM   891  S SG  . CYS B 2 77  ? -3.472  11.917  2.761   1.00 29.63 ? 78  CYS B SG  1 
ATOM   892  N N   . TYR B 2 78  ? -4.170  9.229   5.915   1.00 25.09 ? 79  TYR B N   1 
ATOM   893  C CA  . TYR B 2 78  ? -4.468  9.367   7.337   1.00 25.70 ? 79  TYR B CA  1 
ATOM   894  C C   . TYR B 2 78  ? -3.271  9.898   8.062   1.00 26.24 ? 79  TYR B C   1 
ATOM   895  O O   . TYR B 2 78  ? -2.138  9.487   7.766   1.00 26.34 ? 79  TYR B O   1 
ATOM   896  C CB  . TYR B 2 78  ? -4.771  7.997   7.969   1.00 25.55 ? 79  TYR B CB  1 
ATOM   897  C CG  . TYR B 2 78  ? -6.039  7.307   7.521   1.00 24.37 ? 79  TYR B CG  1 
ATOM   898  C CD1 . TYR B 2 78  ? -7.101  7.157   8.391   1.00 23.80 ? 79  TYR B CD1 1 
ATOM   899  C CD2 . TYR B 2 78  ? -6.157  6.755   6.241   1.00 22.90 ? 79  TYR B CD2 1 
ATOM   900  C CE1 . TYR B 2 78  ? -8.271  6.485   7.989   1.00 23.19 ? 79  TYR B CE1 1 
ATOM   901  C CE2 . TYR B 2 78  ? -7.279  6.072   5.858   1.00 24.81 ? 79  TYR B CE2 1 
ATOM   902  C CZ  . TYR B 2 78  ? -8.358  5.975   6.730   1.00 23.44 ? 79  TYR B CZ  1 
ATOM   903  O OH  . TYR B 2 78  ? -9.473  5.305   6.325   1.00 26.22 ? 79  TYR B OH  1 
ATOM   904  N N   . GLY B 2 79  ? -3.508  10.760  9.049   1.00 26.93 ? 80  GLY B N   1 
ATOM   905  C CA  . GLY B 2 79  ? -2.450  11.213  9.939   1.00 27.70 ? 80  GLY B CA  1 
ATOM   906  C C   . GLY B 2 79  ? -1.666  12.396  9.433   1.00 28.62 ? 80  GLY B C   1 
ATOM   907  O O   . GLY B 2 79  ? -0.769  12.901  10.125  1.00 30.97 ? 80  GLY B O   1 
ATOM   908  N N   . GLY B 2 80  ? -1.997  12.853  8.232   1.00 28.86 ? 81  GLY B N   1 
ATOM   909  C CA  . GLY B 2 80  ? -1.325  14.035  7.639   1.00 28.48 ? 81  GLY B CA  1 
ATOM   910  C C   . GLY B 2 80  ? -1.632  14.101  6.161   1.00 28.51 ? 81  GLY B C   1 
ATOM   911  O O   . GLY B 2 80  ? -2.325  13.235  5.651   1.00 27.23 ? 81  GLY B O   1 
ATOM   912  N N   . PRO B 2 81  ? -1.150  15.158  5.461   1.00 28.55 ? 82  PRO B N   1 
ATOM   913  C CA  . PRO B 2 81  ? -1.391  15.329  4.031   1.00 29.16 ? 82  PRO B CA  1 
ATOM   914  C C   . PRO B 2 81  ? -0.643  14.319  3.154   1.00 28.94 ? 82  PRO B C   1 
ATOM   915  O O   . PRO B 2 81  ? 0.291   13.681  3.642   1.00 29.27 ? 82  PRO B O   1 
ATOM   916  C CB  . PRO B 2 81  ? -0.901  16.767  3.764   1.00 30.02 ? 82  PRO B CB  1 
ATOM   917  C CG  . PRO B 2 81  ? 0.100   16.999  4.778   1.00 30.86 ? 82  PRO B CG  1 
ATOM   918  C CD  . PRO B 2 81  ? -0.386  16.288  6.024   1.00 28.60 ? 82  PRO B CD  1 
ATOM   919  N N   . TRP B 2 82  ? -1.063  14.157  1.900   1.00 29.31 ? 83  TRP B N   1 
ATOM   920  C CA  . TRP B 2 82  ? -0.403  13.222  0.968   1.00 29.23 ? 83  TRP B CA  1 
ATOM   921  C C   . TRP B 2 82  ? 1.099   13.498  0.839   1.00 30.76 ? 83  TRP B C   1 
ATOM   922  O O   . TRP B 2 82  ? 1.493   14.575  0.391   1.00 29.48 ? 83  TRP B O   1 
ATOM   923  C CB  . TRP B 2 82  ? -1.037  13.330  -0.418  1.00 28.68 ? 83  TRP B CB  1 
ATOM   924  C CG  . TRP B 2 82  ? -0.722  12.236  -1.366  1.00 27.71 ? 83  TRP B CG  1 
ATOM   925  C CD1 . TRP B 2 82  ? 0.234   12.241  -2.363  1.00 26.39 ? 83  TRP B CD1 1 
ATOM   926  C CD2 . TRP B 2 82  ? -1.363  10.957  -1.433  1.00 27.79 ? 83  TRP B CD2 1 
ATOM   927  N NE1 . TRP B 2 82  ? 0.207   11.056  -3.037  1.00 29.34 ? 83  TRP B NE1 1 
ATOM   928  C CE2 . TRP B 2 82  ? -0.759  10.244  -2.485  1.00 26.91 ? 83  TRP B CE2 1 
ATOM   929  C CE3 . TRP B 2 82  ? -2.406  10.346  -0.699  1.00 26.40 ? 83  TRP B CE3 1 
ATOM   930  C CZ2 . TRP B 2 82  ? -1.149  8.937   -2.835  1.00 27.95 ? 83  TRP B CZ2 1 
ATOM   931  C CZ3 . TRP B 2 82  ? -2.801  9.068   -1.049  1.00 26.45 ? 83  TRP B CZ3 1 
ATOM   932  C CH2 . TRP B 2 82  ? -2.166  8.367   -2.109  1.00 26.93 ? 83  TRP B CH2 1 
ATOM   933  N N   . GLN B 2 83  ? 1.916   12.515  1.215   1.00 31.32 ? 84  GLN B N   1 
ATOM   934  C CA  . GLN B 2 83  ? 3.372   12.685  1.253   1.00 33.04 ? 84  GLN B CA  1 
ATOM   935  C C   . GLN B 2 83  ? 4.098   12.115  0.032   1.00 34.20 ? 84  GLN B C   1 
ATOM   936  O O   . GLN B 2 83  ? 5.239   12.511  -0.243  1.00 34.08 ? 84  GLN B O   1 
ATOM   937  C CB  . GLN B 2 83  ? 3.957   12.069  2.530   1.00 32.70 ? 84  GLN B CB  1 
ATOM   938  C CG  . GLN B 2 83  ? 3.348   12.560  3.876   1.00 33.88 ? 84  GLN B CG  1 
ATOM   939  C CD  . GLN B 2 83  ? 3.748   13.983  4.264   1.00 36.45 ? 84  GLN B CD  1 
ATOM   940  O OE1 . GLN B 2 83  ? 4.190   14.745  3.426   1.00 43.90 ? 84  GLN B OE1 1 
ATOM   941  N NE2 . GLN B 2 83  ? 3.574   14.346  5.534   1.00 39.35 ? 84  GLN B NE2 1 
ATOM   942  N N   . LEU B 2 84  ? 3.459   11.178  -0.680  1.00 34.95 ? 85  LEU B N   1 
ATOM   943  C CA  . LEU B 2 84  ? 4.126   10.463  -1.760  1.00 35.37 ? 85  LEU B CA  1 
ATOM   944  C C   . LEU B 2 84  ? 4.380   11.464  -2.862  1.00 37.90 ? 85  LEU B C   1 
ATOM   945  O O   . LEU B 2 84  ? 3.497   12.263  -3.199  1.00 38.20 ? 85  LEU B O   1 
ATOM   946  C CB  . LEU B 2 84  ? 3.288   9.286   -2.266  1.00 35.82 ? 85  LEU B CB  1 
ATOM   947  C CG  . LEU B 2 84  ? 2.781   8.257   -1.250  1.00 32.64 ? 85  LEU B CG  1 
ATOM   948  C CD1 . LEU B 2 84  ? 2.033   7.151   -1.988  1.00 32.46 ? 85  LEU B CD1 1 
ATOM   949  C CD2 . LEU B 2 84  ? 3.915   7.663   -0.438  1.00 36.97 ? 85  LEU B CD2 1 
ATOM   950  N N   . GLN B 2 85  ? 5.607   11.489  -3.367  1.00 39.90 ? 86  GLN B N   1 
ATOM   951  C CA  . GLN B 2 85  ? 5.966   12.531  -4.328  1.00 42.77 ? 86  GLN B CA  1 
ATOM   952  C C   . GLN B 2 85  ? 6.533   12.059  -5.662  1.00 42.71 ? 86  GLN B C   1 
ATOM   953  O O   . GLN B 2 85  ? 6.518   12.814  -6.644  1.00 44.35 ? 86  GLN B O   1 
ATOM   954  C CB  . GLN B 2 85  ? 6.858   13.601  -3.688  1.00 42.45 ? 86  GLN B CB  1 
ATOM   955  C CG  . GLN B 2 85  ? 7.835   13.114  -2.605  1.00 45.30 ? 86  GLN B CG  1 
ATOM   956  C CD  . GLN B 2 85  ? 8.577   14.280  -1.957  1.00 45.91 ? 86  GLN B CD  1 
ATOM   957  O OE1 . GLN B 2 85  ? 8.850   15.287  -2.612  1.00 51.04 ? 86  GLN B OE1 1 
ATOM   958  N NE2 . GLN B 2 85  ? 8.906   14.149  -0.669  1.00 50.16 ? 86  GLN B NE2 1 
ATOM   959  N N   . HIS B 2 86  ? 6.993   10.817  -5.716  1.00 42.34 ? 87  HIS B N   1 
ATOM   960  C CA  . HIS B 2 86  ? 7.677   10.333  -6.900  1.00 41.42 ? 87  HIS B CA  1 
ATOM   961  C C   . HIS B 2 86  ? 6.694   9.756   -7.890  1.00 40.57 ? 87  HIS B C   1 
ATOM   962  O O   . HIS B 2 86  ? 5.611   9.307   -7.516  1.00 40.15 ? 87  HIS B O   1 
ATOM   963  C CB  . HIS B 2 86  ? 8.764   9.317   -6.528  1.00 41.34 ? 87  HIS B CB  1 
ATOM   964  C CG  . HIS B 2 86  ? 9.834   9.892   -5.653  1.00 42.57 ? 87  HIS B CG  1 
ATOM   965  N ND1 . HIS B 2 86  ? 9.827   9.759   -4.282  1.00 43.78 ? 87  HIS B ND1 1 
ATOM   966  C CD2 . HIS B 2 86  ? 10.918  10.649  -5.950  1.00 44.87 ? 87  HIS B CD2 1 
ATOM   967  C CE1 . HIS B 2 86  ? 10.874  10.384  -3.773  1.00 44.44 ? 87  HIS B CE1 1 
ATOM   968  N NE2 . HIS B 2 86  ? 11.552  10.933  -4.765  1.00 45.25 ? 87  HIS B NE2 1 
ATOM   969  N N   . LYS B 2 87  ? 7.075   9.786   -9.155  1.00 39.90 ? 88  LYS B N   1 
ATOM   970  C CA  . LYS B 2 87  ? 6.226   9.281   -10.223 1.00 39.76 ? 88  LYS B CA  1 
ATOM   971  C C   . LYS B 2 87  ? 7.041   8.339   -11.073 1.00 38.87 ? 88  LYS B C   1 
ATOM   972  O O   . LYS B 2 87  ? 8.263   8.439   -11.124 1.00 38.36 ? 88  LYS B O   1 
ATOM   973  C CB  . LYS B 2 87  ? 5.702   10.417  -11.113 1.00 40.12 ? 88  LYS B CB  1 
ATOM   974  C CG  . LYS B 2 87  ? 5.249   11.662  -10.362 1.00 43.24 ? 88  LYS B CG  1 
ATOM   975  C CD  . LYS B 2 87  ? 4.068   12.321  -11.069 1.00 47.33 ? 88  LYS B CD  1 
ATOM   976  C CE  . LYS B 2 87  ? 3.272   13.225  -10.135 1.00 49.61 ? 88  LYS B CE  1 
ATOM   977  N NZ  . LYS B 2 87  ? 2.122   12.508  -9.499  1.00 49.70 ? 88  LYS B NZ  1 
ATOM   978  N N   . TRP B 2 88  ? 6.353   7.426   -11.741 1.00 37.82 ? 89  TRP B N   1 
ATOM   979  C CA  . TRP B 2 88  ? 6.980   6.583   -12.732 1.00 37.73 ? 89  TRP B CA  1 
ATOM   980  C C   . TRP B 2 88  ? 7.647   7.472   -13.790 1.00 38.74 ? 89  TRP B C   1 
ATOM   981  O O   . TRP B 2 88  ? 7.048   8.466   -14.248 1.00 37.91 ? 89  TRP B O   1 
ATOM   982  C CB  . TRP B 2 88  ? 5.930   5.672   -13.363 1.00 36.78 ? 89  TRP B CB  1 
ATOM   983  C CG  . TRP B 2 88  ? 6.459   4.780   -14.422 1.00 34.91 ? 89  TRP B CG  1 
ATOM   984  C CD1 . TRP B 2 88  ? 7.620   4.042   -14.378 1.00 34.02 ? 89  TRP B CD1 1 
ATOM   985  C CD2 . TRP B 2 88  ? 5.833   4.476   -15.670 1.00 34.66 ? 89  TRP B CD2 1 
ATOM   986  N NE1 . TRP B 2 88  ? 7.747   3.310   -15.533 1.00 34.90 ? 89  TRP B NE1 1 
ATOM   987  C CE2 . TRP B 2 88  ? 6.667   3.562   -16.343 1.00 34.15 ? 89  TRP B CE2 1 
ATOM   988  C CE3 . TRP B 2 88  ? 4.643   4.903   -16.296 1.00 36.50 ? 89  TRP B CE3 1 
ATOM   989  C CZ2 . TRP B 2 88  ? 6.361   3.069   -17.625 1.00 36.94 ? 89  TRP B CZ2 1 
ATOM   990  C CZ3 . TRP B 2 88  ? 4.335   4.404   -17.559 1.00 35.67 ? 89  TRP B CZ3 1 
ATOM   991  C CH2 . TRP B 2 88  ? 5.195   3.500   -18.211 1.00 35.70 ? 89  TRP B CH2 1 
ATOM   992  N N   . ASN B 2 89  ? 8.893   7.143   -14.140 1.00 39.47 ? 90  ASN B N   1 
ATOM   993  C CA  . ASN B 2 89  ? 9.638   7.965   -15.106 1.00 41.44 ? 90  ASN B CA  1 
ATOM   994  C C   . ASN B 2 89  ? 9.218   7.692   -16.543 1.00 42.22 ? 90  ASN B C   1 
ATOM   995  O O   . ASN B 2 89  ? 9.702   8.342   -17.471 1.00 42.73 ? 90  ASN B O   1 
ATOM   996  C CB  . ASN B 2 89  ? 11.165  7.859   -14.919 1.00 41.07 ? 90  ASN B CB  1 
ATOM   997  C CG  . ASN B 2 89  ? 11.724  6.497   -15.274 1.00 43.12 ? 90  ASN B CG  1 
ATOM   998  O OD1 . ASN B 2 89  ? 11.009  5.596   -15.724 1.00 44.79 ? 90  ASN B OD1 1 
ATOM   999  N ND2 . ASN B 2 89  ? 13.033  6.338   -15.064 1.00 44.97 ? 90  ASN B ND2 1 
ATOM   1000 N N   . GLY B 2 90  ? 8.313   6.731   -16.723 1.00 42.80 ? 91  GLY B N   1 
ATOM   1001 C CA  . GLY B 2 90  ? 7.772   6.431   -18.038 1.00 43.22 ? 91  GLY B CA  1 
ATOM   1002 C C   . GLY B 2 90  ? 8.552   5.418   -18.852 1.00 43.74 ? 91  GLY B C   1 
ATOM   1003 O O   . GLY B 2 90  ? 8.069   4.958   -19.876 1.00 43.47 ? 91  GLY B O   1 
ATOM   1004 N N   . GLN B 2 91  ? 9.750   5.055   -18.395 1.00 44.30 ? 92  GLN B N   1 
ATOM   1005 C CA  . GLN B 2 91  ? 10.584  4.094   -19.122 1.00 44.72 ? 92  GLN B CA  1 
ATOM   1006 C C   . GLN B 2 91  ? 10.882  2.813   -18.348 1.00 43.55 ? 92  GLN B C   1 
ATOM   1007 O O   . GLN B 2 91  ? 10.693  1.720   -18.872 1.00 44.25 ? 92  GLN B O   1 
ATOM   1008 C CB  . GLN B 2 91  ? 11.889  4.750   -19.604 1.00 44.90 ? 92  GLN B CB  1 
ATOM   1009 C CG  . GLN B 2 91  ? 12.829  5.236   -18.500 1.00 47.08 ? 92  GLN B CG  1 
ATOM   1010 C CD  . GLN B 2 91  ? 14.234  5.560   -18.997 1.00 47.28 ? 92  GLN B CD  1 
ATOM   1011 O OE1 . GLN B 2 91  ? 14.418  5.986   -20.141 1.00 53.27 ? 92  GLN B OE1 1 
ATOM   1012 N NE2 . GLN B 2 91  ? 15.235  5.363   -18.133 1.00 50.56 ? 92  GLN B NE2 1 
ATOM   1013 N N   . ASP B 2 92  ? 11.338  2.953   -17.104 1.00 42.60 ? 93  ASP B N   1 
ATOM   1014 C CA  . ASP B 2 92  ? 11.906  1.827   -16.362 1.00 41.11 ? 93  ASP B CA  1 
ATOM   1015 C C   . ASP B 2 92  ? 10.825  0.865   -15.929 1.00 39.54 ? 93  ASP B C   1 
ATOM   1016 O O   . ASP B 2 92  ? 9.640   1.223   -15.869 1.00 39.18 ? 93  ASP B O   1 
ATOM   1017 C CB  . ASP B 2 92  ? 12.707  2.307   -15.144 1.00 41.83 ? 93  ASP B CB  1 
ATOM   1018 C CG  . ASP B 2 92  ? 13.962  3.083   -15.526 1.00 44.35 ? 93  ASP B CG  1 
ATOM   1019 O OD1 . ASP B 2 92  ? 14.402  3.005   -16.699 1.00 47.11 ? 93  ASP B OD1 1 
ATOM   1020 O OD2 . ASP B 2 92  ? 14.506  3.787   -14.645 1.00 45.30 ? 93  ASP B OD2 1 
ATOM   1021 N N   . GLU B 2 93  ? 11.240  -0.364  -15.646 1.00 37.45 ? 94  GLU B N   1 
ATOM   1022 C CA  . GLU B 2 93  ? 10.367  -1.323  -15.012 1.00 35.74 ? 94  GLU B CA  1 
ATOM   1023 C C   . GLU B 2 93  ? 10.185  -0.885  -13.559 1.00 33.30 ? 94  GLU B C   1 
ATOM   1024 O O   . GLU B 2 93  ? 10.956  -0.053  -13.042 1.00 32.76 ? 94  GLU B O   1 
ATOM   1025 C CB  . GLU B 2 93  ? 10.921  -2.746  -15.134 1.00 36.09 ? 94  GLU B CB  1 
ATOM   1026 C CG  . GLU B 2 93  ? 10.747  -3.317  -16.555 1.00 37.47 ? 94  GLU B CG  1 
ATOM   1027 C CD  . GLU B 2 93  ? 11.391  -4.676  -16.784 1.00 39.21 ? 94  GLU B CD  1 
ATOM   1028 O OE1 . GLU B 2 93  ? 11.929  -5.287  -15.824 1.00 40.48 ? 94  GLU B OE1 1 
ATOM   1029 O OE2 . GLU B 2 93  ? 11.378  -5.136  -17.959 1.00 43.95 ? 94  GLU B OE2 1 
ATOM   1030 N N   . VAL B 2 94  ? 9.132   -1.401  -12.927 1.00 30.79 ? 95  VAL B N   1 
ATOM   1031 C CA  . VAL B 2 94  ? 8.838   -1.051  -11.531 1.00 28.65 ? 95  VAL B CA  1 
ATOM   1032 C C   . VAL B 2 94  ? 8.602   -2.327  -10.754 1.00 26.74 ? 95  VAL B C   1 
ATOM   1033 O O   . VAL B 2 94  ? 8.491   -3.401  -11.335 1.00 27.75 ? 95  VAL B O   1 
ATOM   1034 C CB  . VAL B 2 94  ? 7.606   -0.117  -11.373 1.00 27.59 ? 95  VAL B CB  1 
ATOM   1035 C CG1 . VAL B 2 94  ? 7.853   1.269   -12.036 1.00 29.76 ? 95  VAL B CG1 1 
ATOM   1036 C CG2 . VAL B 2 94  ? 6.359   -0.796  -11.896 1.00 27.36 ? 95  VAL B CG2 1 
ATOM   1037 N N   . GLN B 2 95  ? 8.560   -2.228  -9.431  1.00 26.32 ? 96  GLN B N   1 
ATOM   1038 C CA  . GLN B 2 95  ? 8.208   -3.379  -8.663  1.00 24.19 ? 96  GLN B CA  1 
ATOM   1039 C C   . GLN B 2 95  ? 6.980   -3.094  -7.802  1.00 23.74 ? 96  GLN B C   1 
ATOM   1040 O O   . GLN B 2 95  ? 6.896   -2.078  -7.100  1.00 22.29 ? 96  GLN B O   1 
ATOM   1041 C CB  . GLN B 2 95  ? 9.381   -3.834  -7.794  1.00 24.91 ? 96  GLN B CB  1 
ATOM   1042 C CG  . GLN B 2 95  ? 10.413  -4.633  -8.556  1.00 24.44 ? 96  GLN B CG  1 
ATOM   1043 C CD  . GLN B 2 95  ? 11.526  -5.116  -7.636  1.00 23.22 ? 96  GLN B CD  1 
ATOM   1044 O OE1 . GLN B 2 95  ? 11.417  -5.038  -6.400  1.00 23.69 ? 96  GLN B OE1 1 
ATOM   1045 N NE2 . GLN B 2 95  ? 12.590  -5.624  -8.238  1.00 22.83 ? 96  GLN B NE2 1 
ATOM   1046 N N   . MET B 2 96  ? 6.029   -4.007  -7.867  1.00 24.17 ? 97  MET B N   1 
ATOM   1047 C CA  . MET B 2 96  ? 4.860   -3.875  -7.021  1.00 24.50 ? 97  MET B CA  1 
ATOM   1048 C C   . MET B 2 96  ? 5.159   -4.671  -5.756  1.00 22.48 ? 97  MET B C   1 
ATOM   1049 O O   . MET B 2 96  ? 5.552   -5.822  -5.837  1.00 22.76 ? 97  MET B O   1 
ATOM   1050 C CB  . MET B 2 96  ? 3.616   -4.460  -7.702  1.00 24.33 ? 97  MET B CB  1 
ATOM   1051 C CG  . MET B 2 96  ? 2.349   -4.368  -6.845  1.00 24.22 ? 97  MET B CG  1 
ATOM   1052 S SD  . MET B 2 96  ? 0.920   -4.927  -7.804  1.00 28.47 ? 97  MET B SD  1 
ATOM   1053 C CE  . MET B 2 96  ? -0.177  -5.333  -6.468  1.00 24.43 ? 97  MET B CE  1 
ATOM   1054 N N   . ILE B 2 97  ? 4.935   -4.064  -4.601  1.00 22.35 ? 98  ILE B N   1 
ATOM   1055 C CA  . ILE B 2 97  ? 4.999   -4.816  -3.347  1.00 22.71 ? 98  ILE B CA  1 
ATOM   1056 C C   . ILE B 2 97  ? 3.609   -5.389  -3.114  1.00 22.52 ? 98  ILE B C   1 
ATOM   1057 O O   . ILE B 2 97  ? 2.723   -4.711  -2.546  1.00 23.29 ? 98  ILE B O   1 
ATOM   1058 C CB  . ILE B 2 97  ? 5.521   -3.927  -2.146  1.00 22.19 ? 98  ILE B CB  1 
ATOM   1059 C CG1 . ILE B 2 97  ? 6.924   -3.369  -2.433  1.00 25.01 ? 98  ILE B CG1 1 
ATOM   1060 C CG2 . ILE B 2 97  ? 5.547   -4.757  -0.876  1.00 22.44 ? 98  ILE B CG2 1 
ATOM   1061 C CD1 . ILE B 2 97  ? 7.424   -2.346  -1.378  1.00 21.45 ? 98  ILE B CD1 1 
ATOM   1062 N N   . VAL B 2 98  ? 3.432   -6.651  -3.527  1.00 23.66 ? 99  VAL B N   1 
ATOM   1063 C CA  . VAL B 2 98  ? 2.138   -7.279  -3.635  1.00 23.48 ? 99  VAL B CA  1 
ATOM   1064 C C   . VAL B 2 98  ? 1.693   -7.783  -2.264  1.00 23.55 ? 99  VAL B C   1 
ATOM   1065 O O   . VAL B 2 98  ? 2.299   -8.700  -1.700  1.00 24.01 ? 99  VAL B O   1 
ATOM   1066 C CB  . VAL B 2 98  ? 2.123   -8.451  -4.642  1.00 23.59 ? 99  VAL B CB  1 
ATOM   1067 C CG1 . VAL B 2 98  ? 0.743   -9.121  -4.705  1.00 24.68 ? 99  VAL B CG1 1 
ATOM   1068 C CG2 . VAL B 2 98  ? 2.651   -8.049  -6.011  1.00 24.57 ? 99  VAL B CG2 1 
ATOM   1069 N N   . VAL B 2 99  ? 0.616   -7.202  -1.753  1.00 23.43 ? 100 VAL B N   1 
ATOM   1070 C CA  . VAL B 2 99  ? 0.058   -7.613  -0.452  1.00 24.12 ? 100 VAL B CA  1 
ATOM   1071 C C   . VAL B 2 99  ? -1.269  -8.333  -0.732  1.00 25.21 ? 100 VAL B C   1 
ATOM   1072 O O   . VAL B 2 99  ? -2.353  -7.791  -0.487  1.00 26.58 ? 100 VAL B O   1 
ATOM   1073 C CB  . VAL B 2 99  ? -0.091  -6.387  0.539   1.00 24.28 ? 100 VAL B CB  1 
ATOM   1074 C CG1 . VAL B 2 99  ? -0.527  -6.852  1.920   1.00 23.07 ? 100 VAL B CG1 1 
ATOM   1075 C CG2 . VAL B 2 99  ? 1.216   -5.610  0.643   1.00 21.23 ? 100 VAL B CG2 1 
ATOM   1076 N N   . GLU B 2 100 ? -1.190  -9.551  -1.263  1.00 26.93 ? 101 GLU B N   1 
ATOM   1077 C CA  . GLU B 2 100 ? -2.396  -10.303 -1.595  1.00 28.37 ? 101 GLU B CA  1 
ATOM   1078 C C   . GLU B 2 100 ? -3.021  -10.938 -0.339  1.00 28.46 ? 101 GLU B C   1 
ATOM   1079 O O   . GLU B 2 100 ? -2.294  -11.517 0.481   1.00 28.99 ? 101 GLU B O   1 
ATOM   1080 C CB  . GLU B 2 100 ? -2.062  -11.375 -2.633  1.00 30.22 ? 101 GLU B CB  1 
ATOM   1081 C CG  . GLU B 2 100 ? -3.243  -12.228 -2.995  1.00 32.55 ? 101 GLU B CG  1 
ATOM   1082 C CD  . GLU B 2 100 ? -3.056  -12.978 -4.283  1.00 36.35 ? 101 GLU B CD  1 
ATOM   1083 O OE1 . GLU B 2 100 ? -1.962  -12.896 -4.867  1.00 35.78 ? 101 GLU B OE1 1 
ATOM   1084 O OE2 . GLU B 2 100 ? -4.013  -13.654 -4.707  1.00 39.08 ? 101 GLU B OE2 1 
ATOM   1085 N N   . PRO B 2 101 ? -4.362  -10.855 -0.169  1.00 28.92 ? 102 PRO B N   1 
ATOM   1086 C CA  . PRO B 2 101 ? -4.921  -11.471 1.044   1.00 29.22 ? 102 PRO B CA  1 
ATOM   1087 C C   . PRO B 2 101 ? -4.504  -12.938 1.138   1.00 29.87 ? 102 PRO B C   1 
ATOM   1088 O O   . PRO B 2 101 ? -4.474  -13.630 0.125   1.00 30.68 ? 102 PRO B O   1 
ATOM   1089 C CB  . PRO B 2 101 ? -6.434  -11.360 0.826   1.00 29.20 ? 102 PRO B CB  1 
ATOM   1090 C CG  . PRO B 2 101 ? -6.572  -10.171 -0.043  1.00 28.33 ? 102 PRO B CG  1 
ATOM   1091 C CD  . PRO B 2 101 ? -5.419  -10.253 -1.002  1.00 28.82 ? 102 PRO B CD  1 
ATOM   1092 N N   . GLY B 2 102 ? -4.150  -13.391 2.335   1.00 29.98 ? 103 GLY B N   1 
ATOM   1093 C CA  . GLY B 2 102 ? -3.773  -14.796 2.528   1.00 30.67 ? 103 GLY B CA  1 
ATOM   1094 C C   . GLY B 2 102 ? -2.476  -15.281 1.897   1.00 30.74 ? 103 GLY B C   1 
ATOM   1095 O O   . GLY B 2 102 ? -2.211  -16.479 1.897   1.00 31.40 ? 103 GLY B O   1 
ATOM   1096 N N   . ARG B 2 103 ? -1.660  -14.371 1.366   1.00 30.59 ? 104 ARG B N   1 
ATOM   1097 C CA  . ARG B 2 103 ? -0.352  -14.722 0.768   1.00 29.91 ? 104 ARG B CA  1 
ATOM   1098 C C   . ARG B 2 103 ? 0.803   -13.963 1.449   1.00 29.04 ? 104 ARG B C   1 
ATOM   1099 O O   . ARG B 2 103 ? 0.629   -12.832 1.869   1.00 27.19 ? 104 ARG B O   1 
ATOM   1100 C CB  . ARG B 2 103 ? -0.342  -14.394 -0.726  1.00 31.25 ? 104 ARG B CB  1 
ATOM   1101 C CG  . ARG B 2 103 ? -1.444  -15.072 -1.549  1.00 35.24 ? 104 ARG B CG  1 
ATOM   1102 C CD  . ARG B 2 103 ? -1.244  -16.576 -1.551  1.00 42.26 ? 104 ARG B CD  1 
ATOM   1103 N NE  . ARG B 2 103 ? -1.749  -17.196 -2.768  1.00 50.24 ? 104 ARG B NE  1 
ATOM   1104 C CZ  . ARG B 2 103 ? -0.973  -17.705 -3.726  1.00 53.34 ? 104 ARG B CZ  1 
ATOM   1105 N NH1 . ARG B 2 103 ? -1.526  -18.251 -4.800  1.00 54.49 ? 104 ARG B NH1 1 
ATOM   1106 N NH2 . ARG B 2 103 ? 0.356   -17.668 -3.609  1.00 54.69 ? 104 ARG B NH2 1 
ATOM   1107 N N   . ASN B 2 104 ? 1.988   -14.578 1.521   1.00 28.67 ? 105 ASN B N   1 
ATOM   1108 C CA  . ASN B 2 104 ? 3.180   -13.830 1.913   1.00 28.28 ? 105 ASN B CA  1 
ATOM   1109 C C   . ASN B 2 104 ? 3.430   -12.704 0.957   1.00 27.01 ? 105 ASN B C   1 
ATOM   1110 O O   . ASN B 2 104 ? 3.208   -12.846 -0.252  1.00 26.81 ? 105 ASN B O   1 
ATOM   1111 C CB  . ASN B 2 104 ? 4.409   -14.742 1.922   1.00 29.24 ? 105 ASN B CB  1 
ATOM   1112 C CG  . ASN B 2 104 ? 4.495   -15.578 3.158   1.00 32.02 ? 105 ASN B CG  1 
ATOM   1113 O OD1 . ASN B 2 104 ? 3.515   -16.142 3.604   1.00 38.48 ? 105 ASN B OD1 1 
ATOM   1114 N ND2 . ASN B 2 104 ? 5.676   -15.652 3.731   1.00 37.97 ? 105 ASN B ND2 1 
ATOM   1115 N N   . VAL B 2 105 ? 3.933   -11.590 1.473   1.00 26.04 ? 106 VAL B N   1 
ATOM   1116 C CA  . VAL B 2 105 ? 4.288   -10.458 0.610   1.00 26.06 ? 106 VAL B CA  1 
ATOM   1117 C C   . VAL B 2 105 ? 5.440   -10.800 -0.342  1.00 26.14 ? 106 VAL B C   1 
ATOM   1118 O O   . VAL B 2 105 ? 6.408   -11.483 0.054   1.00 25.05 ? 106 VAL B O   1 
ATOM   1119 C CB  . VAL B 2 105 ? 4.635   -9.209  1.449   1.00 24.61 ? 106 VAL B CB  1 
ATOM   1120 C CG1 . VAL B 2 105 ? 4.889   -8.027  0.567   1.00 26.77 ? 106 VAL B CG1 1 
ATOM   1121 C CG2 . VAL B 2 105 ? 3.486   -8.920  2.444   1.00 25.70 ? 106 VAL B CG2 1 
ATOM   1122 N N   . LYS B 2 106 ? 5.283   -10.399 -1.607  1.00 25.58 ? 107 LYS B N   1 
ATOM   1123 C CA  . LYS B 2 106 ? 6.288   -10.607 -2.634  1.00 26.62 ? 107 LYS B CA  1 
ATOM   1124 C C   . LYS B 2 106 ? 6.448   -9.321  -3.445  1.00 25.74 ? 107 LYS B C   1 
ATOM   1125 O O   . LYS B 2 106 ? 5.501   -8.524  -3.559  1.00 26.16 ? 107 LYS B O   1 
ATOM   1126 C CB  . LYS B 2 106 ? 5.900   -11.810 -3.534  1.00 26.71 ? 107 LYS B CB  1 
ATOM   1127 C CG  . LYS B 2 106 ? 4.607   -11.636 -4.311  1.00 27.66 ? 107 LYS B CG  1 
ATOM   1128 C CD  . LYS B 2 106 ? 4.313   -12.858 -5.197  1.00 30.29 ? 107 LYS B CD  1 
ATOM   1129 C CE  . LYS B 2 106 ? 2.860   -12.851 -5.701  1.00 35.96 ? 107 LYS B CE  1 
ATOM   1130 N NZ  . LYS B 2 106 ? 1.791   -12.808 -4.574  1.00 42.41 ? 107 LYS B NZ  1 
ATOM   1131 N N   . ASN B 2 107 ? 7.637   -9.108  -3.995  1.00 24.34 ? 108 ASN B N   1 
ATOM   1132 C CA  . ASN B 2 107 ? 7.853   -8.057  -4.984  1.00 24.48 ? 108 ASN B CA  1 
ATOM   1133 C C   . ASN B 2 107 ? 7.758   -8.658  -6.398  1.00 25.50 ? 108 ASN B C   1 
ATOM   1134 O O   . ASN B 2 107 ? 8.381   -9.684  -6.692  1.00 25.51 ? 108 ASN B O   1 
ATOM   1135 C CB  . ASN B 2 107 ? 9.235   -7.412  -4.797  1.00 24.55 ? 108 ASN B CB  1 
ATOM   1136 C CG  . ASN B 2 107 ? 9.242   -6.321  -3.729  1.00 23.37 ? 108 ASN B CG  1 
ATOM   1137 O OD1 . ASN B 2 107 ? 8.684   -6.499  -2.654  1.00 24.26 ? 108 ASN B OD1 1 
ATOM   1138 N ND2 . ASN B 2 107 ? 9.891   -5.198  -4.024  1.00 22.38 ? 108 ASN B ND2 1 
ATOM   1139 N N   . VAL B 2 108 ? 6.975   -8.018  -7.259  1.00 25.44 ? 109 VAL B N   1 
ATOM   1140 C CA  . VAL B 2 108 ? 6.818   -8.473  -8.657  1.00 25.82 ? 109 VAL B CA  1 
ATOM   1141 C C   . VAL B 2 108 ? 7.267   -7.371  -9.598  1.00 26.72 ? 109 VAL B C   1 
ATOM   1142 O O   . VAL B 2 108 ? 6.791   -6.235  -9.500  1.00 26.61 ? 109 VAL B O   1 
ATOM   1143 C CB  . VAL B 2 108 ? 5.343   -8.915  -8.918  1.00 26.32 ? 109 VAL B CB  1 
ATOM   1144 C CG1 . VAL B 2 108 ? 5.155   -9.290  -10.386 1.00 27.09 ? 109 VAL B CG1 1 
ATOM   1145 C CG2 . VAL B 2 108 ? 5.006   -10.102 -8.011  1.00 26.84 ? 109 VAL B CG2 1 
ATOM   1146 N N   . GLN B 2 109 ? 8.199   -7.677  -10.508 1.00 26.59 ? 110 GLN B N   1 
ATOM   1147 C CA  . GLN B 2 109 ? 8.682   -6.641  -11.428 1.00 28.67 ? 110 GLN B CA  1 
ATOM   1148 C C   . GLN B 2 109 ? 7.810   -6.633  -12.677 1.00 29.04 ? 110 GLN B C   1 
ATOM   1149 O O   . GLN B 2 109 ? 7.403   -7.690  -13.147 1.00 30.28 ? 110 GLN B O   1 
ATOM   1150 C CB  . GLN B 2 109 ? 10.126  -6.898  -11.846 1.00 28.74 ? 110 GLN B CB  1 
ATOM   1151 C CG  . GLN B 2 109 ? 10.740  -5.700  -12.579 1.00 30.97 ? 110 GLN B CG  1 
ATOM   1152 C CD  . GLN B 2 109 ? 12.208  -5.553  -12.305 1.00 34.29 ? 110 GLN B CD  1 
ATOM   1153 O OE1 . GLN B 2 109 ? 12.652  -5.754  -11.181 1.00 34.31 ? 110 GLN B OE1 1 
ATOM   1154 N NE2 . GLN B 2 109 ? 12.984  -5.211  -13.342 1.00 32.61 ? 110 GLN B NE2 1 
ATOM   1155 N N   . THR B 2 110 ? 7.545   -5.449  -13.201 1.00 30.90 ? 111 THR B N   1 
ATOM   1156 C CA  . THR B 2 110 ? 6.689   -5.297  -14.383 1.00 33.11 ? 111 THR B CA  1 
ATOM   1157 C C   . THR B 2 110 ? 6.988   -4.002  -15.124 1.00 32.96 ? 111 THR B C   1 
ATOM   1158 O O   . THR B 2 110 ? 7.478   -3.038  -14.537 1.00 32.46 ? 111 THR B O   1 
ATOM   1159 C CB  . THR B 2 110 ? 5.171   -5.377  -13.995 1.00 33.65 ? 111 THR B CB  1 
ATOM   1160 O OG1 . THR B 2 110 ? 4.374   -5.643  -15.173 1.00 35.83 ? 111 THR B OG1 1 
ATOM   1161 C CG2 . THR B 2 110 ? 4.710   -4.107  -13.296 1.00 33.36 ? 111 THR B CG2 1 
ATOM   1162 N N   . LYS B 2 111 ? 6.698   -3.984  -16.427 1.00 33.84 ? 112 LYS B N   1 
ATOM   1163 C CA  . LYS B 2 111 ? 6.858   -2.784  -17.226 1.00 34.96 ? 112 LYS B CA  1 
ATOM   1164 C C   . LYS B 2 111 ? 5.490   -2.117  -17.321 1.00 35.18 ? 112 LYS B C   1 
ATOM   1165 O O   . LYS B 2 111 ? 4.595   -2.685  -17.938 1.00 35.28 ? 112 LYS B O   1 
ATOM   1166 C CB  . LYS B 2 111 ? 7.362   -3.166  -18.628 1.00 34.99 ? 112 LYS B CB  1 
ATOM   1167 C CG  . LYS B 2 111 ? 7.532   -2.010  -19.589 1.00 39.02 ? 112 LYS B CG  1 
ATOM   1168 C CD  . LYS B 2 111 ? 8.824   -1.274  -19.350 1.00 43.47 ? 112 LYS B CD  1 
ATOM   1169 C CE  . LYS B 2 111 ? 9.379   -0.836  -20.689 1.00 45.98 ? 112 LYS B CE  1 
ATOM   1170 N NZ  . LYS B 2 111 ? 10.770  -0.322  -20.554 1.00 48.95 ? 112 LYS B NZ  1 
ATOM   1171 N N   . PRO B 2 112 ? 5.308   -0.941  -16.693 1.00 35.89 ? 113 PRO B N   1 
ATOM   1172 C CA  . PRO B 2 112 ? 4.000   -0.288  -16.867 1.00 37.07 ? 113 PRO B CA  1 
ATOM   1173 C C   . PRO B 2 112 ? 3.777   0.183   -18.316 1.00 39.64 ? 113 PRO B C   1 
ATOM   1174 O O   . PRO B 2 112 ? 4.738   0.361   -19.072 1.00 37.65 ? 113 PRO B O   1 
ATOM   1175 C CB  . PRO B 2 112 ? 4.081   0.926   -15.941 1.00 36.72 ? 113 PRO B CB  1 
ATOM   1176 C CG  . PRO B 2 112 ? 5.290   0.651   -15.006 1.00 35.81 ? 113 PRO B CG  1 
ATOM   1177 C CD  . PRO B 2 112 ? 6.216   -0.141  -15.856 1.00 35.10 ? 113 PRO B CD  1 
ATOM   1178 N N   . GLY B 2 113 ? 2.516   0.353   -18.697 1.00 41.90 ? 114 GLY B N   1 
ATOM   1179 C CA  . GLY B 2 113 ? 2.186   0.993   -19.963 1.00 46.00 ? 114 GLY B CA  1 
ATOM   1180 C C   . GLY B 2 113 ? 1.509   2.329   -19.729 1.00 48.93 ? 114 GLY B C   1 
ATOM   1181 O O   . GLY B 2 113 ? 0.925   2.575   -18.669 1.00 48.95 ? 114 GLY B O   1 
ATOM   1182 N N   . VAL B 2 114 ? 1.598   3.215   -20.714 1.00 52.31 ? 115 VAL B N   1 
ATOM   1183 C CA  . VAL B 2 114 ? 0.778   4.420   -20.690 1.00 55.25 ? 115 VAL B CA  1 
ATOM   1184 C C   . VAL B 2 114 ? -0.559  4.026   -21.338 1.00 57.08 ? 115 VAL B C   1 
ATOM   1185 O O   . VAL B 2 114 ? -0.591  3.331   -22.361 1.00 57.41 ? 115 VAL B O   1 
ATOM   1186 C CB  . VAL B 2 114 ? 1.448   5.624   -21.410 1.00 55.14 ? 115 VAL B CB  1 
ATOM   1187 C CG1 . VAL B 2 114 ? 0.716   6.902   -21.092 1.00 55.42 ? 115 VAL B CG1 1 
ATOM   1188 C CG2 . VAL B 2 114 ? 2.925   5.753   -21.005 1.00 55.69 ? 115 VAL B CG2 1 
ATOM   1189 N N   . PHE B 2 115 ? -1.659  4.406   -20.700 1.00 59.75 ? 116 PHE B N   1 
ATOM   1190 C CA  . PHE B 2 115 ? -2.976  4.094   -21.243 1.00 61.98 ? 116 PHE B CA  1 
ATOM   1191 C C   . PHE B 2 115 ? -3.825  5.356   -21.340 1.00 63.60 ? 116 PHE B C   1 
ATOM   1192 O O   . PHE B 2 115 ? -3.675  6.296   -20.544 1.00 63.71 ? 116 PHE B O   1 
ATOM   1193 C CB  . PHE B 2 115 ? -3.676  2.979   -20.447 1.00 61.86 ? 116 PHE B CB  1 
ATOM   1194 C CG  . PHE B 2 115 ? -3.173  1.578   -20.769 1.00 61.90 ? 116 PHE B CG  1 
ATOM   1195 C CD1 . PHE B 2 115 ? -3.834  0.783   -21.703 1.00 61.60 ? 116 PHE B CD1 1 
ATOM   1196 C CD2 . PHE B 2 115 ? -2.041  1.054   -20.129 1.00 61.48 ? 116 PHE B CD2 1 
ATOM   1197 C CE1 . PHE B 2 115 ? -3.376  -0.513  -22.000 1.00 61.76 ? 116 PHE B CE1 1 
ATOM   1198 C CE2 . PHE B 2 115 ? -1.577  -0.239  -20.417 1.00 61.31 ? 116 PHE B CE2 1 
ATOM   1199 C CZ  . PHE B 2 115 ? -2.243  -1.021  -21.353 1.00 61.51 ? 116 PHE B CZ  1 
ATOM   1200 N N   . LYS B 2 116 ? -4.711  5.349   -22.335 1.00 65.74 ? 117 LYS B N   1 
ATOM   1201 C CA  . LYS B 2 116 ? -5.428  6.537   -22.807 1.00 67.70 ? 117 LYS B CA  1 
ATOM   1202 C C   . LYS B 2 116 ? -6.555  7.007   -21.879 1.00 68.90 ? 117 LYS B C   1 
ATOM   1203 O O   . LYS B 2 116 ? -7.620  6.382   -21.811 1.00 68.99 ? 117 LYS B O   1 
ATOM   1204 C CB  . LYS B 2 116 ? -5.981  6.278   -24.218 1.00 67.79 ? 117 LYS B CB  1 
ATOM   1205 C CG  . LYS B 2 116 ? -4.921  6.142   -25.310 1.00 68.14 ? 117 LYS B CG  1 
ATOM   1206 C CD  . LYS B 2 116 ? -5.509  5.468   -26.550 1.00 69.47 ? 117 LYS B CD  1 
ATOM   1207 C CE  . LYS B 2 116 ? -4.855  5.973   -27.832 1.00 70.22 ? 117 LYS B CE  1 
ATOM   1208 N NZ  . LYS B 2 116 ? -5.567  5.516   -29.068 1.00 69.83 ? 117 LYS B NZ  1 
ATOM   1209 N N   . THR B 2 117 ? -6.302  8.107   -21.169 1.00 70.21 ? 118 THR B N   1 
ATOM   1210 C CA  . THR B 2 117 ? -7.315  8.760   -20.342 1.00 71.70 ? 118 THR B CA  1 
ATOM   1211 C C   . THR B 2 117 ? -7.994  9.829   -21.200 1.00 72.33 ? 118 THR B C   1 
ATOM   1212 O O   . THR B 2 117 ? -7.332  10.457  -22.035 1.00 72.62 ? 118 THR B O   1 
ATOM   1213 C CB  . THR B 2 117 ? -6.697  9.453   -19.096 1.00 71.75 ? 118 THR B CB  1 
ATOM   1214 O OG1 . THR B 2 117 ? -5.645  8.644   -18.553 1.00 72.70 ? 118 THR B OG1 1 
ATOM   1215 C CG2 . THR B 2 117 ? -7.750  9.699   -18.011 1.00 72.55 ? 118 THR B CG2 1 
ATOM   1216 N N   . PRO B 2 118 ? -9.320  10.014  -21.030 1.00 72.92 ? 119 PRO B N   1 
ATOM   1217 C CA  . PRO B 2 118 ? -9.962  11.214  -21.584 1.00 73.15 ? 119 PRO B CA  1 
ATOM   1218 C C   . PRO B 2 118 ? -9.440  12.507  -20.931 1.00 73.25 ? 119 PRO B C   1 
ATOM   1219 O O   . PRO B 2 118 ? -9.232  13.510  -21.621 1.00 73.26 ? 119 PRO B O   1 
ATOM   1220 C CB  . PRO B 2 118 ? -11.450 11.001  -21.255 1.00 73.25 ? 119 PRO B CB  1 
ATOM   1221 C CG  . PRO B 2 118 ? -11.589 9.515   -21.015 1.00 73.05 ? 119 PRO B CG  1 
ATOM   1222 C CD  . PRO B 2 118 ? -10.298 9.118   -20.380 1.00 72.93 ? 119 PRO B CD  1 
ATOM   1223 N N   . GLU B 2 119 ? -9.203  12.454  -19.618 1.00 73.27 ? 120 GLU B N   1 
ATOM   1224 C CA  . GLU B 2 119 ? -8.824  13.626  -18.817 1.00 73.17 ? 120 GLU B CA  1 
ATOM   1225 C C   . GLU B 2 119 ? -7.296  13.787  -18.658 1.00 72.43 ? 120 GLU B C   1 
ATOM   1226 O O   . GLU B 2 119 ? -6.817  14.318  -17.646 1.00 72.79 ? 120 GLU B O   1 
ATOM   1227 C CB  . GLU B 2 119 ? -9.507  13.533  -17.443 1.00 73.28 ? 120 GLU B CB  1 
ATOM   1228 C CG  . GLU B 2 119 ? -9.700  14.855  -16.700 1.00 74.12 ? 120 GLU B CG  1 
ATOM   1229 C CD  . GLU B 2 119 ? -10.176 14.660  -15.263 1.00 74.28 ? 120 GLU B CD  1 
ATOM   1230 O OE1 . GLU B 2 119 ? -10.965 13.720  -15.004 1.00 75.34 ? 120 GLU B OE1 1 
ATOM   1231 O OE2 . GLU B 2 119 ? -9.762  15.452  -14.385 1.00 75.75 ? 120 GLU B OE2 1 
ATOM   1232 N N   . GLY B 2 120 ? -6.540  13.342  -19.659 1.00 71.41 ? 121 GLY B N   1 
ATOM   1233 C CA  . GLY B 2 120 ? -5.075  13.388  -19.611 1.00 69.73 ? 121 GLY B CA  1 
ATOM   1234 C C   . GLY B 2 120 ? -4.478  12.048  -19.992 1.00 68.59 ? 121 GLY B C   1 
ATOM   1235 O O   . GLY B 2 120 ? -4.785  11.511  -21.062 1.00 68.60 ? 121 GLY B O   1 
ATOM   1236 N N   . GLU B 2 121 ? -3.627  11.507  -19.117 1.00 67.11 ? 122 GLU B N   1 
ATOM   1237 C CA  . GLU B 2 121 ? -3.025  10.175  -19.315 1.00 65.55 ? 122 GLU B CA  1 
ATOM   1238 C C   . GLU B 2 121 ? -2.573  9.522   -17.999 1.00 63.82 ? 122 GLU B C   1 
ATOM   1239 O O   . GLU B 2 121 ? -2.300  10.216  -17.010 1.00 63.78 ? 122 GLU B O   1 
ATOM   1240 C CB  . GLU B 2 121 ? -1.868  10.222  -20.328 1.00 65.65 ? 122 GLU B CB  1 
ATOM   1241 C CG  . GLU B 2 121 ? -0.639  11.013  -19.882 1.00 66.43 ? 122 GLU B CG  1 
ATOM   1242 C CD  . GLU B 2 121 ? 0.503   10.940  -20.888 1.00 67.01 ? 122 GLU B CD  1 
ATOM   1243 O OE1 . GLU B 2 121 ? 0.414   10.128  -21.843 1.00 68.58 ? 122 GLU B OE1 1 
ATOM   1244 O OE2 . GLU B 2 121 ? 1.492   11.695  -20.722 1.00 69.22 ? 122 GLU B OE2 1 
ATOM   1245 N N   . ILE B 2 122 ? -2.486  8.189   -18.002 1.00 61.43 ? 123 ILE B N   1 
ATOM   1246 C CA  . ILE B 2 122 ? -2.125  7.425   -16.801 1.00 58.80 ? 123 ILE B CA  1 
ATOM   1247 C C   . ILE B 2 122 ? -1.279  6.168   -17.106 1.00 56.28 ? 123 ILE B C   1 
ATOM   1248 O O   . ILE B 2 122 ? -1.476  5.479   -18.118 1.00 56.02 ? 123 ILE B O   1 
ATOM   1249 C CB  . ILE B 2 122 ? -3.398  7.089   -15.950 1.00 59.04 ? 123 ILE B CB  1 
ATOM   1250 C CG1 . ILE B 2 122 ? -3.024  6.634   -14.533 1.00 59.63 ? 123 ILE B CG1 1 
ATOM   1251 C CG2 . ILE B 2 122 ? -4.332  6.095   -16.685 1.00 59.28 ? 123 ILE B CG2 1 
ATOM   1252 C CD1 . ILE B 2 122 ? -4.166  6.754   -13.525 1.00 59.25 ? 123 ILE B CD1 1 
ATOM   1253 N N   . GLY B 2 123 ? -0.315  5.900   -16.230 1.00 53.47 ? 124 GLY B N   1 
ATOM   1254 C CA  . GLY B 2 123 ? 0.427   4.648   -16.264 1.00 49.58 ? 124 GLY B CA  1 
ATOM   1255 C C   . GLY B 2 123 ? -0.429  3.557   -15.662 1.00 46.43 ? 124 GLY B C   1 
ATOM   1256 O O   . GLY B 2 123 ? -1.210  3.805   -14.750 1.00 46.09 ? 124 GLY B O   1 
ATOM   1257 N N   . ALA B 2 124 ? -0.309  2.360   -16.211 1.00 44.15 ? 125 ALA B N   1 
ATOM   1258 C CA  . ALA B 2 124 ? -1.037  1.201   -15.715 1.00 41.47 ? 125 ALA B CA  1 
ATOM   1259 C C   . ALA B 2 124 ? -0.146  -0.015  -15.780 1.00 40.04 ? 125 ALA B C   1 
ATOM   1260 O O   . ALA B 2 124 ? 0.788   -0.074  -16.593 1.00 40.36 ? 125 ALA B O   1 
ATOM   1261 C CB  . ALA B 2 124 ? -2.317  0.972   -16.530 1.00 41.51 ? 125 ALA B CB  1 
ATOM   1262 N N   . VAL B 2 125 ? -0.449  -0.993  -14.943 1.00 37.65 ? 126 VAL B N   1 
ATOM   1263 C CA  . VAL B 2 125 ? 0.264   -2.253  -14.917 1.00 36.27 ? 126 VAL B CA  1 
ATOM   1264 C C   . VAL B 2 125 ? -0.680  -3.346  -15.393 1.00 36.88 ? 126 VAL B C   1 
ATOM   1265 O O   . VAL B 2 125 ? -1.915  -3.241  -15.222 1.00 36.61 ? 126 VAL B O   1 
ATOM   1266 C CB  . VAL B 2 125 ? 0.836   -2.575  -13.491 1.00 36.71 ? 126 VAL B CB  1 
ATOM   1267 C CG1 . VAL B 2 125 ? 1.758   -1.475  -13.030 1.00 34.75 ? 126 VAL B CG1 1 
ATOM   1268 C CG2 . VAL B 2 125 ? -0.277  -2.799  -12.465 1.00 33.72 ? 126 VAL B CG2 1 
ATOM   1269 N N   . THR B 2 126 ? -0.116  -4.369  -16.020 1.00 36.16 ? 127 THR B N   1 
ATOM   1270 C CA  . THR B 2 126 ? -0.895  -5.518  -16.518 1.00 37.43 ? 127 THR B CA  1 
ATOM   1271 C C   . THR B 2 126 ? -1.100  -6.595  -15.420 1.00 37.49 ? 127 THR B C   1 
ATOM   1272 O O   . THR B 2 126 ? -1.925  -7.518  -15.558 1.00 37.48 ? 127 THR B O   1 
ATOM   1273 C CB  . THR B 2 126 ? -0.261  -6.105  -17.811 1.00 37.64 ? 127 THR B CB  1 
ATOM   1274 O OG1 . THR B 2 126 ? 0.954   -6.778  -17.489 1.00 40.30 ? 127 THR B OG1 1 
ATOM   1275 C CG2 . THR B 2 126 ? 0.064   -4.983  -18.799 1.00 39.06 ? 127 THR B CG2 1 
ATOM   1276 N N   . LEU B 2 127 ? -0.397  -6.435  -14.298 1.00 36.86 ? 128 LEU B N   1 
ATOM   1277 C CA  . LEU B 2 127 ? -0.492  -7.384  -13.174 1.00 36.75 ? 128 LEU B CA  1 
ATOM   1278 C C   . LEU B 2 127 ? -1.926  -7.471  -12.699 1.00 36.03 ? 128 LEU B C   1 
ATOM   1279 O O   . LEU B 2 127 ? -2.571  -6.434  -12.565 1.00 36.56 ? 128 LEU B O   1 
ATOM   1280 C CB  . LEU B 2 127 ? 0.384   -6.904  -12.020 1.00 36.70 ? 128 LEU B CB  1 
ATOM   1281 C CG  . LEU B 2 127 ? 1.873   -6.763  -12.326 1.00 36.55 ? 128 LEU B CG  1 
ATOM   1282 C CD1 . LEU B 2 127 ? 2.560   -6.088  -11.137 1.00 37.54 ? 128 LEU B CD1 1 
ATOM   1283 C CD2 . LEU B 2 127 ? 2.454   -8.114  -12.596 1.00 37.04 ? 128 LEU B CD2 1 
ATOM   1284 N N   . ASP B 2 128 ? -2.430  -8.681  -12.459 1.00 36.01 ? 129 ASP B N   1 
ATOM   1285 C CA  . ASP B 2 128 ? -3.831  -8.872  -12.067 1.00 36.54 ? 129 ASP B CA  1 
ATOM   1286 C C   . ASP B 2 128 ? -3.871  -9.607  -10.738 1.00 35.82 ? 129 ASP B C   1 
ATOM   1287 O O   . ASP B 2 128 ? -3.661  -10.821 -10.686 1.00 36.35 ? 129 ASP B O   1 
ATOM   1288 C CB  . ASP B 2 128 ? -4.611  -9.673  -13.135 1.00 37.42 ? 129 ASP B CB  1 
ATOM   1289 C CG  . ASP B 2 128 ? -6.115  -9.858  -12.790 1.00 39.41 ? 129 ASP B CG  1 
ATOM   1290 O OD1 . ASP B 2 128 ? -6.556  -9.568  -11.647 1.00 40.18 ? 129 ASP B OD1 1 
ATOM   1291 O OD2 . ASP B 2 128 ? -6.876  -10.323 -13.674 1.00 41.76 ? 129 ASP B OD2 1 
ATOM   1292 N N   . PHE B 2 129 ? -4.137  -8.856  -9.672  1.00 34.60 ? 130 PHE B N   1 
ATOM   1293 C CA  . PHE B 2 129 ? -4.263  -9.409  -8.326  1.00 33.21 ? 130 PHE B CA  1 
ATOM   1294 C C   . PHE B 2 129 ? -5.665  -9.075  -7.820  1.00 33.21 ? 130 PHE B C   1 
ATOM   1295 O O   . PHE B 2 129 ? -6.271  -8.115  -8.290  1.00 34.57 ? 130 PHE B O   1 
ATOM   1296 C CB  . PHE B 2 129 ? -3.161  -8.845  -7.400  1.00 32.14 ? 130 PHE B CB  1 
ATOM   1297 C CG  . PHE B 2 129 ? -1.780  -9.314  -7.771  1.00 30.36 ? 130 PHE B CG  1 
ATOM   1298 C CD1 . PHE B 2 129 ? -1.384  -10.616 -7.474  1.00 31.60 ? 130 PHE B CD1 1 
ATOM   1299 C CD2 . PHE B 2 129 ? -0.891  -8.472  -8.447  1.00 30.28 ? 130 PHE B CD2 1 
ATOM   1300 C CE1 . PHE B 2 129 ? -0.099  -11.080 -7.845  1.00 31.56 ? 130 PHE B CE1 1 
ATOM   1301 C CE2 . PHE B 2 129 ? 0.398   -8.915  -8.827  1.00 29.21 ? 130 PHE B CE2 1 
ATOM   1302 C CZ  . PHE B 2 129 ? 0.785   -10.227 -8.524  1.00 31.69 ? 130 PHE B CZ  1 
ATOM   1303 N N   . PRO B 2 130 ? -6.187  -9.867  -6.872  1.00 33.83 ? 131 PRO B N   1 
ATOM   1304 C CA  . PRO B 2 130 ? -7.514  -9.668  -6.266  1.00 33.17 ? 131 PRO B CA  1 
ATOM   1305 C C   . PRO B 2 130 ? -7.692  -8.256  -5.740  1.00 33.13 ? 131 PRO B C   1 
ATOM   1306 O O   . PRO B 2 130 ? -6.712  -7.580  -5.401  1.00 31.87 ? 131 PRO B O   1 
ATOM   1307 C CB  . PRO B 2 130 ? -7.473  -10.611 -5.073  1.00 33.90 ? 131 PRO B CB  1 
ATOM   1308 C CG  . PRO B 2 130 ? -6.571  -11.657 -5.467  1.00 34.31 ? 131 PRO B CG  1 
ATOM   1309 C CD  . PRO B 2 130 ? -5.504  -11.029 -6.275  1.00 33.25 ? 131 PRO B CD  1 
ATOM   1310 N N   . THR B 2 131 ? -8.930  -7.815  -5.597  1.00 32.16 ? 132 THR B N   1 
ATOM   1311 C CA  . THR B 2 131 ? -9.131  -6.441  -5.191  1.00 32.21 ? 132 THR B CA  1 
ATOM   1312 C C   . THR B 2 131 ? -8.681  -6.135  -3.757  1.00 30.29 ? 132 THR B C   1 
ATOM   1313 O O   . THR B 2 131 ? -8.424  -4.997  -3.442  1.00 30.12 ? 132 THR B O   1 
ATOM   1314 C CB  . THR B 2 131 ? -10.522 -5.869  -5.631  1.00 33.58 ? 132 THR B CB  1 
ATOM   1315 O OG1 . THR B 2 131 ? -10.801 -4.654  -4.926  1.00 36.61 ? 132 THR B OG1 1 
ATOM   1316 C CG2 . THR B 2 131 ? -11.624 -6.836  -5.405  1.00 34.89 ? 132 THR B CG2 1 
ATOM   1317 N N   . GLY B 2 132 ? -8.505  -7.157  -2.913  1.00 28.76 ? 133 GLY B N   1 
ATOM   1318 C CA  . GLY B 2 132 ? -7.945  -6.938  -1.543  1.00 27.86 ? 133 GLY B CA  1 
ATOM   1319 C C   . GLY B 2 132 ? -6.464  -6.559  -1.509  1.00 26.36 ? 133 GLY B C   1 
ATOM   1320 O O   . GLY B 2 132 ? -5.931  -6.157  -0.463  1.00 25.09 ? 133 GLY B O   1 
ATOM   1321 N N   . THR B 2 133 ? -5.825  -6.678  -2.668  1.00 25.52 ? 134 THR B N   1 
ATOM   1322 C CA  . THR B 2 133 ? -4.442  -6.254  -2.894  1.00 25.92 ? 134 THR B CA  1 
ATOM   1323 C C   . THR B 2 133 ? -4.407  -4.751  -3.214  1.00 25.40 ? 134 THR B C   1 
ATOM   1324 O O   . THR B 2 133 ? -3.352  -4.092  -3.199  1.00 23.77 ? 134 THR B O   1 
ATOM   1325 C CB  . THR B 2 133 ? -3.846  -7.026  -4.106  1.00 26.55 ? 134 THR B CB  1 
ATOM   1326 O OG1 . THR B 2 133 ? -4.267  -8.407  -4.053  1.00 28.87 ? 134 THR B OG1 1 
ATOM   1327 C CG2 . THR B 2 133 ? -2.312  -6.942  -4.107  1.00 26.20 ? 134 THR B CG2 1 
ATOM   1328 N N   . SER B 2 134 ? -5.576  -4.190  -3.540  1.00 24.47 ? 135 SER B N   1 
ATOM   1329 C CA  . SER B 2 134 ? -5.588  -2.801  -3.949  1.00 25.41 ? 135 SER B CA  1 
ATOM   1330 C C   . SER B 2 134 ? -5.072  -1.839  -2.850  1.00 23.11 ? 135 SER B C   1 
ATOM   1331 O O   . SER B 2 134 ? -5.333  -2.012  -1.666  1.00 23.42 ? 135 SER B O   1 
ATOM   1332 C CB  . SER B 2 134 ? -6.921  -2.407  -4.626  1.00 27.12 ? 135 SER B CB  1 
ATOM   1333 O OG  . SER B 2 134 ? -7.987  -2.498  -3.728  1.00 32.06 ? 135 SER B OG  1 
ATOM   1334 N N   . GLY B 2 135 ? -4.274  -0.870  -3.262  1.00 21.76 ? 136 GLY B N   1 
ATOM   1335 C CA  . GLY B 2 135 ? -3.562  0.010   -2.336  1.00 22.34 ? 136 GLY B CA  1 
ATOM   1336 C C   . GLY B 2 135 ? -2.137  -0.443  -2.028  1.00 22.80 ? 136 GLY B C   1 
ATOM   1337 O O   . GLY B 2 135 ? -1.388  0.323   -1.448  1.00 22.98 ? 136 GLY B O   1 
ATOM   1338 N N   . SER B 2 136 ? -1.764  -1.654  -2.438  1.00 23.72 ? 137 SER B N   1 
ATOM   1339 C CA  . SER B 2 136 ? -0.329  -2.089  -2.382  1.00 23.59 ? 137 SER B CA  1 
ATOM   1340 C C   . SER B 2 136 ? 0.550   -1.073  -3.113  1.00 24.52 ? 137 SER B C   1 
ATOM   1341 O O   . SER B 2 136 ? 0.240   -0.683  -4.259  1.00 24.48 ? 137 SER B O   1 
ATOM   1342 C CB  . SER B 2 136 ? -0.106  -3.462  -3.047  1.00 23.72 ? 137 SER B CB  1 
ATOM   1343 O OG  . SER B 2 136 ? -0.830  -4.485  -2.388  1.00 24.62 ? 137 SER B OG  1 
ATOM   1344 N N   . PRO B 2 137 ? 1.692   -0.679  -2.494  1.00 23.78 ? 138 PRO B N   1 
ATOM   1345 C CA  . PRO B 2 137 ? 2.537   0.308   -3.136  1.00 23.33 ? 138 PRO B CA  1 
ATOM   1346 C C   . PRO B 2 137 ? 3.353   -0.249  -4.296  1.00 24.09 ? 138 PRO B C   1 
ATOM   1347 O O   . PRO B 2 137 ? 3.637   -1.468  -4.359  1.00 26.05 ? 138 PRO B O   1 
ATOM   1348 C CB  . PRO B 2 137 ? 3.455   0.800   -2.000  1.00 24.01 ? 138 PRO B CB  1 
ATOM   1349 C CG  . PRO B 2 137 ? 3.524   -0.388  -1.068  1.00 22.62 ? 138 PRO B CG  1 
ATOM   1350 C CD  . PRO B 2 137 ? 2.215   -1.127  -1.189  1.00 23.50 ? 138 PRO B CD  1 
ATOM   1351 N N   . ILE B 2 138 ? 3.757   0.661   -5.167  1.00 24.48 ? 139 ILE B N   1 
ATOM   1352 C CA  . ILE B 2 138 ? 4.559   0.329   -6.324  1.00 25.44 ? 139 ILE B CA  1 
ATOM   1353 C C   . ILE B 2 138 ? 5.780   1.203   -6.178  1.00 25.66 ? 139 ILE B C   1 
ATOM   1354 O O   . ILE B 2 138 ? 5.671   2.395   -5.887  1.00 25.40 ? 139 ILE B O   1 
ATOM   1355 C CB  . ILE B 2 138 ? 3.796   0.573   -7.647  1.00 25.51 ? 139 ILE B CB  1 
ATOM   1356 C CG1 . ILE B 2 138 ? 2.591   -0.367  -7.728  1.00 26.12 ? 139 ILE B CG1 1 
ATOM   1357 C CG2 . ILE B 2 138 ? 4.712   0.390   -8.878  1.00 25.79 ? 139 ILE B CG2 1 
ATOM   1358 C CD1 . ILE B 2 138 ? 1.464   0.146   -8.713  1.00 27.20 ? 139 ILE B CD1 1 
ATOM   1359 N N   . VAL B 2 139 ? 6.962   0.585   -6.314  1.00 26.45 ? 140 VAL B N   1 
ATOM   1360 C CA  . VAL B 2 139 ? 8.204   1.299   -6.078  1.00 24.95 ? 140 VAL B CA  1 
ATOM   1361 C C   . VAL B 2 139 ? 9.106   1.274   -7.302  1.00 24.64 ? 140 VAL B C   1 
ATOM   1362 O O   . VAL B 2 139 ? 9.013   0.386   -8.142  1.00 24.39 ? 140 VAL B O   1 
ATOM   1363 C CB  . VAL B 2 139 ? 9.053   0.755   -4.870  1.00 25.55 ? 140 VAL B CB  1 
ATOM   1364 C CG1 . VAL B 2 139 ? 8.286   0.914   -3.548  1.00 24.64 ? 140 VAL B CG1 1 
ATOM   1365 C CG2 . VAL B 2 139 ? 9.497   -0.706  -5.091  1.00 25.58 ? 140 VAL B CG2 1 
ATOM   1366 N N   . ASP B 2 140 ? 9.976   2.265   -7.359  1.00 25.32 ? 141 ASP B N   1 
ATOM   1367 C CA  . ASP B 2 140 ? 11.016  2.336   -8.384  1.00 26.62 ? 141 ASP B CA  1 
ATOM   1368 C C   . ASP B 2 140 ? 12.315  1.741   -7.848  1.00 28.04 ? 141 ASP B C   1 
ATOM   1369 O O   . ASP B 2 140 ? 12.355  1.277   -6.719  1.00 27.91 ? 141 ASP B O   1 
ATOM   1370 C CB  . ASP B 2 140 ? 11.199  3.779   -8.910  1.00 27.08 ? 141 ASP B CB  1 
ATOM   1371 C CG  . ASP B 2 140 ? 11.799  4.747   -7.883  1.00 28.99 ? 141 ASP B CG  1 
ATOM   1372 O OD1 . ASP B 2 140 ? 12.264  4.336   -6.801  1.00 31.65 ? 141 ASP B OD1 1 
ATOM   1373 O OD2 . ASP B 2 140 ? 11.810  5.969   -8.180  1.00 29.31 ? 141 ASP B OD2 1 
ATOM   1374 N N   . LYS B 2 141 ? 13.365  1.750   -8.674  1.00 28.68 ? 142 LYS B N   1 
ATOM   1375 C CA  . LYS B 2 141 ? 14.637  1.092   -8.335  1.00 30.32 ? 142 LYS B CA  1 
ATOM   1376 C C   . LYS B 2 141 ? 15.326  1.628   -7.070  1.00 30.52 ? 142 LYS B C   1 
ATOM   1377 O O   . LYS B 2 141 ? 16.172  0.937   -6.502  1.00 32.29 ? 142 LYS B O   1 
ATOM   1378 C CB  . LYS B 2 141 ? 15.578  1.154   -9.529  1.00 30.52 ? 142 LYS B CB  1 
ATOM   1379 C CG  . LYS B 2 141 ? 15.833  2.560   -10.033 1.00 34.30 ? 142 LYS B CG  1 
ATOM   1380 C CD  . LYS B 2 141 ? 16.387  2.488   -11.464 1.00 39.09 ? 142 LYS B CD  1 
ATOM   1381 C CE  . LYS B 2 141 ? 16.376  3.843   -12.150 1.00 43.00 ? 142 LYS B CE  1 
ATOM   1382 N NZ  . LYS B 2 141 ? 16.944  3.727   -13.546 1.00 45.84 ? 142 LYS B NZ  1 
ATOM   1383 N N   . ASN B 2 142 ? 14.957  2.839   -6.639  1.00 31.54 ? 143 ASN B N   1 
ATOM   1384 C CA  . ASN B 2 142 ? 15.385  3.405   -5.347  1.00 31.71 ? 143 ASN B CA  1 
ATOM   1385 C C   . ASN B 2 142 ? 14.544  3.042   -4.120  1.00 32.12 ? 143 ASN B C   1 
ATOM   1386 O O   . ASN B 2 142 ? 14.896  3.417   -2.981  1.00 31.84 ? 143 ASN B O   1 
ATOM   1387 C CB  . ASN B 2 142 ? 15.455  4.908   -5.467  1.00 31.87 ? 143 ASN B CB  1 
ATOM   1388 C CG  . ASN B 2 142 ? 16.450  5.330   -6.482  1.00 34.64 ? 143 ASN B CG  1 
ATOM   1389 O OD1 . ASN B 2 142 ? 17.514  4.680   -6.634  1.00 36.29 ? 143 ASN B OD1 1 
ATOM   1390 N ND2 . ASN B 2 142 ? 16.134  6.387   -7.216  1.00 35.33 ? 143 ASN B ND2 1 
ATOM   1391 N N   . GLY B 2 143 ? 13.449  2.320   -4.347  1.00 31.01 ? 144 GLY B N   1 
ATOM   1392 C CA  . GLY B 2 143 ? 12.475  2.017   -3.298  1.00 31.20 ? 144 GLY B CA  1 
ATOM   1393 C C   . GLY B 2 143 ? 11.531  3.180   -3.006  1.00 30.59 ? 144 GLY B C   1 
ATOM   1394 O O   . GLY B 2 143 ? 10.838  3.182   -1.973  1.00 31.53 ? 144 GLY B O   1 
ATOM   1395 N N   . ASP B 2 144 ? 11.547  4.199   -3.862  1.00 30.09 ? 145 ASP B N   1 
ATOM   1396 C CA  . ASP B 2 144 ? 10.633  5.334   -3.712  1.00 30.03 ? 145 ASP B CA  1 
ATOM   1397 C C   . ASP B 2 144 ? 9.263   4.891   -4.204  1.00 29.61 ? 145 ASP B C   1 
ATOM   1398 O O   . ASP B 2 144 ? 9.155   4.234   -5.235  1.00 28.84 ? 145 ASP B O   1 
ATOM   1399 C CB  . ASP B 2 144 ? 11.104  6.539   -4.510  1.00 31.54 ? 145 ASP B CB  1 
ATOM   1400 C CG  . ASP B 2 144 ? 12.358  7.173   -3.929  1.00 34.92 ? 145 ASP B CG  1 
ATOM   1401 O OD1 . ASP B 2 144 ? 12.599  7.057   -2.702  1.00 37.63 ? 145 ASP B OD1 1 
ATOM   1402 O OD2 . ASP B 2 144 ? 13.094  7.795   -4.710  1.00 40.36 ? 145 ASP B OD2 1 
ATOM   1403 N N   . VAL B 2 145 ? 8.221   5.204   -3.444  1.00 29.29 ? 146 VAL B N   1 
ATOM   1404 C CA  . VAL B 2 145 ? 6.848   4.829   -3.847  1.00 28.32 ? 146 VAL B CA  1 
ATOM   1405 C C   . VAL B 2 145 ? 6.378   5.730   -4.992  1.00 28.58 ? 146 VAL B C   1 
ATOM   1406 O O   . VAL B 2 145 ? 6.244   6.921   -4.810  1.00 29.34 ? 146 VAL B O   1 
ATOM   1407 C CB  . VAL B 2 145 ? 5.873   4.940   -2.666  1.00 29.48 ? 146 VAL B CB  1 
ATOM   1408 C CG1 . VAL B 2 145 ? 4.417   4.654   -3.141  1.00 27.12 ? 146 VAL B CG1 1 
ATOM   1409 C CG2 . VAL B 2 145 ? 6.322   4.007   -1.527  1.00 29.31 ? 146 VAL B CG2 1 
ATOM   1410 N N   . ILE B 2 146 ? 6.125   5.157   -6.165  1.00 28.61 ? 147 ILE B N   1 
ATOM   1411 C CA  . ILE B 2 146 ? 5.671   5.963   -7.299  1.00 28.55 ? 147 ILE B CA  1 
ATOM   1412 C C   . ILE B 2 146 ? 4.142   5.933   -7.486  1.00 29.09 ? 147 ILE B C   1 
ATOM   1413 O O   . ILE B 2 146 ? 3.568   6.575   -8.410  1.00 28.65 ? 147 ILE B O   1 
ATOM   1414 C CB  . ILE B 2 146 ? 6.371   5.505   -8.566  1.00 28.39 ? 147 ILE B CB  1 
ATOM   1415 C CG1 . ILE B 2 146 ? 6.101   4.008   -8.808  1.00 29.36 ? 147 ILE B CG1 1 
ATOM   1416 C CG2 . ILE B 2 146 ? 7.866   5.851   -8.448  1.00 30.52 ? 147 ILE B CG2 1 
ATOM   1417 C CD1 . ILE B 2 146 ? 6.490   3.537   -10.181 1.00 34.63 ? 147 ILE B CD1 1 
ATOM   1418 N N   . GLY B 2 147 ? 3.477   5.168   -6.629  1.00 27.83 ? 148 GLY B N   1 
ATOM   1419 C CA  . GLY B 2 147 ? 2.011   5.097   -6.663  1.00 27.49 ? 148 GLY B CA  1 
ATOM   1420 C C   . GLY B 2 147 ? 1.491   3.850   -6.000  1.00 27.39 ? 148 GLY B C   1 
ATOM   1421 O O   . GLY B 2 147 ? 2.273   3.075   -5.425  1.00 27.26 ? 148 GLY B O   1 
ATOM   1422 N N   . LEU B 2 148 ? 0.167   3.661   -6.061  1.00 26.49 ? 149 LEU B N   1 
ATOM   1423 C CA  . LEU B 2 148 ? -0.531  2.512   -5.454  1.00 23.88 ? 149 LEU B CA  1 
ATOM   1424 C C   . LEU B 2 148 ? -1.215  1.644   -6.510  1.00 24.53 ? 149 LEU B C   1 
ATOM   1425 O O   . LEU B 2 148 ? -1.608  2.141   -7.562  1.00 24.94 ? 149 LEU B O   1 
ATOM   1426 C CB  . LEU B 2 148 ? -1.607  3.008   -4.469  1.00 23.53 ? 149 LEU B CB  1 
ATOM   1427 C CG  . LEU B 2 148 ? -1.101  3.958   -3.348  1.00 20.27 ? 149 LEU B CG  1 
ATOM   1428 C CD1 . LEU B 2 148 ? -2.168  4.259   -2.315  1.00 21.91 ? 149 LEU B CD1 1 
ATOM   1429 C CD2 . LEU B 2 148 ? 0.183   3.411   -2.657  1.00 23.64 ? 149 LEU B CD2 1 
ATOM   1430 N N   . TYR B 2 149 ? -1.385  0.364   -6.215  1.00 23.55 ? 150 TYR B N   1 
ATOM   1431 C CA  . TYR B 2 149 ? -2.039  -0.539  -7.145  1.00 24.84 ? 150 TYR B CA  1 
ATOM   1432 C C   . TYR B 2 149 ? -3.545  -0.264  -7.169  1.00 25.05 ? 150 TYR B C   1 
ATOM   1433 O O   . TYR B 2 149 ? -4.224  -0.420  -6.161  1.00 23.01 ? 150 TYR B O   1 
ATOM   1434 C CB  . TYR B 2 149 ? -1.781  -1.957  -6.708  1.00 24.66 ? 150 TYR B CB  1 
ATOM   1435 C CG  . TYR B 2 149 ? -2.369  -2.981  -7.627  1.00 25.26 ? 150 TYR B CG  1 
ATOM   1436 C CD1 . TYR B 2 149 ? -1.808  -3.225  -8.886  1.00 26.30 ? 150 TYR B CD1 1 
ATOM   1437 C CD2 . TYR B 2 149 ? -3.451  -3.764  -7.212  1.00 24.06 ? 150 TYR B CD2 1 
ATOM   1438 C CE1 . TYR B 2 149 ? -2.340  -4.229  -9.731  1.00 27.73 ? 150 TYR B CE1 1 
ATOM   1439 C CE2 . TYR B 2 149 ? -3.986  -4.752  -8.055  1.00 25.85 ? 150 TYR B CE2 1 
ATOM   1440 C CZ  . TYR B 2 149 ? -3.413  -4.969  -9.305  1.00 26.99 ? 150 TYR B CZ  1 
ATOM   1441 O OH  . TYR B 2 149 ? -3.923  -5.942  -10.155 1.00 30.54 ? 150 TYR B OH  1 
ATOM   1442 N N   . GLY B 2 150 ? -4.052  0.176   -8.312  1.00 27.29 ? 151 GLY B N   1 
ATOM   1443 C CA  . GLY B 2 150 ? -5.447  0.654   -8.366  1.00 29.31 ? 151 GLY B CA  1 
ATOM   1444 C C   . GLY B 2 150 ? -6.388  -0.503  -8.633  1.00 31.38 ? 151 GLY B C   1 
ATOM   1445 O O   . GLY B 2 150 ? -5.955  -1.633  -8.823  1.00 31.83 ? 151 GLY B O   1 
ATOM   1446 N N   A ASN B 2 151 ? -7.690  -0.247  -8.624  0.50 32.51 ? 152 ASN B N   1 
ATOM   1447 N N   B ASN B 2 151 ? -7.687  -0.216  -8.659  0.50 32.53 ? 152 ASN B N   1 
ATOM   1448 C CA  A ASN B 2 151 ? -8.613  -1.330  -8.925  0.50 33.51 ? 152 ASN B CA  1 
ATOM   1449 C CA  B ASN B 2 151 ? -8.649  -1.249  -9.006  0.50 33.58 ? 152 ASN B CA  1 
ATOM   1450 C C   A ASN B 2 151 ? -8.620  -1.577  -10.441 0.50 33.85 ? 152 ASN B C   1 
ATOM   1451 C C   B ASN B 2 151 ? -8.526  -1.565  -10.495 0.50 33.84 ? 152 ASN B C   1 
ATOM   1452 O O   A ASN B 2 151 ? -8.608  -0.635  -11.223 0.50 33.62 ? 152 ASN B O   1 
ATOM   1453 O O   B ASN B 2 151 ? -8.345  -0.666  -11.312 0.50 33.49 ? 152 ASN B O   1 
ATOM   1454 C CB  A ASN B 2 151 ? -10.005 -1.090  -8.303  0.50 33.96 ? 152 ASN B CB  1 
ATOM   1455 C CB  B ASN B 2 151 ? -10.089 -0.883  -8.584  0.50 34.23 ? 152 ASN B CB  1 
ATOM   1456 C CG  A ASN B 2 151 ? -10.079 -1.538  -6.833  0.50 35.01 ? 152 ASN B CG  1 
ATOM   1457 C CG  B ASN B 2 151 ? -10.634 0.340   -9.301  0.50 35.29 ? 152 ASN B CG  1 
ATOM   1458 O OD1 A ASN B 2 151 ? -9.804  -2.691  -6.513  0.50 35.87 ? 152 ASN B OD1 1 
ATOM   1459 O OD1 B ASN B 2 151 ? -9.887  1.234   -9.694  0.50 38.80 ? 152 ASN B OD1 1 
ATOM   1460 N ND2 A ASN B 2 151 ? -10.468 -0.627  -5.946  0.50 35.85 ? 152 ASN B ND2 1 
ATOM   1461 N ND2 B ASN B 2 151 ? -11.958 0.393   -9.454  0.50 37.31 ? 152 ASN B ND2 1 
ATOM   1462 N N   . GLY B 2 152 ? -8.559  -2.847  -10.836 1.00 34.52 ? 153 GLY B N   1 
ATOM   1463 C CA  . GLY B 2 152 ? -8.407  -3.229  -12.257 1.00 35.43 ? 153 GLY B CA  1 
ATOM   1464 C C   . GLY B 2 152 ? -9.589  -2.839  -13.127 1.00 36.68 ? 153 GLY B C   1 
ATOM   1465 O O   . GLY B 2 152 ? -10.710 -2.823  -12.633 1.00 38.28 ? 153 GLY B O   1 
ATOM   1466 N N   . VAL B 2 153 ? -9.342  -2.520  -14.403 1.00 36.96 ? 154 VAL B N   1 
ATOM   1467 C CA  . VAL B 2 153 ? -10.394 -2.333  -15.425 1.00 37.48 ? 154 VAL B CA  1 
ATOM   1468 C C   . VAL B 2 153 ? -10.252 -3.343  -16.593 1.00 37.26 ? 154 VAL B C   1 
ATOM   1469 O O   . VAL B 2 153 ? -9.136  -3.716  -16.975 1.00 35.36 ? 154 VAL B O   1 
ATOM   1470 C CB  . VAL B 2 153 ? -10.475 -0.876  -15.977 1.00 38.45 ? 154 VAL B CB  1 
ATOM   1471 C CG1 . VAL B 2 153 ? -10.695 0.130   -14.829 1.00 40.23 ? 154 VAL B CG1 1 
ATOM   1472 C CG2 . VAL B 2 153 ? -9.260  -0.509  -16.821 1.00 39.27 ? 154 VAL B CG2 1 
ATOM   1473 N N   . ILE B 2 154 ? -11.386 -3.781  -17.144 1.00 36.61 ? 155 ILE B N   1 
ATOM   1474 C CA  . ILE B 2 154 ? -11.413 -4.874  -18.120 1.00 37.39 ? 155 ILE B CA  1 
ATOM   1475 C C   . ILE B 2 154 ? -11.021 -4.415  -19.525 1.00 37.72 ? 155 ILE B C   1 
ATOM   1476 O O   . ILE B 2 154 ? -11.428 -3.335  -19.969 1.00 37.49 ? 155 ILE B O   1 
ATOM   1477 C CB  . ILE B 2 154 ? -12.805 -5.606  -18.121 1.00 36.88 ? 155 ILE B CB  1 
ATOM   1478 C CG1 . ILE B 2 154 ? -12.669 -7.024  -18.697 1.00 37.11 ? 155 ILE B CG1 1 
ATOM   1479 C CG2 . ILE B 2 154 ? -13.891 -4.744  -18.815 1.00 36.99 ? 155 ILE B CG2 1 
ATOM   1480 C CD1 . ILE B 2 154 ? -13.894 -7.925  -18.553 1.00 38.06 ? 155 ILE B CD1 1 
ATOM   1481 N N   . MET B 2 155 ? -10.220 -5.239  -20.205 1.00 38.81 ? 156 MET B N   1 
ATOM   1482 C CA  . MET B 2 155 ? -9.806  -4.985  -21.598 1.00 39.81 ? 156 MET B CA  1 
ATOM   1483 C C   . MET B 2 155 ? -10.672 -5.795  -22.587 1.00 40.27 ? 156 MET B C   1 
ATOM   1484 O O   . MET B 2 155 ? -11.376 -6.732  -22.187 1.00 39.53 ? 156 MET B O   1 
ATOM   1485 C CB  . MET B 2 155 ? -8.320  -5.329  -21.788 1.00 39.87 ? 156 MET B CB  1 
ATOM   1486 C CG  . MET B 2 155 ? -7.354  -4.488  -20.946 1.00 41.33 ? 156 MET B CG  1 
ATOM   1487 S SD  . MET B 2 155 ? -7.471  -2.695  -21.177 1.00 48.55 ? 156 MET B SD  1 
ATOM   1488 C CE  . MET B 2 155 ? -6.909  -2.473  -22.862 1.00 47.61 ? 156 MET B CE  1 
ATOM   1489 N N   . PRO B 2 156 ? -10.651 -5.417  -23.882 1.00 41.45 ? 157 PRO B N   1 
ATOM   1490 C CA  . PRO B 2 156 ? -11.379 -6.185  -24.909 1.00 41.79 ? 157 PRO B CA  1 
ATOM   1491 C C   . PRO B 2 156 ? -11.253 -7.714  -24.848 1.00 42.47 ? 157 PRO B C   1 
ATOM   1492 O O   . PRO B 2 156 ? -12.241 -8.404  -25.120 1.00 42.77 ? 157 PRO B O   1 
ATOM   1493 C CB  . PRO B 2 156 ? -10.809 -5.624  -26.212 1.00 42.34 ? 157 PRO B CB  1 
ATOM   1494 C CG  . PRO B 2 156 ? -10.572 -4.175  -25.873 1.00 41.99 ? 157 PRO B CG  1 
ATOM   1495 C CD  . PRO B 2 156 ? -9.995  -4.226  -24.469 1.00 41.18 ? 157 PRO B CD  1 
ATOM   1496 N N   . ASN B 2 157 ? -10.081 -8.242  -24.482 1.00 43.06 ? 158 ASN B N   1 
ATOM   1497 C CA  . ASN B 2 157 ? -9.889  -9.700  -24.417 1.00 43.63 ? 158 ASN B CA  1 
ATOM   1498 C C   . ASN B 2 157 ? -10.321 -10.334 -23.091 1.00 43.37 ? 158 ASN B C   1 
ATOM   1499 O O   . ASN B 2 157 ? -10.138 -11.544 -22.873 1.00 44.35 ? 158 ASN B O   1 
ATOM   1500 C CB  . ASN B 2 157 ? -8.445  -10.091 -24.766 1.00 44.10 ? 158 ASN B CB  1 
ATOM   1501 C CG  . ASN B 2 157 ? -7.433  -9.599  -23.742 1.00 44.87 ? 158 ASN B CG  1 
ATOM   1502 O OD1 . ASN B 2 157 ? -7.743  -8.775  -22.876 1.00 45.58 ? 158 ASN B OD1 1 
ATOM   1503 N ND2 . ASN B 2 157 ? -6.206  -10.105 -23.844 1.00 46.99 ? 158 ASN B ND2 1 
ATOM   1504 N N   . GLY B 2 158 ? -10.894 -9.514  -22.209 1.00 42.84 ? 159 GLY B N   1 
ATOM   1505 C CA  . GLY B 2 158 ? -11.337 -9.981  -20.889 1.00 40.74 ? 159 GLY B CA  1 
ATOM   1506 C C   . GLY B 2 158 ? -10.237 -10.043 -19.834 1.00 39.63 ? 159 GLY B C   1 
ATOM   1507 O O   . GLY B 2 158 ? -10.478 -10.542 -18.736 1.00 39.63 ? 159 GLY B O   1 
ATOM   1508 N N   . SER B 2 159 ? -9.034  -9.564  -20.158 1.00 37.66 ? 160 SER B N   1 
ATOM   1509 C CA  . SER B 2 159 ? -7.972  -9.431  -19.156 1.00 36.80 ? 160 SER B CA  1 
ATOM   1510 C C   . SER B 2 159 ? -8.097  -8.075  -18.469 1.00 35.86 ? 160 SER B C   1 
ATOM   1511 O O   . SER B 2 159 ? -8.798  -7.191  -18.945 1.00 35.53 ? 160 SER B O   1 
ATOM   1512 C CB  . SER B 2 159 ? -6.582  -9.586  -19.791 1.00 36.41 ? 160 SER B CB  1 
ATOM   1513 O OG  . SER B 2 159 ? -6.281  -8.464  -20.600 1.00 36.86 ? 160 SER B OG  1 
ATOM   1514 N N   . TYR B 2 160 ? -7.412  -7.908  -17.346 1.00 34.78 ? 161 TYR B N   1 
ATOM   1515 C CA  . TYR B 2 160 ? -7.542  -6.701  -16.552 1.00 33.86 ? 161 TYR B CA  1 
ATOM   1516 C C   . TYR B 2 160 ? -6.198  -5.963  -16.552 1.00 33.88 ? 161 TYR B C   1 
ATOM   1517 O O   . TYR B 2 160 ? -5.156  -6.607  -16.578 1.00 34.40 ? 161 TYR B O   1 
ATOM   1518 C CB  . TYR B 2 160 ? -7.948  -7.078  -15.117 1.00 33.55 ? 161 TYR B CB  1 
ATOM   1519 C CG  . TYR B 2 160 ? -9.439  -7.194  -14.949 1.00 32.75 ? 161 TYR B CG  1 
ATOM   1520 C CD1 . TYR B 2 160 ? -10.160 -6.170  -14.342 1.00 35.30 ? 161 TYR B CD1 1 
ATOM   1521 C CD2 . TYR B 2 160 ? -10.136 -8.286  -15.445 1.00 32.42 ? 161 TYR B CD2 1 
ATOM   1522 C CE1 . TYR B 2 160 ? -11.549 -6.243  -14.195 1.00 32.79 ? 161 TYR B CE1 1 
ATOM   1523 C CE2 . TYR B 2 160 ? -11.528 -8.368  -15.321 1.00 32.57 ? 161 TYR B CE2 1 
ATOM   1524 C CZ  . TYR B 2 160 ? -12.222 -7.351  -14.679 1.00 32.03 ? 161 TYR B CZ  1 
ATOM   1525 O OH  . TYR B 2 160 ? -13.591 -7.411  -14.533 1.00 31.96 ? 161 TYR B OH  1 
ATOM   1526 N N   . ILE B 2 161 ? -6.237  -4.629  -16.542 1.00 33.59 ? 162 ILE B N   1 
ATOM   1527 C CA  . ILE B 2 161 ? -5.067  -3.800  -16.201 1.00 33.55 ? 162 ILE B CA  1 
ATOM   1528 C C   . ILE B 2 161 ? -5.444  -2.937  -14.991 1.00 32.55 ? 162 ILE B C   1 
ATOM   1529 O O   . ILE B 2 161 ? -6.618  -2.731  -14.754 1.00 32.68 ? 162 ILE B O   1 
ATOM   1530 C CB  . ILE B 2 161 ? -4.628  -2.904  -17.379 1.00 33.70 ? 162 ILE B CB  1 
ATOM   1531 C CG1 . ILE B 2 161 ? -5.746  -1.915  -17.736 1.00 34.14 ? 162 ILE B CG1 1 
ATOM   1532 C CG2 . ILE B 2 161 ? -4.190  -3.779  -18.563 1.00 34.18 ? 162 ILE B CG2 1 
ATOM   1533 C CD1 . ILE B 2 161 ? -5.369  -0.772  -18.653 1.00 35.55 ? 162 ILE B CD1 1 
ATOM   1534 N N   . SER B 2 162 ? -4.463  -2.423  -14.246 1.00 30.93 ? 163 SER B N   1 
ATOM   1535 C CA  . SER B 2 162 ? -4.722  -1.590  -13.073 1.00 30.25 ? 163 SER B CA  1 
ATOM   1536 C C   . SER B 2 162 ? -3.942  -0.305  -13.168 1.00 30.09 ? 163 SER B C   1 
ATOM   1537 O O   . SER B 2 162 ? -2.735  -0.327  -13.518 1.00 29.24 ? 163 SER B O   1 
ATOM   1538 C CB  . SER B 2 162 ? -4.294  -2.296  -11.759 1.00 30.46 ? 163 SER B CB  1 
ATOM   1539 O OG  . SER B 2 162 ? -5.161  -3.359  -11.425 1.00 33.66 ? 163 SER B OG  1 
ATOM   1540 N N   . ALA B 2 163 ? -4.586  0.808   -12.827 1.00 29.87 ? 164 ALA B N   1 
ATOM   1541 C CA  . ALA B 2 163 ? -3.871  2.093   -12.776 1.00 30.99 ? 164 ALA B CA  1 
ATOM   1542 C C   . ALA B 2 163 ? -2.793  2.147   -11.689 1.00 31.87 ? 164 ALA B C   1 
ATOM   1543 O O   . ALA B 2 163 ? -2.971  1.564   -10.624 1.00 32.18 ? 164 ALA B O   1 
ATOM   1544 C CB  . ALA B 2 163 ? -4.822  3.216   -12.572 1.00 31.71 ? 164 ALA B CB  1 
ATOM   1545 N N   . ILE B 2 164 ? -1.692  2.848   -11.973 1.00 31.44 ? 165 ILE B N   1 
ATOM   1546 C CA  . ILE B 2 164 ? -0.768  3.285   -10.927 1.00 32.13 ? 165 ILE B CA  1 
ATOM   1547 C C   . ILE B 2 164 ? -1.397  4.552   -10.372 1.00 31.62 ? 165 ILE B C   1 
ATOM   1548 O O   . ILE B 2 164 ? -1.414  5.597   -11.049 1.00 33.06 ? 165 ILE B O   1 
ATOM   1549 C CB  . ILE B 2 164 ? 0.656   3.543   -11.436 1.00 32.45 ? 165 ILE B CB  1 
ATOM   1550 C CG1 . ILE B 2 164 ? 1.253   2.262   -12.037 1.00 32.64 ? 165 ILE B CG1 1 
ATOM   1551 C CG2 . ILE B 2 164 ? 1.536   4.124   -10.297 1.00 33.49 ? 165 ILE B CG2 1 
ATOM   1552 C CD1 . ILE B 2 164 ? 2.419   2.469   -12.956 1.00 34.72 ? 165 ILE B CD1 1 
ATOM   1553 N N   . VAL B 2 165 ? -1.982  4.449   -9.180  1.00 29.83 ? 166 VAL B N   1 
ATOM   1554 C CA  . VAL B 2 165 ? -2.676  5.583   -8.555  1.00 30.10 ? 166 VAL B CA  1 
ATOM   1555 C C   . VAL B 2 165 ? -1.652  6.490   -7.863  1.00 29.43 ? 166 VAL B C   1 
ATOM   1556 O O   . VAL B 2 165 ? -0.902  6.047   -6.984  1.00 28.07 ? 166 VAL B O   1 
ATOM   1557 C CB  . VAL B 2 165 ? -3.771  5.097   -7.581  1.00 29.34 ? 166 VAL B CB  1 
ATOM   1558 C CG1 . VAL B 2 165 ? -4.469  6.243   -6.893  1.00 29.89 ? 166 VAL B CG1 1 
ATOM   1559 C CG2 . VAL B 2 165 ? -4.782  4.250   -8.311  1.00 31.57 ? 166 VAL B CG2 1 
ATOM   1560 N N   . GLN B 2 166 ? -1.586  7.751   -8.273  1.00 29.36 ? 167 GLN B N   1 
ATOM   1561 C CA  . GLN B 2 166 ? -0.638  8.681   -7.656  1.00 30.69 ? 167 GLN B CA  1 
ATOM   1562 C C   . GLN B 2 166 ? -1.045  10.121  -7.924  1.00 32.25 ? 167 GLN B C   1 
ATOM   1563 O O   . GLN B 2 166 ? -1.707  10.401  -8.931  1.00 32.67 ? 167 GLN B O   1 
ATOM   1564 C CB  . GLN B 2 166 ? 0.799   8.391   -8.162  1.00 30.55 ? 167 GLN B CB  1 
ATOM   1565 C CG  . GLN B 2 166 ? 1.918   9.344   -7.663  1.00 31.79 ? 167 GLN B CG  1 
ATOM   1566 C CD  . GLN B 2 166 ? 2.208   9.249   -6.178  1.00 32.47 ? 167 GLN B CD  1 
ATOM   1567 O OE1 . GLN B 2 166 ? 1.321   9.411   -5.341  1.00 33.25 ? 167 GLN B OE1 1 
ATOM   1568 N NE2 . GLN B 2 166 ? 3.462   8.984   -5.839  1.00 31.28 ? 167 GLN B NE2 1 
ATOM   1569 N N   . GLY B 2 167 ? -0.671  11.016  -7.007  1.00 33.13 ? 168 GLY B N   1 
ATOM   1570 C CA  . GLY B 2 167 ? -0.849  12.445  -7.205  1.00 35.72 ? 168 GLY B CA  1 
ATOM   1571 C C   . GLY B 2 167 ? 0.234   13.271  -6.540  1.00 37.11 ? 168 GLY B C   1 
ATOM   1572 O O   . GLY B 2 167 ? 1.240   12.743  -6.032  1.00 37.56 ? 168 GLY B O   1 
ATOM   1573 N N   . GLU B 2 168 ? 0.032   14.580  -6.522  1.00 38.24 ? 169 GLU B N   1 
ATOM   1574 C CA  . GLU B 2 168 ? 1.060   15.471  -6.019  1.00 39.06 ? 169 GLU B CA  1 
ATOM   1575 C C   . GLU B 2 168 ? 1.125   15.470  -4.495  1.00 38.63 ? 169 GLU B C   1 
ATOM   1576 O O   . GLU B 2 168 ? 0.103   15.314  -3.837  1.00 37.89 ? 169 GLU B O   1 
ATOM   1577 C CB  . GLU B 2 168 ? 0.825   16.894  -6.555  1.00 39.78 ? 169 GLU B CB  1 
ATOM   1578 C CG  . GLU B 2 168 ? 0.872   16.993  -8.076  1.00 43.65 ? 169 GLU B CG  1 
ATOM   1579 C CD  . GLU B 2 168 ? 2.294   17.028  -8.626  1.00 50.18 ? 169 GLU B CD  1 
ATOM   1580 O OE1 . GLU B 2 168 ? 3.140   17.754  -8.051  1.00 53.00 ? 169 GLU B OE1 1 
ATOM   1581 O OE2 . GLU B 2 168 ? 2.567   16.335  -9.641  1.00 54.79 ? 169 GLU B OE2 1 
ATOM   1582 N N   . ARG B 2 169 ? 2.340   15.631  -3.956  1.00 38.99 ? 170 ARG B N   1 
ATOM   1583 C CA  . ARG B 2 169 ? 2.568   15.865  -2.514  1.00 39.61 ? 170 ARG B CA  1 
ATOM   1584 C C   . ARG B 2 169 ? 1.810   17.101  -2.049  1.00 40.58 ? 170 ARG B C   1 
ATOM   1585 O O   . ARG B 2 169 ? 1.835   18.144  -2.710  1.00 41.01 ? 170 ARG B O   1 
ATOM   1586 C CB  . ARG B 2 169 ? 4.067   16.041  -2.234  1.00 38.97 ? 170 ARG B CB  1 
ATOM   1587 C CG  . ARG B 2 169 ? 4.439   16.463  -0.821  1.00 39.35 ? 170 ARG B CG  1 
ATOM   1588 C CD  . ARG B 2 169 ? 5.947   16.448  -0.646  1.00 38.98 ? 170 ARG B CD  1 
ATOM   1589 N NE  . ARG B 2 169 ? 6.379   16.685  0.739   1.00 38.19 ? 170 ARG B NE  1 
ATOM   1590 C CZ  . ARG B 2 169 ? 6.671   15.729  1.621   1.00 36.40 ? 170 ARG B CZ  1 
ATOM   1591 N NH1 . ARG B 2 169 ? 7.067   16.051  2.837   1.00 33.66 ? 170 ARG B NH1 1 
ATOM   1592 N NH2 . ARG B 2 169 ? 6.562   14.444  1.286   1.00 34.71 ? 170 ARG B NH2 1 
ATOM   1593 N N   . MET B 2 170 ? 1.135   16.993  -0.915  1.00 40.90 ? 171 MET B N   1 
ATOM   1594 C CA  . MET B 2 170 ? 0.401   18.127  -0.396  1.00 42.21 ? 171 MET B CA  1 
ATOM   1595 C C   . MET B 2 170 ? 1.027   18.678  0.872   1.00 41.99 ? 171 MET B C   1 
ATOM   1596 O O   . MET B 2 170 ? 1.742   17.955  1.584   1.00 41.65 ? 171 MET B O   1 
ATOM   1597 C CB  . MET B 2 170 ? -1.069  17.762  -0.233  1.00 41.85 ? 171 MET B CB  1 
ATOM   1598 C CG  . MET B 2 170 ? -1.715  17.488  -1.602  1.00 42.67 ? 171 MET B CG  1 
ATOM   1599 S SD  . MET B 2 170 ? -3.439  17.030  -1.431  1.00 45.68 ? 171 MET B SD  1 
ATOM   1600 C CE  . MET B 2 170 ? -4.144  18.600  -0.885  1.00 44.94 ? 171 MET B CE  1 
ATOM   1601 N N   . ASP B 2 171 ? 0.774   19.964  1.138   1.00 42.49 ? 172 ASP B N   1 
ATOM   1602 C CA  . ASP B 2 171 ? 1.457   20.671  2.204   1.00 42.90 ? 172 ASP B CA  1 
ATOM   1603 C C   . ASP B 2 171 ? 0.797   20.520  3.551   1.00 42.99 ? 172 ASP B C   1 
ATOM   1604 O O   . ASP B 2 171 ? -0.426  20.353  3.667   1.00 42.89 ? 172 ASP B O   1 
ATOM   1605 C CB  . ASP B 2 171 ? 1.665   22.155  1.874   1.00 43.60 ? 172 ASP B CB  1 
ATOM   1606 C CG  . ASP B 2 171 ? 2.610   22.368  0.713   1.00 44.76 ? 172 ASP B CG  1 
ATOM   1607 O OD1 . ASP B 2 171 ? 3.624   21.645  0.608   1.00 49.47 ? 172 ASP B OD1 1 
ATOM   1608 O OD2 . ASP B 2 171 ? 2.347   23.271  -0.098  1.00 48.69 ? 172 ASP B OD2 1 
ATOM   1609 N N   . GLU B 2 172 ? 1.646   20.572  4.565   1.00 42.30 ? 173 GLU B N   1 
ATOM   1610 C CA  . GLU B 2 172 ? 1.244   20.414  5.943   1.00 43.53 ? 173 GLU B CA  1 
ATOM   1611 C C   . GLU B 2 172 ? 1.658   21.676  6.665   1.00 43.57 ? 173 GLU B C   1 
ATOM   1612 O O   . GLU B 2 172 ? 2.772   22.136  6.475   1.00 41.45 ? 173 GLU B O   1 
ATOM   1613 C CB  . GLU B 2 172 ? 1.958   19.200  6.545   1.00 43.44 ? 173 GLU B CB  1 
ATOM   1614 C CG  . GLU B 2 172 ? 1.907   19.137  8.039   1.00 43.89 ? 173 GLU B CG  1 
ATOM   1615 C CD  . GLU B 2 172 ? 1.863   17.721  8.599   1.00 44.91 ? 173 GLU B CD  1 
ATOM   1616 O OE1 . GLU B 2 172 ? 2.294   16.743  7.923   1.00 43.13 ? 173 GLU B OE1 1 
ATOM   1617 O OE2 . GLU B 2 172 ? 1.396   17.609  9.748   1.00 45.04 ? 173 GLU B OE2 1 
ATOM   1618 N N   . PRO B 2 173 ? 0.746   22.262  7.470   1.00 44.60 ? 174 PRO B N   1 
ATOM   1619 C CA  . PRO B 2 173 ? 1.205   23.352  8.333   1.00 45.44 ? 174 PRO B CA  1 
ATOM   1620 C C   . PRO B 2 173 ? 2.176   22.858  9.409   1.00 46.23 ? 174 PRO B C   1 
ATOM   1621 O O   . PRO B 2 173 ? 2.088   21.710  9.859   1.00 46.10 ? 174 PRO B O   1 
ATOM   1622 C CB  . PRO B 2 173 ? -0.098  23.928  8.927   1.00 45.82 ? 174 PRO B CB  1 
ATOM   1623 C CG  . PRO B 2 173 ? -1.128  22.857  8.750   1.00 45.22 ? 174 PRO B CG  1 
ATOM   1624 C CD  . PRO B 2 173 ? -0.707  22.021  7.578   1.00 45.03 ? 174 PRO B CD  1 
ATOM   1625 N N   . ILE B 2 174 ? 3.107   23.720  9.797   1.00 46.99 ? 175 ILE B N   1 
ATOM   1626 C CA  . ILE B 2 174 ? 4.119   23.361  10.782  1.00 48.02 ? 175 ILE B CA  1 
ATOM   1627 C C   . ILE B 2 174 ? 3.472   22.866  12.094  1.00 48.57 ? 175 ILE B C   1 
ATOM   1628 O O   . ILE B 2 174 ? 2.648   23.572  12.683  1.00 49.00 ? 175 ILE B O   1 
ATOM   1629 C CB  . ILE B 2 174 ? 5.099   24.531  11.005  1.00 48.04 ? 175 ILE B CB  1 
ATOM   1630 C CG1 . ILE B 2 174 ? 6.012   24.681  9.777   1.00 48.93 ? 175 ILE B CG1 1 
ATOM   1631 C CG2 . ILE B 2 174 ? 5.909   24.316  12.283  1.00 48.56 ? 175 ILE B CG2 1 
ATOM   1632 C CD1 . ILE B 2 174 ? 6.602   26.074  9.579   1.00 49.85 ? 175 ILE B CD1 1 
ATOM   1633 N N   . PRO B 2 175 ? 3.815   21.632  12.536  1.00 48.97 ? 176 PRO B N   1 
ATOM   1634 C CA  . PRO B 2 175 ? 3.205   21.067  13.756  1.00 49.19 ? 176 PRO B CA  1 
ATOM   1635 C C   . PRO B 2 175 ? 3.626   21.776  15.047  1.00 49.52 ? 176 PRO B C   1 
ATOM   1636 O O   . PRO B 2 175 ? 4.789   22.185  15.183  1.00 49.90 ? 176 PRO B O   1 
ATOM   1637 C CB  . PRO B 2 175 ? 3.729   19.621  13.790  1.00 48.66 ? 176 PRO B CB  1 
ATOM   1638 C CG  . PRO B 2 175 ? 4.317   19.364  12.439  1.00 49.31 ? 176 PRO B CG  1 
ATOM   1639 C CD  . PRO B 2 175 ? 4.770   20.693  11.919  1.00 48.91 ? 176 PRO B CD  1 
ATOM   1640 N N   . ALA B 2 176 ? 2.681   21.909  15.980  1.00 49.51 ? 177 ALA B N   1 
ATOM   1641 C CA  . ALA B 2 176 ? 2.972   22.346  17.356  1.00 49.73 ? 177 ALA B CA  1 
ATOM   1642 C C   . ALA B 2 176 ? 2.060   21.632  18.366  1.00 49.87 ? 177 ALA B C   1 
ATOM   1643 O O   . ALA B 2 176 ? 0.890   21.361  18.084  1.00 49.97 ? 177 ALA B O   1 
ATOM   1644 C CB  . ALA B 2 176 ? 2.846   23.858  17.486  1.00 49.51 ? 177 ALA B CB  1 
ATOM   1645 N N   . GLY B 2 177 ? 2.608   21.312  19.535  1.00 50.50 ? 178 GLY B N   1 
ATOM   1646 C CA  . GLY B 2 177 ? 1.858   20.578  20.550  1.00 50.93 ? 178 GLY B CA  1 
ATOM   1647 C C   . GLY B 2 177 ? 1.305   21.454  21.653  1.00 51.26 ? 178 GLY B C   1 
ATOM   1648 O O   . GLY B 2 177 ? 1.306   21.053  22.815  1.00 51.75 ? 178 GLY B O   1 
HETATM 1649 O O   . HOH C 3 .   ? 10.287  0.362   5.429   1.00 21.14 ? 104 HOH A O   1 
HETATM 1650 O O   . HOH C 3 .   ? 15.046  -0.051  -2.166  1.00 29.21 ? 105 HOH A O   1 
HETATM 1651 O O   . HOH C 3 .   ? 16.415  -9.073  -2.976  1.00 35.08 ? 106 HOH A O   1 
HETATM 1652 O O   . HOH C 3 .   ? 19.584  -2.787  -11.175 1.00 46.90 ? 107 HOH A O   1 
HETATM 1653 O O   . HOH C 3 .   ? -3.209  -2.714  14.722  1.00 44.12 ? 108 HOH A O   1 
HETATM 1654 O O   . HOH C 3 .   ? 17.272  -6.468  -2.684  1.00 40.83 ? 109 HOH A O   1 
HETATM 1655 O O   . HOH C 3 .   ? 13.283  -8.516  1.790   1.00 41.62 ? 110 HOH A O   1 
HETATM 1656 O O   . HOH C 3 .   ? -3.374  -11.262 6.857   1.00 46.49 ? 111 HOH A O   1 
HETATM 1657 O O   . HOH C 3 .   ? 13.929  -4.234  3.624   1.00 49.87 ? 112 HOH A O   1 
HETATM 1658 O O   . HOH C 3 .   ? 1.301   -3.423  12.838  1.00 36.32 ? 113 HOH A O   1 
HETATM 1659 O O   . HOH C 3 .   ? 11.081  -15.313 2.166   1.00 43.96 ? 114 HOH A O   1 
HETATM 1660 O O   . HOH C 3 .   ? 5.679   -18.004 5.686   1.00 53.62 ? 115 HOH A O   1 
HETATM 1661 O O   . HOH C 3 .   ? -16.087 0.914   15.766  1.00 46.08 ? 116 HOH A O   1 
HETATM 1662 O O   . HOH C 3 .   ? 9.761   -16.736 4.781   1.00 58.37 ? 117 HOH A O   1 
HETATM 1663 O O   . HOH C 3 .   ? 5.800   -15.181 11.148  1.00 55.39 ? 118 HOH A O   1 
HETATM 1664 O O   . HOH C 3 .   ? 14.811  1.413   0.065   1.00 53.07 ? 119 HOH A O   1 
HETATM 1665 O O   . HOH C 3 .   ? 11.551  -10.705 22.679  1.00 61.06 ? 120 HOH A O   1 
HETATM 1666 O O   . HOH C 3 .   ? 14.347  -7.863  7.720   1.00 63.35 ? 121 HOH A O   1 
HETATM 1667 O O   . HOH C 3 .   ? 18.706  -3.449  -13.883 1.00 49.99 ? 122 HOH A O   1 
HETATM 1668 O O   . HOH D 3 .   ? -11.361 -9.313  -7.335  1.00 26.05 ? 187 HOH B O   1 
HETATM 1669 O O   . HOH D 3 .   ? 9.488   5.166   10.724  1.00 21.82 ? 188 HOH B O   1 
HETATM 1670 O O   . HOH D 3 .   ? -4.806  -11.189 4.626   1.00 29.98 ? 189 HOH B O   1 
HETATM 1671 O O   . HOH D 3 .   ? 6.038   6.691   8.595   1.00 27.52 ? 190 HOH B O   1 
HETATM 1672 O O   . HOH D 3 .   ? 6.886   8.851   -3.126  1.00 37.28 ? 191 HOH B O   1 
HETATM 1673 O O   . HOH D 3 .   ? -6.976  -3.908  -7.469  1.00 53.75 ? 192 HOH B O   1 
HETATM 1674 O O   . HOH D 3 .   ? -3.266  15.858  1.260   1.00 37.23 ? 193 HOH B O   1 
HETATM 1675 O O   . HOH D 3 .   ? -0.847  21.405  -0.342  1.00 51.51 ? 194 HOH B O   1 
HETATM 1676 O O   . HOH D 3 .   ? 7.727   20.975  12.456  1.00 33.30 ? 195 HOH B O   1 
HETATM 1677 O O   . HOH D 3 .   ? 7.051   20.869  14.742  1.00 43.50 ? 196 HOH B O   1 
HETATM 1678 O O   . HOH D 3 .   ? 1.199   3.173   19.257  1.00 46.63 ? 197 HOH B O   1 
HETATM 1679 O O   . HOH D 3 .   ? 2.546   8.147   15.369  1.00 32.47 ? 198 HOH B O   1 
HETATM 1680 O O   . HOH D 3 .   ? 1.402   -11.203 -1.815  1.00 32.42 ? 199 HOH B O   1 
HETATM 1681 O O   . HOH D 3 .   ? -5.237  -5.751  -13.146 1.00 51.99 ? 200 HOH B O   1 
HETATM 1682 O O   . HOH D 3 .   ? 12.394  1.941   -11.444 1.00 45.84 ? 201 HOH B O   1 
HETATM 1683 O O   . HOH D 3 .   ? -0.502  15.976  10.578  1.00 41.94 ? 202 HOH B O   1 
HETATM 1684 O O   . HOH D 3 .   ? 5.301   14.125  7.898   1.00 42.93 ? 203 HOH B O   1 
HETATM 1685 O O   . HOH D 3 .   ? -12.569 6.198   -5.372  1.00 35.53 ? 204 HOH B O   1 
HETATM 1686 O O   . HOH D 3 .   ? -8.770  -11.346 -9.781  1.00 55.41 ? 205 HOH B O   1 
HETATM 1687 O O   . HOH D 3 .   ? 3.716   17.654  3.257   1.00 34.69 ? 206 HOH B O   1 
HETATM 1688 O O   . HOH D 3 .   ? 10.401  5.391   -12.475 1.00 34.15 ? 207 HOH B O   1 
HETATM 1689 O O   . HOH D 3 .   ? -8.303  2.892   -8.278  1.00 39.26 ? 208 HOH B O   1 
HETATM 1690 O O   . HOH D 3 .   ? 18.005  -0.958  -7.312  1.00 35.18 ? 209 HOH B O   1 
HETATM 1691 O O   . HOH D 3 .   ? 1.104   5.813   18.983  1.00 39.35 ? 210 HOH B O   1 
HETATM 1692 O O   . HOH D 3 .   ? 2.094   -17.374 0.369   1.00 36.44 ? 211 HOH B O   1 
HETATM 1693 O O   . HOH D 3 .   ? -3.338  8.184   -10.806 1.00 40.12 ? 212 HOH B O   1 
HETATM 1694 O O   . HOH D 3 .   ? 0.315   9.132   19.979  1.00 33.48 ? 213 HOH B O   1 
HETATM 1695 O O   . HOH D 3 .   ? 5.104   -8.355  -15.885 1.00 51.87 ? 214 HOH B O   1 
HETATM 1696 O O   . HOH D 3 .   ? 8.573   7.159   -1.290  1.00 44.59 ? 215 HOH B O   1 
HETATM 1697 O O   . HOH D 3 .   ? 1.786   14.643  9.252   1.00 46.03 ? 216 HOH B O   1 
HETATM 1698 O O   . HOH D 3 .   ? 0.469   20.047  10.983  1.00 46.39 ? 217 HOH B O   1 
HETATM 1699 O O   . HOH D 3 .   ? 2.597   -4.183  -16.360 1.00 33.38 ? 218 HOH B O   1 
HETATM 1700 O O   . HOH D 3 .   ? 3.722   7.264   -10.940 1.00 36.17 ? 219 HOH B O   1 
HETATM 1701 O O   . HOH D 3 .   ? 16.910  0.218   -4.009  1.00 34.79 ? 220 HOH B O   1 
HETATM 1702 O O   . HOH D 3 .   ? 10.743  6.831   -10.327 1.00 40.83 ? 221 HOH B O   1 
HETATM 1703 O O   . HOH D 3 .   ? -10.197 15.759  -6.324  1.00 51.88 ? 222 HOH B O   1 
HETATM 1704 O O   . HOH D 3 .   ? 3.350   12.829  9.815   1.00 41.26 ? 223 HOH B O   1 
HETATM 1705 O O   . HOH D 3 .   ? 3.692   11.893  -22.116 1.00 55.41 ? 224 HOH B O   1 
HETATM 1706 O O   . HOH D 3 .   ? -6.347  -12.015 -9.504  1.00 48.56 ? 225 HOH B O   1 
HETATM 1707 O O   . HOH D 3 .   ? 3.638   -0.676  12.802  1.00 44.18 ? 226 HOH B O   1 
HETATM 1708 O O   . HOH D 3 .   ? 13.972  -0.967  -16.052 1.00 51.48 ? 227 HOH B O   1 
HETATM 1709 O O   . HOH D 3 .   ? 5.015   21.777  20.202  1.00 35.34 ? 228 HOH B O   1 
HETATM 1710 O O   . HOH D 3 .   ? -7.586  -6.824  -25.330 1.00 49.96 ? 229 HOH B O   1 
HETATM 1711 O O   . HOH D 3 .   ? 6.350   -7.090  -17.991 1.00 51.32 ? 230 HOH B O   1 
HETATM 1712 O O   . HOH D 3 .   ? -12.875 -1.274  -19.189 1.00 42.66 ? 231 HOH B O   1 
HETATM 1713 O O   . HOH D 3 .   ? -6.324  -10.522 -16.253 1.00 42.64 ? 232 HOH B O   1 
HETATM 1714 O O   . HOH D 3 .   ? -10.228 6.130   -22.441 1.00 68.30 ? 233 HOH B O   1 
HETATM 1715 O O   . HOH D 3 .   ? -0.098  -0.845  13.360  1.00 39.00 ? 234 HOH B O   1 
HETATM 1716 O O   . HOH D 3 .   ? 14.359  5.061   -0.965  1.00 58.00 ? 235 HOH B O   1 
HETATM 1717 O O   . HOH D 3 .   ? -10.949 -4.919  -10.243 1.00 49.30 ? 236 HOH B O   1 
HETATM 1718 O O   . HOH D 3 .   ? -13.880 8.237   10.153  1.00 34.58 ? 237 HOH B O   1 
HETATM 1719 O O   . HOH D 3 .   ? 9.738   11.152  -9.511  1.00 49.69 ? 238 HOH B O   1 
HETATM 1720 O O   . HOH D 3 .   ? -2.929  20.238  5.827   1.00 44.98 ? 239 HOH B O   1 
HETATM 1721 O O   . HOH D 3 .   ? -18.225 -6.780  5.786   1.00 65.23 ? 240 HOH B O   1 
HETATM 1722 O O   . HOH D 3 .   ? -17.187 6.398   -0.872  1.00 45.64 ? 241 HOH B O   1 
HETATM 1723 O O   . HOH D 3 .   ? -18.301 -9.290  13.991  1.00 60.43 ? 242 HOH B O   1 
HETATM 1724 O O   . HOH D 3 .   ? -3.763  -9.792  -16.857 1.00 41.76 ? 243 HOH B O   1 
HETATM 1725 O O   . HOH D 3 .   ? 10.361  1.207   9.594   1.00 52.17 ? 244 HOH B O   1 
HETATM 1726 O O   . HOH D 3 .   ? -2.341  19.545  10.193  1.00 52.49 ? 245 HOH B O   1 
HETATM 1727 O O   . HOH D 3 .   ? 0.810   -9.808  -15.946 1.00 54.38 ? 246 HOH B O   1 
HETATM 1728 O O   . HOH D 3 .   ? 9.928   10.186  -12.246 1.00 52.88 ? 247 HOH B O   1 
HETATM 1729 O O   . HOH D 3 .   ? -6.642  14.052  20.269  1.00 59.49 ? 248 HOH B O   1 
HETATM 1730 O O   . HOH D 3 .   ? 3.301   -14.738 -2.309  1.00 39.30 ? 249 HOH B O   1 
HETATM 1731 O O   . HOH D 3 .   ? 12.307  2.660   7.568   1.00 51.75 ? 250 HOH B O   1 
HETATM 1732 O O   . HOH D 3 .   ? -8.266  14.064  10.605  1.00 53.42 ? 251 HOH B O   1 
HETATM 1733 O O   . HOH D 3 .   ? 1.715   -1.504  16.371  1.00 54.91 ? 252 HOH B O   1 
HETATM 1734 O O   . HOH D 3 .   ? 6.048   19.950  0.578   1.00 57.34 ? 253 HOH B O   1 
HETATM 1735 O O   . HOH D 3 .   ? -2.394  15.020  -3.801  1.00 52.26 ? 254 HOH B O   1 
HETATM 1736 O O   . HOH D 3 .   ? -2.717  15.183  -8.107  1.00 51.34 ? 255 HOH B O   1 
HETATM 1737 O O   . HOH D 3 .   ? -12.355 -3.159  -22.437 1.00 53.40 ? 256 HOH B O   1 
HETATM 1738 O O   . HOH D 3 .   ? -9.874  -10.390 2.163   1.00 48.88 ? 257 HOH B O   1 
# 
